data_7O38
# 
_entry.id   7O38 
# 
_audit_conform.dict_name       mmcif_pdbx.dic 
_audit_conform.dict_version    5.399 
_audit_conform.dict_location   http://mmcif.pdb.org/dictionaries/ascii/mmcif_pdbx.dic 
# 
loop_
_database_2.database_id 
_database_2.database_code 
_database_2.pdbx_database_accession 
_database_2.pdbx_DOI 
PDB   7O38         pdb_00007o38 10.2210/pdb7o38/pdb 
WWPDB D_1292115048 ?            ?                   
# 
loop_
_pdbx_audit_revision_history.ordinal 
_pdbx_audit_revision_history.data_content_type 
_pdbx_audit_revision_history.major_revision 
_pdbx_audit_revision_history.minor_revision 
_pdbx_audit_revision_history.revision_date 
1 'Structure model' 1 0 2021-10-13 
2 'Structure model' 1 1 2024-01-31 
3 'Structure model' 1 2 2024-11-20 
# 
_pdbx_audit_revision_details.ordinal             1 
_pdbx_audit_revision_details.revision_ordinal    1 
_pdbx_audit_revision_details.data_content_type   'Structure model' 
_pdbx_audit_revision_details.provider            repository 
_pdbx_audit_revision_details.type                'Initial release' 
_pdbx_audit_revision_details.description         ? 
_pdbx_audit_revision_details.details             ? 
# 
loop_
_pdbx_audit_revision_group.ordinal 
_pdbx_audit_revision_group.revision_ordinal 
_pdbx_audit_revision_group.data_content_type 
_pdbx_audit_revision_group.group 
1 2 'Structure model' 'Data collection'        
2 2 'Structure model' 'Refinement description' 
3 3 'Structure model' 'Structure summary'      
# 
loop_
_pdbx_audit_revision_category.ordinal 
_pdbx_audit_revision_category.revision_ordinal 
_pdbx_audit_revision_category.data_content_type 
_pdbx_audit_revision_category.category 
1 2 'Structure model' chem_comp_atom                
2 2 'Structure model' chem_comp_bond                
3 2 'Structure model' pdbx_initial_refinement_model 
4 3 'Structure model' pdbx_entry_details            
5 3 'Structure model' pdbx_modification_feature     
# 
_pdbx_audit_revision_item.ordinal             1 
_pdbx_audit_revision_item.revision_ordinal    3 
_pdbx_audit_revision_item.data_content_type   'Structure model' 
_pdbx_audit_revision_item.item                '_pdbx_entry_details.has_protein_modification' 
# 
_pdbx_database_status.status_code                     REL 
_pdbx_database_status.status_code_sf                  REL 
_pdbx_database_status.status_code_mr                  ? 
_pdbx_database_status.entry_id                        7O38 
_pdbx_database_status.recvd_initial_deposition_date   2021-04-01 
_pdbx_database_status.SG_entry                        N 
_pdbx_database_status.deposit_site                    PDBE 
_pdbx_database_status.process_site                    PDBE 
_pdbx_database_status.status_code_cs                  ? 
_pdbx_database_status.status_code_nmr_data            ? 
_pdbx_database_status.methods_development_category    ? 
_pdbx_database_status.pdb_format_compatible           Y 
# 
loop_
_audit_author.name 
_audit_author.pdbx_ordinal 
_audit_author.identifier_ORCID 
'Bock, J.'    1 ? 
'Akram, M.'   2 ? 
'Barends, T.' 3 ? 
# 
_citation.abstract                  ? 
_citation.abstract_id_CAS           ? 
_citation.book_id_ISBN              ? 
_citation.book_publisher            ? 
_citation.book_publisher_city       ? 
_citation.book_title                ? 
_citation.coordinate_linkage        ? 
_citation.country                   US 
_citation.database_id_Medline       ? 
_citation.details                   ? 
_citation.id                        primary 
_citation.journal_abbrev            'Acs Omega' 
_citation.journal_id_ASTM           ? 
_citation.journal_id_CSD            ? 
_citation.journal_id_ISSN           2470-1343 
_citation.journal_full              ? 
_citation.journal_issue             ? 
_citation.journal_volume            6 
_citation.language                  ? 
_citation.page_first                21457 
_citation.page_last                 21464 
_citation.title                     'Specificity of Small c -Type Cytochromes in Anaerobic Ammonium Oxidation.' 
_citation.year                      2021 
_citation.database_id_CSD           ? 
_citation.pdbx_database_id_DOI      10.1021/acsomega.1c02275 
_citation.pdbx_database_id_PubMed   34471748 
_citation.pdbx_database_id_patent   ? 
_citation.unpublished_flag          ? 
# 
loop_
_citation_author.citation_id 
_citation_author.name 
_citation_author.ordinal 
_citation_author.identifier_ORCID 
primary 'Akram, M.'       1 ?                   
primary 'Bock, J.'        2 ?                   
primary 'Dietl, A.'       3 ?                   
primary 'Barends, T.R.M.' 4 0000-0002-9488-3005 
# 
loop_
_entity.id 
_entity.type 
_entity.src_method 
_entity.pdbx_description 
_entity.formula_weight 
_entity.pdbx_number_of_molecules 
_entity.pdbx_ec 
_entity.pdbx_mutation 
_entity.pdbx_fragment 
_entity.details 
1 polymer     man 'Cytochrome c-552 Ks_3357' 10236.707 1 ? ? ? ? 
2 non-polymer syn 'HEME C'                   618.503   1 ? ? ? ? 
3 non-polymer syn 'CHLORIDE ION'             35.453    1 ? ? ? ? 
4 non-polymer syn IMIDAZOLE                  69.085    1 ? ? ? ? 
5 water       nat water                      18.015    7 ? ? ? ? 
# 
_entity_name_com.entity_id   1 
_entity_name_com.name        'Similar to cytochrome c-553' 
# 
_entity_poly.entity_id                      1 
_entity_poly.type                           'polypeptide(L)' 
_entity_poly.nstd_linkage                   no 
_entity_poly.nstd_monomer                   no 
_entity_poly.pdbx_seq_one_letter_code       
;EEKAIDARNLFEYHCAKCHGLTGEANKRGKALKAPDLCDPGWQNSKTDKEILYSITNGKNKMPAWNERLTPEEIEALARY
VRKLSKKQR
;
_entity_poly.pdbx_seq_one_letter_code_can   
;EEKAIDARNLFEYHCAKCHGLTGEANKRGKALKAPDLCDPGWQNSKTDKEILYSITNGKNKMPAWNERLTPEEIEALARY
VRKLSKKQR
;
_entity_poly.pdbx_strand_id                 A 
_entity_poly.pdbx_target_identifier         ? 
# 
loop_
_pdbx_entity_nonpoly.entity_id 
_pdbx_entity_nonpoly.name 
_pdbx_entity_nonpoly.comp_id 
2 'HEME C'       HEC 
3 'CHLORIDE ION' CL  
4 IMIDAZOLE      IMD 
5 water          HOH 
# 
loop_
_entity_poly_seq.entity_id 
_entity_poly_seq.num 
_entity_poly_seq.mon_id 
_entity_poly_seq.hetero 
1 1  GLU n 
1 2  GLU n 
1 3  LYS n 
1 4  ALA n 
1 5  ILE n 
1 6  ASP n 
1 7  ALA n 
1 8  ARG n 
1 9  ASN n 
1 10 LEU n 
1 11 PHE n 
1 12 GLU n 
1 13 TYR n 
1 14 HIS n 
1 15 CYS n 
1 16 ALA n 
1 17 LYS n 
1 18 CYS n 
1 19 HIS n 
1 20 GLY n 
1 21 LEU n 
1 22 THR n 
1 23 GLY n 
1 24 GLU n 
1 25 ALA n 
1 26 ASN n 
1 27 LYS n 
1 28 ARG n 
1 29 GLY n 
1 30 LYS n 
1 31 ALA n 
1 32 LEU n 
1 33 LYS n 
1 34 ALA n 
1 35 PRO n 
1 36 ASP n 
1 37 LEU n 
1 38 CYS n 
1 39 ASP n 
1 40 PRO n 
1 41 GLY n 
1 42 TRP n 
1 43 GLN n 
1 44 ASN n 
1 45 SER n 
1 46 LYS n 
1 47 THR n 
1 48 ASP n 
1 49 LYS n 
1 50 GLU n 
1 51 ILE n 
1 52 LEU n 
1 53 TYR n 
1 54 SER n 
1 55 ILE n 
1 56 THR n 
1 57 ASN n 
1 58 GLY n 
1 59 LYS n 
1 60 ASN n 
1 61 LYS n 
1 62 MET n 
1 63 PRO n 
1 64 ALA n 
1 65 TRP n 
1 66 ASN n 
1 67 GLU n 
1 68 ARG n 
1 69 LEU n 
1 70 THR n 
1 71 PRO n 
1 72 GLU n 
1 73 GLU n 
1 74 ILE n 
1 75 GLU n 
1 76 ALA n 
1 77 LEU n 
1 78 ALA n 
1 79 ARG n 
1 80 TYR n 
1 81 VAL n 
1 82 ARG n 
1 83 LYS n 
1 84 LEU n 
1 85 SER n 
1 86 LYS n 
1 87 LYS n 
1 88 GLN n 
1 89 ARG n 
# 
_entity_src_gen.entity_id                          1 
_entity_src_gen.pdbx_src_id                        1 
_entity_src_gen.pdbx_alt_source_flag               sample 
_entity_src_gen.pdbx_seq_type                      'Biological sequence' 
_entity_src_gen.pdbx_beg_seq_num                   1 
_entity_src_gen.pdbx_end_seq_num                   89 
_entity_src_gen.gene_src_common_name               ? 
_entity_src_gen.gene_src_genus                     ? 
_entity_src_gen.pdbx_gene_src_gene                 'petJ, kustc0562' 
_entity_src_gen.gene_src_species                   ? 
_entity_src_gen.gene_src_strain                    ? 
_entity_src_gen.gene_src_tissue                    ? 
_entity_src_gen.gene_src_tissue_fraction           ? 
_entity_src_gen.gene_src_details                   ? 
_entity_src_gen.pdbx_gene_src_fragment             ? 
_entity_src_gen.pdbx_gene_src_scientific_name      'Kuenenia stuttgartiensis' 
_entity_src_gen.pdbx_gene_src_ncbi_taxonomy_id     174633 
_entity_src_gen.pdbx_gene_src_variant              ? 
_entity_src_gen.pdbx_gene_src_cell_line            ? 
_entity_src_gen.pdbx_gene_src_atcc                 ? 
_entity_src_gen.pdbx_gene_src_organ                ? 
_entity_src_gen.pdbx_gene_src_organelle            ? 
_entity_src_gen.pdbx_gene_src_cell                 ? 
_entity_src_gen.pdbx_gene_src_cellular_location    ? 
_entity_src_gen.host_org_common_name               ? 
_entity_src_gen.pdbx_host_org_scientific_name      'Shewanella oneidensis MR-1' 
_entity_src_gen.pdbx_host_org_ncbi_taxonomy_id     211586 
_entity_src_gen.host_org_genus                     ? 
_entity_src_gen.pdbx_host_org_gene                 ? 
_entity_src_gen.pdbx_host_org_organ                ? 
_entity_src_gen.host_org_species                   ? 
_entity_src_gen.pdbx_host_org_tissue               ? 
_entity_src_gen.pdbx_host_org_tissue_fraction      ? 
_entity_src_gen.pdbx_host_org_strain               ? 
_entity_src_gen.pdbx_host_org_variant              ? 
_entity_src_gen.pdbx_host_org_cell_line            ? 
_entity_src_gen.pdbx_host_org_atcc                 ? 
_entity_src_gen.pdbx_host_org_culture_collection   ? 
_entity_src_gen.pdbx_host_org_cell                 ? 
_entity_src_gen.pdbx_host_org_organelle            ? 
_entity_src_gen.pdbx_host_org_cellular_location    ? 
_entity_src_gen.pdbx_host_org_vector_type          ? 
_entity_src_gen.pdbx_host_org_vector               ? 
_entity_src_gen.host_org_details                   ? 
_entity_src_gen.expression_system_id               ? 
_entity_src_gen.plasmid_name                       ? 
_entity_src_gen.plasmid_details                    ? 
_entity_src_gen.pdbx_description                   ? 
# 
loop_
_chem_comp.id 
_chem_comp.type 
_chem_comp.mon_nstd_flag 
_chem_comp.name 
_chem_comp.pdbx_synonyms 
_chem_comp.formula 
_chem_comp.formula_weight 
ALA 'L-peptide linking' y ALANINE         ? 'C3 H7 N O2'       89.093  
ARG 'L-peptide linking' y ARGININE        ? 'C6 H15 N4 O2 1'   175.209 
ASN 'L-peptide linking' y ASPARAGINE      ? 'C4 H8 N2 O3'      132.118 
ASP 'L-peptide linking' y 'ASPARTIC ACID' ? 'C4 H7 N O4'       133.103 
CL  non-polymer         . 'CHLORIDE ION'  ? 'Cl -1'            35.453  
CYS 'L-peptide linking' y CYSTEINE        ? 'C3 H7 N O2 S'     121.158 
GLN 'L-peptide linking' y GLUTAMINE       ? 'C5 H10 N2 O3'     146.144 
GLU 'L-peptide linking' y 'GLUTAMIC ACID' ? 'C5 H9 N O4'       147.129 
GLY 'peptide linking'   y GLYCINE         ? 'C2 H5 N O2'       75.067  
HEC non-polymer         . 'HEME C'        ? 'C34 H34 Fe N4 O4' 618.503 
HIS 'L-peptide linking' y HISTIDINE       ? 'C6 H10 N3 O2 1'   156.162 
HOH non-polymer         . WATER           ? 'H2 O'             18.015  
ILE 'L-peptide linking' y ISOLEUCINE      ? 'C6 H13 N O2'      131.173 
IMD non-polymer         . IMIDAZOLE       ? 'C3 H5 N2 1'       69.085  
LEU 'L-peptide linking' y LEUCINE         ? 'C6 H13 N O2'      131.173 
LYS 'L-peptide linking' y LYSINE          ? 'C6 H15 N2 O2 1'   147.195 
MET 'L-peptide linking' y METHIONINE      ? 'C5 H11 N O2 S'    149.211 
PHE 'L-peptide linking' y PHENYLALANINE   ? 'C9 H11 N O2'      165.189 
PRO 'L-peptide linking' y PROLINE         ? 'C5 H9 N O2'       115.130 
SER 'L-peptide linking' y SERINE          ? 'C3 H7 N O3'       105.093 
THR 'L-peptide linking' y THREONINE       ? 'C4 H9 N O3'       119.119 
TRP 'L-peptide linking' y TRYPTOPHAN      ? 'C11 H12 N2 O2'    204.225 
TYR 'L-peptide linking' y TYROSINE        ? 'C9 H11 N O3'      181.189 
VAL 'L-peptide linking' y VALINE          ? 'C5 H11 N O2'      117.146 
# 
loop_
_pdbx_poly_seq_scheme.asym_id 
_pdbx_poly_seq_scheme.entity_id 
_pdbx_poly_seq_scheme.seq_id 
_pdbx_poly_seq_scheme.mon_id 
_pdbx_poly_seq_scheme.ndb_seq_num 
_pdbx_poly_seq_scheme.pdb_seq_num 
_pdbx_poly_seq_scheme.auth_seq_num 
_pdbx_poly_seq_scheme.pdb_mon_id 
_pdbx_poly_seq_scheme.auth_mon_id 
_pdbx_poly_seq_scheme.pdb_strand_id 
_pdbx_poly_seq_scheme.pdb_ins_code 
_pdbx_poly_seq_scheme.hetero 
A 1 1  GLU 1  30  ?   ?   ?   A . n 
A 1 2  GLU 2  31  ?   ?   ?   A . n 
A 1 3  LYS 3  32  ?   ?   ?   A . n 
A 1 4  ALA 4  33  ?   ?   ?   A . n 
A 1 5  ILE 5  34  34  ILE ILE A . n 
A 1 6  ASP 6  35  35  ASP ASP A . n 
A 1 7  ALA 7  36  36  ALA ALA A . n 
A 1 8  ARG 8  37  37  ARG ARG A . n 
A 1 9  ASN 9  38  38  ASN ASN A . n 
A 1 10 LEU 10 39  39  LEU LEU A . n 
A 1 11 PHE 11 40  40  PHE PHE A . n 
A 1 12 GLU 12 41  41  GLU GLU A . n 
A 1 13 TYR 13 42  42  TYR TYR A . n 
A 1 14 HIS 14 43  43  HIS HIS A . n 
A 1 15 CYS 15 44  44  CYS CYS A . n 
A 1 16 ALA 16 45  45  ALA ALA A . n 
A 1 17 LYS 17 46  46  LYS LYS A . n 
A 1 18 CYS 18 47  47  CYS CYS A . n 
A 1 19 HIS 19 48  48  HIS HIS A . n 
A 1 20 GLY 20 49  49  GLY GLY A . n 
A 1 21 LEU 21 50  50  LEU LEU A . n 
A 1 22 THR 22 51  51  THR THR A . n 
A 1 23 GLY 23 52  52  GLY GLY A . n 
A 1 24 GLU 24 53  53  GLU GLU A . n 
A 1 25 ALA 25 54  54  ALA ALA A . n 
A 1 26 ASN 26 55  55  ASN ASN A . n 
A 1 27 LYS 27 56  56  LYS LYS A . n 
A 1 28 ARG 28 57  57  ARG ARG A . n 
A 1 29 GLY 29 58  58  GLY GLY A . n 
A 1 30 LYS 30 59  59  LYS LYS A . n 
A 1 31 ALA 31 60  60  ALA ALA A . n 
A 1 32 LEU 32 61  61  LEU LEU A . n 
A 1 33 LYS 33 62  62  LYS LYS A . n 
A 1 34 ALA 34 63  63  ALA ALA A . n 
A 1 35 PRO 35 64  64  PRO PRO A . n 
A 1 36 ASP 36 65  65  ASP ASP A . n 
A 1 37 LEU 37 66  66  LEU LEU A . n 
A 1 38 CYS 38 67  67  CYS CYS A . n 
A 1 39 ASP 39 68  68  ASP ASP A . n 
A 1 40 PRO 40 69  69  PRO PRO A . n 
A 1 41 GLY 41 70  70  GLY GLY A . n 
A 1 42 TRP 42 71  71  TRP TRP A . n 
A 1 43 GLN 43 72  72  GLN GLN A . n 
A 1 44 ASN 44 73  73  ASN ASN A . n 
A 1 45 SER 45 74  74  SER SER A . n 
A 1 46 LYS 46 75  75  LYS LYS A . n 
A 1 47 THR 47 76  76  THR THR A . n 
A 1 48 ASP 48 77  77  ASP ASP A . n 
A 1 49 LYS 49 78  78  LYS LYS A . n 
A 1 50 GLU 50 79  79  GLU GLU A . n 
A 1 51 ILE 51 80  80  ILE ILE A . n 
A 1 52 LEU 52 81  81  LEU LEU A . n 
A 1 53 TYR 53 82  82  TYR TYR A . n 
A 1 54 SER 54 83  83  SER SER A . n 
A 1 55 ILE 55 84  84  ILE ILE A . n 
A 1 56 THR 56 85  85  THR THR A . n 
A 1 57 ASN 57 86  86  ASN ASN A . n 
A 1 58 GLY 58 87  87  GLY GLY A . n 
A 1 59 LYS 59 88  88  LYS LYS A . n 
A 1 60 ASN 60 89  89  ASN ASN A . n 
A 1 61 LYS 61 90  90  LYS LYS A . n 
A 1 62 MET 62 91  91  MET MET A . n 
A 1 63 PRO 63 92  92  PRO PRO A . n 
A 1 64 ALA 64 93  93  ALA ALA A . n 
A 1 65 TRP 65 94  94  TRP TRP A . n 
A 1 66 ASN 66 95  95  ASN ASN A . n 
A 1 67 GLU 67 96  96  GLU GLU A . n 
A 1 68 ARG 68 97  97  ARG ARG A . n 
A 1 69 LEU 69 98  98  LEU LEU A . n 
A 1 70 THR 70 99  99  THR THR A . n 
A 1 71 PRO 71 100 100 PRO PRO A . n 
A 1 72 GLU 72 101 101 GLU GLU A . n 
A 1 73 GLU 73 102 102 GLU GLU A . n 
A 1 74 ILE 74 103 103 ILE ILE A . n 
A 1 75 GLU 75 104 104 GLU GLU A . n 
A 1 76 ALA 76 105 105 ALA ALA A . n 
A 1 77 LEU 77 106 106 LEU LEU A . n 
A 1 78 ALA 78 107 107 ALA ALA A . n 
A 1 79 ARG 79 108 108 ARG ARG A . n 
A 1 80 TYR 80 109 109 TYR TYR A . n 
A 1 81 VAL 81 110 110 VAL VAL A . n 
A 1 82 ARG 82 111 111 ARG ARG A . n 
A 1 83 LYS 83 112 112 LYS LYS A . n 
A 1 84 LEU 84 113 113 LEU LEU A . n 
A 1 85 SER 85 114 114 SER SER A . n 
A 1 86 LYS 86 115 ?   ?   ?   A . n 
A 1 87 LYS 87 116 ?   ?   ?   A . n 
A 1 88 GLN 88 117 ?   ?   ?   A . n 
A 1 89 ARG 89 118 ?   ?   ?   A . n 
# 
loop_
_pdbx_nonpoly_scheme.asym_id 
_pdbx_nonpoly_scheme.entity_id 
_pdbx_nonpoly_scheme.mon_id 
_pdbx_nonpoly_scheme.ndb_seq_num 
_pdbx_nonpoly_scheme.pdb_seq_num 
_pdbx_nonpoly_scheme.auth_seq_num 
_pdbx_nonpoly_scheme.pdb_mon_id 
_pdbx_nonpoly_scheme.auth_mon_id 
_pdbx_nonpoly_scheme.pdb_strand_id 
_pdbx_nonpoly_scheme.pdb_ins_code 
B 2 HEC 1 201 200 HEC HEM A . 
C 3 CL  1 202 1   CL  CL  A . 
D 4 IMD 1 203 1   IMD IMD A . 
E 5 HOH 1 301 8   HOH HOH A . 
E 5 HOH 2 302 1   HOH HOH A . 
E 5 HOH 3 303 6   HOH HOH A . 
E 5 HOH 4 304 7   HOH HOH A . 
E 5 HOH 5 305 3   HOH HOH A . 
E 5 HOH 6 306 2   HOH HOH A . 
E 5 HOH 7 307 5   HOH HOH A . 
# 
loop_
_software.citation_id 
_software.classification 
_software.compiler_name 
_software.compiler_version 
_software.contact_author 
_software.contact_author_email 
_software.date 
_software.description 
_software.dependencies 
_software.hardware 
_software.language 
_software.location 
_software.mods 
_software.name 
_software.os 
_software.os_version 
_software.type 
_software.version 
_software.pdbx_ordinal 
? refinement       ? ? ? ? ? ? ? ? ? ? ? PHENIX ? ? ? 1.18.2_3874 1 
? refinement       ? ? ? ? ? ? ? ? ? ? ? PHENIX ? ? ? 1.18.2_3874 2 
? 'data reduction' ? ? ? ? ? ? ? ? ? ? ? XDS    ? ? ? .           3 
? 'data scaling'   ? ? ? ? ? ? ? ? ? ? ? XSCALE ? ? ? .           4 
? phasing          ? ? ? ? ? ? ? ? ? ? ? PHASER ? ? ? .           5 
# 
_cell.angle_alpha                  90.000 
_cell.angle_alpha_esd              ? 
_cell.angle_beta                   90.000 
_cell.angle_beta_esd               ? 
_cell.angle_gamma                  120.000 
_cell.angle_gamma_esd              ? 
_cell.entry_id                     7O38 
_cell.details                      ? 
_cell.formula_units_Z              ? 
_cell.length_a                     101.650 
_cell.length_a_esd                 ? 
_cell.length_b                     101.650 
_cell.length_b_esd                 ? 
_cell.length_c                     28.320 
_cell.length_c_esd                 ? 
_cell.volume                       253418.693 
_cell.volume_esd                   ? 
_cell.Z_PDB                        6 
_cell.reciprocal_angle_alpha       ? 
_cell.reciprocal_angle_beta        ? 
_cell.reciprocal_angle_gamma       ? 
_cell.reciprocal_angle_alpha_esd   ? 
_cell.reciprocal_angle_beta_esd    ? 
_cell.reciprocal_angle_gamma_esd   ? 
_cell.reciprocal_length_a          ? 
_cell.reciprocal_length_b          ? 
_cell.reciprocal_length_c          ? 
_cell.reciprocal_length_a_esd      ? 
_cell.reciprocal_length_b_esd      ? 
_cell.reciprocal_length_c_esd      ? 
_cell.pdbx_unique_axis             ? 
# 
_symmetry.entry_id                         7O38 
_symmetry.cell_setting                     ? 
_symmetry.Int_Tables_number                172 
_symmetry.space_group_name_Hall            'P 64' 
_symmetry.space_group_name_H-M             'P 64' 
_symmetry.pdbx_full_space_group_name_H-M   ? 
# 
_exptl.absorpt_coefficient_mu     ? 
_exptl.absorpt_correction_T_max   ? 
_exptl.absorpt_correction_T_min   ? 
_exptl.absorpt_correction_type    ? 
_exptl.absorpt_process_details    ? 
_exptl.entry_id                   7O38 
_exptl.crystals_number            1 
_exptl.details                    ? 
_exptl.method                     'X-RAY DIFFRACTION' 
_exptl.method_details             ? 
# 
_exptl_crystal.colour                      ? 
_exptl_crystal.density_diffrn              ? 
_exptl_crystal.density_Matthews            4.13 
_exptl_crystal.density_method              ? 
_exptl_crystal.density_percent_sol         70.19 
_exptl_crystal.description                 ? 
_exptl_crystal.F_000                       ? 
_exptl_crystal.id                          1 
_exptl_crystal.preparation                 ? 
_exptl_crystal.size_max                    ? 
_exptl_crystal.size_mid                    ? 
_exptl_crystal.size_min                    ? 
_exptl_crystal.size_rad                    ? 
_exptl_crystal.colour_lustre               ? 
_exptl_crystal.colour_modifier             ? 
_exptl_crystal.colour_primary              ? 
_exptl_crystal.density_meas                ? 
_exptl_crystal.density_meas_esd            ? 
_exptl_crystal.density_meas_gt             ? 
_exptl_crystal.density_meas_lt             ? 
_exptl_crystal.density_meas_temp           ? 
_exptl_crystal.density_meas_temp_esd       ? 
_exptl_crystal.density_meas_temp_gt        ? 
_exptl_crystal.density_meas_temp_lt        ? 
_exptl_crystal.pdbx_crystal_image_url      ? 
_exptl_crystal.pdbx_crystal_image_format   ? 
_exptl_crystal.pdbx_mosaicity              ? 
_exptl_crystal.pdbx_mosaicity_esd          ? 
# 
_exptl_crystal_grow.apparatus       ? 
_exptl_crystal_grow.atmosphere      ? 
_exptl_crystal_grow.crystal_id      1 
_exptl_crystal_grow.details         ? 
_exptl_crystal_grow.method          'VAPOR DIFFUSION, HANGING DROP' 
_exptl_crystal_grow.method_ref      ? 
_exptl_crystal_grow.pH              8.0 
_exptl_crystal_grow.pressure        ? 
_exptl_crystal_grow.pressure_esd    ? 
_exptl_crystal_grow.seeding         ? 
_exptl_crystal_grow.seeding_ref     ? 
_exptl_crystal_grow.temp            293 
_exptl_crystal_grow.temp_details    ? 
_exptl_crystal_grow.temp_esd        ? 
_exptl_crystal_grow.time            ? 
_exptl_crystal_grow.pdbx_details    
'0.2 M NaCl, 30% w/v PEG 8000, 0.1 M imidazole pH 8.0, 0.277 mM cyclohexylethanoyl-N-hydroxyethylglucamide' 
_exptl_crystal_grow.pdbx_pH_range   ? 
# 
_diffrn.ambient_environment              ? 
_diffrn.ambient_temp                     100 
_diffrn.ambient_temp_details             ? 
_diffrn.ambient_temp_esd                 ? 
_diffrn.crystal_id                       1 
_diffrn.crystal_support                  ? 
_diffrn.crystal_treatment                ? 
_diffrn.details                          ? 
_diffrn.id                               1 
_diffrn.ambient_pressure                 ? 
_diffrn.ambient_pressure_esd             ? 
_diffrn.ambient_pressure_gt              ? 
_diffrn.ambient_pressure_lt              ? 
_diffrn.ambient_temp_gt                  ? 
_diffrn.ambient_temp_lt                  ? 
_diffrn.pdbx_serial_crystal_experiment   N 
# 
_diffrn_detector.details                      'KB MIRRORS' 
_diffrn_detector.detector                     'IMAGE PLATE' 
_diffrn_detector.diffrn_id                    1 
_diffrn_detector.type                         'MAR scanner 345 mm plate' 
_diffrn_detector.area_resol_mean              ? 
_diffrn_detector.dtime                        ? 
_diffrn_detector.pdbx_frames_total            ? 
_diffrn_detector.pdbx_collection_time_total   ? 
_diffrn_detector.pdbx_collection_date         2018-03-01 
_diffrn_detector.pdbx_frequency               ? 
# 
_diffrn_radiation.collimation                      ? 
_diffrn_radiation.diffrn_id                        1 
_diffrn_radiation.filter_edge                      ? 
_diffrn_radiation.inhomogeneity                    ? 
_diffrn_radiation.monochromator                    ? 
_diffrn_radiation.polarisn_norm                    ? 
_diffrn_radiation.polarisn_ratio                   ? 
_diffrn_radiation.probe                            ? 
_diffrn_radiation.type                             ? 
_diffrn_radiation.xray_symbol                      ? 
_diffrn_radiation.wavelength_id                    1 
_diffrn_radiation.pdbx_monochromatic_or_laue_m_l   M 
_diffrn_radiation.pdbx_wavelength_list             ? 
_diffrn_radiation.pdbx_wavelength                  ? 
_diffrn_radiation.pdbx_diffrn_protocol             'SINGLE WAVELENGTH' 
_diffrn_radiation.pdbx_analyzer                    ? 
_diffrn_radiation.pdbx_scattering_type             x-ray 
# 
_diffrn_radiation_wavelength.id           1 
_diffrn_radiation_wavelength.wavelength   1.5418 
_diffrn_radiation_wavelength.wt           1.0 
# 
_diffrn_source.current                     ? 
_diffrn_source.details                     ? 
_diffrn_source.diffrn_id                   1 
_diffrn_source.power                       ? 
_diffrn_source.size                        ? 
_diffrn_source.source                      'ROTATING ANODE' 
_diffrn_source.target                      ? 
_diffrn_source.type                        'RIGAKU MICROMAX-007 HF' 
_diffrn_source.voltage                     ? 
_diffrn_source.take-off_angle              ? 
_diffrn_source.pdbx_wavelength_list        1.5418 
_diffrn_source.pdbx_wavelength             ? 
_diffrn_source.pdbx_synchrotron_beamline   ? 
_diffrn_source.pdbx_synchrotron_site       ? 
# 
_reflns.B_iso_Wilson_estimate                          33.72 
_reflns.entry_id                                       7O38 
_reflns.data_reduction_details                         ? 
_reflns.data_reduction_method                          ? 
_reflns.d_resolution_high                              3.0 
_reflns.d_resolution_low                               44.02 
_reflns.details                                        ? 
_reflns.limit_h_max                                    ? 
_reflns.limit_h_min                                    ? 
_reflns.limit_k_max                                    ? 
_reflns.limit_k_min                                    ? 
_reflns.limit_l_max                                    ? 
_reflns.limit_l_min                                    ? 
_reflns.number_all                                     ? 
_reflns.number_obs                                     3395 
_reflns.observed_criterion                             ? 
_reflns.observed_criterion_F_max                       ? 
_reflns.observed_criterion_F_min                       ? 
_reflns.observed_criterion_I_max                       ? 
_reflns.observed_criterion_I_min                       ? 
_reflns.observed_criterion_sigma_F                     ? 
_reflns.observed_criterion_sigma_I                     ? 
_reflns.percent_possible_obs                           95.8 
_reflns.R_free_details                                 ? 
_reflns.Rmerge_F_all                                   ? 
_reflns.Rmerge_F_obs                                   ? 
_reflns.Friedel_coverage                               ? 
_reflns.number_gt                                      ? 
_reflns.threshold_expression                           ? 
_reflns.pdbx_redundancy                                2.4 
_reflns.pdbx_Rmerge_I_obs                              0.037 
_reflns.pdbx_Rmerge_I_all                              ? 
_reflns.pdbx_Rsym_value                                ? 
_reflns.pdbx_netI_over_av_sigmaI                       ? 
_reflns.pdbx_netI_over_sigmaI                          6.5 
_reflns.pdbx_res_netI_over_av_sigmaI_2                 ? 
_reflns.pdbx_res_netI_over_sigmaI_2                    ? 
_reflns.pdbx_chi_squared                               ? 
_reflns.pdbx_scaling_rejects                           ? 
_reflns.pdbx_d_res_high_opt                            ? 
_reflns.pdbx_d_res_low_opt                             ? 
_reflns.pdbx_d_res_opt_method                          ? 
_reflns.phase_calculation_details                      ? 
_reflns.pdbx_Rrim_I_all                                0.041 
_reflns.pdbx_Rpim_I_all                                ? 
_reflns.pdbx_d_opt                                     ? 
_reflns.pdbx_number_measured_all                       ? 
_reflns.pdbx_diffrn_id                                 1 
_reflns.pdbx_ordinal                                   1 
_reflns.pdbx_CC_half                                   0.973 
_reflns.pdbx_CC_star                                   ? 
_reflns.pdbx_R_split                                   ? 
_reflns.pdbx_aniso_diffraction_limit_axis_1_ortho[1]   ? 
_reflns.pdbx_aniso_diffraction_limit_axis_1_ortho[2]   ? 
_reflns.pdbx_aniso_diffraction_limit_axis_1_ortho[3]   ? 
_reflns.pdbx_aniso_diffraction_limit_axis_2_ortho[1]   ? 
_reflns.pdbx_aniso_diffraction_limit_axis_2_ortho[2]   ? 
_reflns.pdbx_aniso_diffraction_limit_axis_2_ortho[3]   ? 
_reflns.pdbx_aniso_diffraction_limit_axis_3_ortho[1]   ? 
_reflns.pdbx_aniso_diffraction_limit_axis_3_ortho[2]   ? 
_reflns.pdbx_aniso_diffraction_limit_axis_3_ortho[3]   ? 
_reflns.pdbx_aniso_diffraction_limit_1                 ? 
_reflns.pdbx_aniso_diffraction_limit_2                 ? 
_reflns.pdbx_aniso_diffraction_limit_3                 ? 
_reflns.pdbx_aniso_B_tensor_eigenvector_1_ortho[1]     ? 
_reflns.pdbx_aniso_B_tensor_eigenvector_1_ortho[2]     ? 
_reflns.pdbx_aniso_B_tensor_eigenvector_1_ortho[3]     ? 
_reflns.pdbx_aniso_B_tensor_eigenvector_2_ortho[1]     ? 
_reflns.pdbx_aniso_B_tensor_eigenvector_2_ortho[2]     ? 
_reflns.pdbx_aniso_B_tensor_eigenvector_2_ortho[3]     ? 
_reflns.pdbx_aniso_B_tensor_eigenvector_3_ortho[1]     ? 
_reflns.pdbx_aniso_B_tensor_eigenvector_3_ortho[2]     ? 
_reflns.pdbx_aniso_B_tensor_eigenvector_3_ortho[3]     ? 
_reflns.pdbx_aniso_B_tensor_eigenvalue_1               ? 
_reflns.pdbx_aniso_B_tensor_eigenvalue_2               ? 
_reflns.pdbx_aniso_B_tensor_eigenvalue_3               ? 
_reflns.pdbx_orthogonalization_convention              ? 
_reflns.pdbx_percent_possible_ellipsoidal              ? 
_reflns.pdbx_percent_possible_spherical                ? 
_reflns.pdbx_percent_possible_ellipsoidal_anomalous    ? 
_reflns.pdbx_percent_possible_spherical_anomalous      ? 
_reflns.pdbx_redundancy_anomalous                      ? 
_reflns.pdbx_CC_half_anomalous                         ? 
_reflns.pdbx_absDiff_over_sigma_anomalous              ? 
_reflns.pdbx_percent_possible_anomalous                ? 
_reflns.pdbx_observed_signal_threshold                 ? 
_reflns.pdbx_signal_type                               ? 
_reflns.pdbx_signal_details                            ? 
_reflns.pdbx_signal_software_id                        ? 
# 
_reflns_shell.d_res_high                                    3.0 
_reflns_shell.d_res_low                                     3.1 
_reflns_shell.meanI_over_sigI_all                           ? 
_reflns_shell.meanI_over_sigI_obs                           ? 
_reflns_shell.number_measured_all                           ? 
_reflns_shell.number_measured_obs                           ? 
_reflns_shell.number_possible                               ? 
_reflns_shell.number_unique_all                             ? 
_reflns_shell.number_unique_obs                             307 
_reflns_shell.percent_possible_all                          ? 
_reflns_shell.percent_possible_obs                          ? 
_reflns_shell.Rmerge_F_all                                  ? 
_reflns_shell.Rmerge_F_obs                                  ? 
_reflns_shell.Rmerge_I_all                                  ? 
_reflns_shell.Rmerge_I_obs                                  0.166 
_reflns_shell.meanI_over_sigI_gt                            ? 
_reflns_shell.meanI_over_uI_all                             ? 
_reflns_shell.meanI_over_uI_gt                              ? 
_reflns_shell.number_measured_gt                            ? 
_reflns_shell.number_unique_gt                              ? 
_reflns_shell.percent_possible_gt                           ? 
_reflns_shell.Rmerge_F_gt                                   ? 
_reflns_shell.Rmerge_I_gt                                   ? 
_reflns_shell.pdbx_redundancy                               ? 
_reflns_shell.pdbx_Rsym_value                               0.174 
_reflns_shell.pdbx_chi_squared                              ? 
_reflns_shell.pdbx_netI_over_sigmaI_all                     ? 
_reflns_shell.pdbx_netI_over_sigmaI_obs                     ? 
_reflns_shell.pdbx_Rrim_I_all                               ? 
_reflns_shell.pdbx_Rpim_I_all                               ? 
_reflns_shell.pdbx_rejects                                  ? 
_reflns_shell.pdbx_ordinal                                  1 
_reflns_shell.pdbx_diffrn_id                                1 
_reflns_shell.pdbx_CC_half                                  0.745 
_reflns_shell.pdbx_CC_star                                  ? 
_reflns_shell.pdbx_R_split                                  ? 
_reflns_shell.pdbx_percent_possible_ellipsoidal             ? 
_reflns_shell.pdbx_percent_possible_spherical               ? 
_reflns_shell.pdbx_percent_possible_ellipsoidal_anomalous   ? 
_reflns_shell.pdbx_percent_possible_spherical_anomalous     ? 
_reflns_shell.pdbx_redundancy_anomalous                     ? 
_reflns_shell.pdbx_CC_half_anomalous                        ? 
_reflns_shell.pdbx_absDiff_over_sigma_anomalous             ? 
_reflns_shell.pdbx_percent_possible_anomalous               ? 
# 
_refine.aniso_B[1][1]                            ? 
_refine.aniso_B[1][2]                            ? 
_refine.aniso_B[1][3]                            ? 
_refine.aniso_B[2][2]                            ? 
_refine.aniso_B[2][3]                            ? 
_refine.aniso_B[3][3]                            ? 
_refine.B_iso_max                                ? 
_refine.B_iso_mean                               22.21 
_refine.B_iso_min                                ? 
_refine.correlation_coeff_Fo_to_Fc               ? 
_refine.correlation_coeff_Fo_to_Fc_free          ? 
_refine.details                                  ? 
_refine.diff_density_max                         ? 
_refine.diff_density_max_esd                     ? 
_refine.diff_density_min                         ? 
_refine.diff_density_min_esd                     ? 
_refine.diff_density_rms                         ? 
_refine.diff_density_rms_esd                     ? 
_refine.entry_id                                 7O38 
_refine.pdbx_refine_id                           'X-RAY DIFFRACTION' 
_refine.ls_abs_structure_details                 ? 
_refine.ls_abs_structure_Flack                   ? 
_refine.ls_abs_structure_Flack_esd               ? 
_refine.ls_abs_structure_Rogers                  ? 
_refine.ls_abs_structure_Rogers_esd              ? 
_refine.ls_d_res_high                            3.00 
_refine.ls_d_res_low                             40.0 
_refine.ls_extinction_coef                       ? 
_refine.ls_extinction_coef_esd                   ? 
_refine.ls_extinction_expression                 ? 
_refine.ls_extinction_method                     ? 
_refine.ls_goodness_of_fit_all                   ? 
_refine.ls_goodness_of_fit_all_esd               ? 
_refine.ls_goodness_of_fit_obs                   ? 
_refine.ls_goodness_of_fit_obs_esd               ? 
_refine.ls_hydrogen_treatment                    ? 
_refine.ls_matrix_type                           ? 
_refine.ls_number_constraints                    ? 
_refine.ls_number_parameters                     ? 
_refine.ls_number_reflns_all                     ? 
_refine.ls_number_reflns_obs                     3390 
_refine.ls_number_reflns_R_free                  342 
_refine.ls_number_reflns_R_work                  3048 
_refine.ls_number_restraints                     ? 
_refine.ls_percent_reflns_obs                    95.82 
_refine.ls_percent_reflns_R_free                 10.09 
_refine.ls_R_factor_all                          ? 
_refine.ls_R_factor_obs                          0.1969 
_refine.ls_R_factor_R_free                       0.2478 
_refine.ls_R_factor_R_free_error                 ? 
_refine.ls_R_factor_R_free_error_details         ? 
_refine.ls_R_factor_R_work                       0.1913 
_refine.ls_R_Fsqd_factor_obs                     ? 
_refine.ls_R_I_factor_obs                        ? 
_refine.ls_redundancy_reflns_all                 ? 
_refine.ls_redundancy_reflns_obs                 ? 
_refine.ls_restrained_S_all                      ? 
_refine.ls_restrained_S_obs                      ? 
_refine.ls_shift_over_esd_max                    ? 
_refine.ls_shift_over_esd_mean                   ? 
_refine.ls_structure_factor_coef                 ? 
_refine.ls_weighting_details                     ? 
_refine.ls_weighting_scheme                      ? 
_refine.ls_wR_factor_all                         ? 
_refine.ls_wR_factor_obs                         ? 
_refine.ls_wR_factor_R_free                      ? 
_refine.ls_wR_factor_R_work                      ? 
_refine.occupancy_max                            ? 
_refine.occupancy_min                            ? 
_refine.solvent_model_details                    'FLAT BULK SOLVENT MODEL' 
_refine.solvent_model_param_bsol                 ? 
_refine.solvent_model_param_ksol                 ? 
_refine.pdbx_R_complete                          ? 
_refine.ls_R_factor_gt                           ? 
_refine.ls_goodness_of_fit_gt                    ? 
_refine.ls_goodness_of_fit_ref                   ? 
_refine.ls_shift_over_su_max                     ? 
_refine.ls_shift_over_su_max_lt                  ? 
_refine.ls_shift_over_su_mean                    ? 
_refine.ls_shift_over_su_mean_lt                 ? 
_refine.pdbx_ls_sigma_I                          ? 
_refine.pdbx_ls_sigma_F                          1.38 
_refine.pdbx_ls_sigma_Fsqd                       ? 
_refine.pdbx_data_cutoff_high_absF               ? 
_refine.pdbx_data_cutoff_high_rms_absF           ? 
_refine.pdbx_data_cutoff_low_absF                ? 
_refine.pdbx_isotropic_thermal_model             ? 
_refine.pdbx_ls_cross_valid_method               'FREE R-VALUE' 
_refine.pdbx_method_to_determine_struct          'MOLECULAR REPLACEMENT' 
_refine.pdbx_starting_model                      5MXY 
_refine.pdbx_stereochemistry_target_values       'GeoStd + Monomer Library + CDL v1.2' 
_refine.pdbx_R_Free_selection_details            ? 
_refine.pdbx_stereochem_target_val_spec_case     ? 
_refine.pdbx_overall_ESU_R                       ? 
_refine.pdbx_overall_ESU_R_Free                  ? 
_refine.pdbx_solvent_vdw_probe_radii             1.1100 
_refine.pdbx_solvent_ion_probe_radii             ? 
_refine.pdbx_solvent_shrinkage_radii             0.9000 
_refine.pdbx_real_space_R                        ? 
_refine.pdbx_density_correlation                 ? 
_refine.pdbx_pd_number_of_powder_patterns        ? 
_refine.pdbx_pd_number_of_points                 ? 
_refine.pdbx_pd_meas_number_of_points            ? 
_refine.pdbx_pd_proc_ls_prof_R_factor            ? 
_refine.pdbx_pd_proc_ls_prof_wR_factor           ? 
_refine.pdbx_pd_Marquardt_correlation_coeff      ? 
_refine.pdbx_pd_Fsqrd_R_factor                   ? 
_refine.pdbx_pd_ls_matrix_band_width             ? 
_refine.pdbx_overall_phase_error                 22.8003 
_refine.pdbx_overall_SU_R_free_Cruickshank_DPI   ? 
_refine.pdbx_overall_SU_R_free_Blow_DPI          ? 
_refine.pdbx_overall_SU_R_Blow_DPI               ? 
_refine.pdbx_TLS_residual_ADP_flag               ? 
_refine.pdbx_diffrn_id                           1 
_refine.overall_SU_B                             ? 
_refine.overall_SU_ML                            0.3025 
_refine.overall_SU_R_Cruickshank_DPI             ? 
_refine.overall_SU_R_free                        ? 
_refine.overall_FOM_free_R_set                   ? 
_refine.overall_FOM_work_R_set                   ? 
_refine.pdbx_average_fsc_overall                 ? 
_refine.pdbx_average_fsc_work                    ? 
_refine.pdbx_average_fsc_free                    ? 
# 
_refine_hist.pdbx_refine_id                   'X-RAY DIFFRACTION' 
_refine_hist.cycle_id                         LAST 
_refine_hist.details                          ? 
_refine_hist.d_res_high                       3.00 
_refine_hist.d_res_low                        40.0 
_refine_hist.number_atoms_solvent             7 
_refine_hist.number_atoms_total               702 
_refine_hist.number_reflns_all                ? 
_refine_hist.number_reflns_obs                ? 
_refine_hist.number_reflns_R_free             ? 
_refine_hist.number_reflns_R_work             ? 
_refine_hist.R_factor_all                     ? 
_refine_hist.R_factor_obs                     ? 
_refine_hist.R_factor_R_free                  ? 
_refine_hist.R_factor_R_work                  ? 
_refine_hist.pdbx_number_residues_total       ? 
_refine_hist.pdbx_B_iso_mean_ligand           ? 
_refine_hist.pdbx_B_iso_mean_solvent          ? 
_refine_hist.pdbx_number_atoms_protein        646 
_refine_hist.pdbx_number_atoms_nucleic_acid   0 
_refine_hist.pdbx_number_atoms_ligand         49 
_refine_hist.pdbx_number_atoms_lipid          ? 
_refine_hist.pdbx_number_atoms_carb           ? 
_refine_hist.pdbx_pseudo_atom_details         ? 
# 
loop_
_refine_ls_restr.pdbx_refine_id 
_refine_ls_restr.criterion 
_refine_ls_restr.dev_ideal 
_refine_ls_restr.dev_ideal_target 
_refine_ls_restr.number 
_refine_ls_restr.rejects 
_refine_ls_restr.type 
_refine_ls_restr.weight 
_refine_ls_restr.pdbx_restraint_function 
'X-RAY DIFFRACTION' ? 0.0135  ? 714 ? f_bond_d           ? ? 
'X-RAY DIFFRACTION' ? 1.5733  ? 974 ? f_angle_d          ? ? 
'X-RAY DIFFRACTION' ? 0.0653  ? 93  ? f_chiral_restr     ? ? 
'X-RAY DIFFRACTION' ? 0.0080  ? 122 ? f_plane_restr      ? ? 
'X-RAY DIFFRACTION' ? 15.9344 ? 96  ? f_dihedral_angle_d ? ? 
# 
_refine_ls_shell.pdbx_refine_id                   'X-RAY DIFFRACTION' 
_refine_ls_shell.d_res_high                       3.00 
_refine_ls_shell.d_res_low                        3.10 
_refine_ls_shell.number_reflns_all                ? 
_refine_ls_shell.number_reflns_obs                ? 
_refine_ls_shell.number_reflns_R_free             170 
_refine_ls_shell.number_reflns_R_work             1522 
_refine_ls_shell.percent_reflns_obs               97.30 
_refine_ls_shell.percent_reflns_R_free            . 
_refine_ls_shell.R_factor_all                     . 
_refine_ls_shell.R_factor_obs                     ? 
_refine_ls_shell.R_factor_R_free                  0.2878 
_refine_ls_shell.R_factor_R_free_error            ? 
_refine_ls_shell.R_factor_R_work                  0.2216 
_refine_ls_shell.redundancy_reflns_all            . 
_refine_ls_shell.redundancy_reflns_obs            . 
_refine_ls_shell.wR_factor_all                    . 
_refine_ls_shell.wR_factor_obs                    . 
_refine_ls_shell.wR_factor_R_free                 . 
_refine_ls_shell.wR_factor_R_work                 . 
_refine_ls_shell.pdbx_R_complete                  . 
_refine_ls_shell.pdbx_total_number_of_bins_used   . 
_refine_ls_shell.pdbx_phase_error                 . 
_refine_ls_shell.pdbx_fsc_work                    . 
_refine_ls_shell.pdbx_fsc_free                    . 
# 
_struct.entry_id                     7O38 
_struct.title                        'cytochrome C kustc0562 from Kuenenia stuttgartiensis' 
_struct.pdbx_model_details           ? 
_struct.pdbx_formula_weight          ? 
_struct.pdbx_formula_weight_method   ? 
_struct.pdbx_model_type_details      ? 
_struct.pdbx_CASP_flag               N 
# 
_struct_keywords.entry_id        7O38 
_struct_keywords.text            'anaerobic ammonium oxidation, cytochrome c, redox protein, ELECTRON TRANSPORT' 
_struct_keywords.pdbx_keywords   'ELECTRON TRANSPORT' 
# 
loop_
_struct_asym.id 
_struct_asym.pdbx_blank_PDB_chainid_flag 
_struct_asym.pdbx_modified 
_struct_asym.entity_id 
_struct_asym.details 
A N N 1 ? 
B N N 2 ? 
C N N 3 ? 
D N N 4 ? 
E N N 5 ? 
# 
_struct_ref.id                         1 
_struct_ref.db_name                    UNP 
_struct_ref.db_code                    Q30JB4_KUEST 
_struct_ref.pdbx_db_accession          Q30JB4 
_struct_ref.pdbx_db_isoform            ? 
_struct_ref.entity_id                  1 
_struct_ref.pdbx_seq_one_letter_code   
;EEKAIDARNLFEYHCAKCHGLTGEANKRGKALKAPDLCDPGWQNSKTDKEILYSITNGKNKMPAWNERLTPEEIEALARY
VRKLSKKQR
;
_struct_ref.pdbx_align_begin           33 
# 
_struct_ref_seq.align_id                      1 
_struct_ref_seq.ref_id                        1 
_struct_ref_seq.pdbx_PDB_id_code              7O38 
_struct_ref_seq.pdbx_strand_id                A 
_struct_ref_seq.seq_align_beg                 1 
_struct_ref_seq.pdbx_seq_align_beg_ins_code   ? 
_struct_ref_seq.seq_align_end                 89 
_struct_ref_seq.pdbx_seq_align_end_ins_code   ? 
_struct_ref_seq.pdbx_db_accession             Q30JB4 
_struct_ref_seq.db_align_beg                  33 
_struct_ref_seq.pdbx_db_align_beg_ins_code    ? 
_struct_ref_seq.db_align_end                  121 
_struct_ref_seq.pdbx_db_align_end_ins_code    ? 
_struct_ref_seq.pdbx_auth_seq_align_beg       30 
_struct_ref_seq.pdbx_auth_seq_align_end       118 
# 
_pdbx_struct_assembly.id                   1 
_pdbx_struct_assembly.details              author_and_software_defined_assembly 
_pdbx_struct_assembly.method_details       PISA 
_pdbx_struct_assembly.oligomeric_details   monomeric 
_pdbx_struct_assembly.oligomeric_count     1 
# 
loop_
_pdbx_struct_assembly_prop.biol_id 
_pdbx_struct_assembly_prop.type 
_pdbx_struct_assembly_prop.value 
_pdbx_struct_assembly_prop.details 
1 'ABSA (A^2)' 1630 ? 
1 MORE         -28  ? 
1 'SSA (A^2)'  5140 ? 
# 
_pdbx_struct_assembly_gen.assembly_id       1 
_pdbx_struct_assembly_gen.oper_expression   1 
_pdbx_struct_assembly_gen.asym_id_list      A,B,C,D,E 
# 
_pdbx_struct_assembly_auth_evidence.id                     1 
_pdbx_struct_assembly_auth_evidence.assembly_id            1 
_pdbx_struct_assembly_auth_evidence.experimental_support   none 
_pdbx_struct_assembly_auth_evidence.details                ? 
# 
_pdbx_struct_oper_list.id                   1 
_pdbx_struct_oper_list.type                 'identity operation' 
_pdbx_struct_oper_list.name                 1_555 
_pdbx_struct_oper_list.symmetry_operation   x,y,z 
_pdbx_struct_oper_list.matrix[1][1]         1.0000000000 
_pdbx_struct_oper_list.matrix[1][2]         0.0000000000 
_pdbx_struct_oper_list.matrix[1][3]         0.0000000000 
_pdbx_struct_oper_list.vector[1]            0.0000000000 
_pdbx_struct_oper_list.matrix[2][1]         0.0000000000 
_pdbx_struct_oper_list.matrix[2][2]         1.0000000000 
_pdbx_struct_oper_list.matrix[2][3]         0.0000000000 
_pdbx_struct_oper_list.vector[2]            0.0000000000 
_pdbx_struct_oper_list.matrix[3][1]         0.0000000000 
_pdbx_struct_oper_list.matrix[3][2]         0.0000000000 
_pdbx_struct_oper_list.matrix[3][3]         1.0000000000 
_pdbx_struct_oper_list.vector[3]            0.0000000000 
# 
loop_
_struct_conf.conf_type_id 
_struct_conf.id 
_struct_conf.pdbx_PDB_helix_id 
_struct_conf.beg_label_comp_id 
_struct_conf.beg_label_asym_id 
_struct_conf.beg_label_seq_id 
_struct_conf.pdbx_beg_PDB_ins_code 
_struct_conf.end_label_comp_id 
_struct_conf.end_label_asym_id 
_struct_conf.end_label_seq_id 
_struct_conf.pdbx_end_PDB_ins_code 
_struct_conf.beg_auth_comp_id 
_struct_conf.beg_auth_asym_id 
_struct_conf.beg_auth_seq_id 
_struct_conf.end_auth_comp_id 
_struct_conf.end_auth_asym_id 
_struct_conf.end_auth_seq_id 
_struct_conf.pdbx_PDB_helix_class 
_struct_conf.details 
_struct_conf.pdbx_PDB_helix_length 
HELX_P HELX_P1 AA1 ASP A 6  ? CYS A 15 ? ASP A 35 CYS A 44  1 ? 10 
HELX_P HELX_P2 AA2 CYS A 15 ? GLY A 20 ? CYS A 44 GLY A 49  1 ? 6  
HELX_P HELX_P3 AA3 ASN A 26 ? LEU A 32 ? ASN A 55 LEU A 61  1 ? 7  
HELX_P HELX_P4 AA4 ASP A 39 ? ASN A 44 ? ASP A 68 ASN A 73  1 ? 6  
HELX_P HELX_P5 AA5 THR A 47 ? GLY A 58 ? THR A 76 GLY A 87  1 ? 12 
HELX_P HELX_P6 AA6 THR A 70 ? LYS A 83 ? THR A 99 LYS A 112 1 ? 14 
# 
_struct_conf_type.id          HELX_P 
_struct_conf_type.criteria    ? 
_struct_conf_type.reference   ? 
# 
loop_
_struct_conn.id 
_struct_conn.conn_type_id 
_struct_conn.pdbx_leaving_atom_flag 
_struct_conn.pdbx_PDB_id 
_struct_conn.ptnr1_label_asym_id 
_struct_conn.ptnr1_label_comp_id 
_struct_conn.ptnr1_label_seq_id 
_struct_conn.ptnr1_label_atom_id 
_struct_conn.pdbx_ptnr1_label_alt_id 
_struct_conn.pdbx_ptnr1_PDB_ins_code 
_struct_conn.pdbx_ptnr1_standard_comp_id 
_struct_conn.ptnr1_symmetry 
_struct_conn.ptnr2_label_asym_id 
_struct_conn.ptnr2_label_comp_id 
_struct_conn.ptnr2_label_seq_id 
_struct_conn.ptnr2_label_atom_id 
_struct_conn.pdbx_ptnr2_label_alt_id 
_struct_conn.pdbx_ptnr2_PDB_ins_code 
_struct_conn.ptnr1_auth_asym_id 
_struct_conn.ptnr1_auth_comp_id 
_struct_conn.ptnr1_auth_seq_id 
_struct_conn.ptnr2_auth_asym_id 
_struct_conn.ptnr2_auth_comp_id 
_struct_conn.ptnr2_auth_seq_id 
_struct_conn.ptnr2_symmetry 
_struct_conn.pdbx_ptnr3_label_atom_id 
_struct_conn.pdbx_ptnr3_label_seq_id 
_struct_conn.pdbx_ptnr3_label_comp_id 
_struct_conn.pdbx_ptnr3_label_asym_id 
_struct_conn.pdbx_ptnr3_label_alt_id 
_struct_conn.pdbx_ptnr3_PDB_ins_code 
_struct_conn.details 
_struct_conn.pdbx_dist_value 
_struct_conn.pdbx_value_order 
_struct_conn.pdbx_role 
covale1 covale none ? A CYS 15 SG  ? ? ? 1_555 B HEC . CAB ? ? A CYS 44  A HEC 201 1_555 ? ? ? ? ? ? ? 1.766 ? ? 
covale2 covale none ? A CYS 18 SG  ? ? ? 1_555 B HEC . CAC ? ? A CYS 47  A HEC 201 1_555 ? ? ? ? ? ? ? 1.764 ? ? 
metalc1 metalc ?    ? A HIS 19 NE2 ? ? ? 1_555 B HEC . FE  ? ? A HIS 48  A HEC 201 1_555 ? ? ? ? ? ? ? 2.318 ? ? 
metalc2 metalc ?    ? B HEC .  FE  ? ? ? 1_555 D IMD . N3  ? ? A HEC 201 A IMD 203 1_555 ? ? ? ? ? ? ? 2.113 ? ? 
# 
loop_
_struct_conn_type.id 
_struct_conn_type.criteria 
_struct_conn_type.reference 
covale ? ? 
metalc ? ? 
# 
loop_
_pdbx_struct_conn_angle.id 
_pdbx_struct_conn_angle.ptnr1_label_atom_id 
_pdbx_struct_conn_angle.ptnr1_label_alt_id 
_pdbx_struct_conn_angle.ptnr1_label_asym_id 
_pdbx_struct_conn_angle.ptnr1_label_comp_id 
_pdbx_struct_conn_angle.ptnr1_label_seq_id 
_pdbx_struct_conn_angle.ptnr1_auth_atom_id 
_pdbx_struct_conn_angle.ptnr1_auth_asym_id 
_pdbx_struct_conn_angle.ptnr1_auth_comp_id 
_pdbx_struct_conn_angle.ptnr1_auth_seq_id 
_pdbx_struct_conn_angle.ptnr1_PDB_ins_code 
_pdbx_struct_conn_angle.ptnr1_symmetry 
_pdbx_struct_conn_angle.ptnr2_label_atom_id 
_pdbx_struct_conn_angle.ptnr2_label_alt_id 
_pdbx_struct_conn_angle.ptnr2_label_asym_id 
_pdbx_struct_conn_angle.ptnr2_label_comp_id 
_pdbx_struct_conn_angle.ptnr2_label_seq_id 
_pdbx_struct_conn_angle.ptnr2_auth_atom_id 
_pdbx_struct_conn_angle.ptnr2_auth_asym_id 
_pdbx_struct_conn_angle.ptnr2_auth_comp_id 
_pdbx_struct_conn_angle.ptnr2_auth_seq_id 
_pdbx_struct_conn_angle.ptnr2_PDB_ins_code 
_pdbx_struct_conn_angle.ptnr2_symmetry 
_pdbx_struct_conn_angle.ptnr3_label_atom_id 
_pdbx_struct_conn_angle.ptnr3_label_alt_id 
_pdbx_struct_conn_angle.ptnr3_label_asym_id 
_pdbx_struct_conn_angle.ptnr3_label_comp_id 
_pdbx_struct_conn_angle.ptnr3_label_seq_id 
_pdbx_struct_conn_angle.ptnr3_auth_atom_id 
_pdbx_struct_conn_angle.ptnr3_auth_asym_id 
_pdbx_struct_conn_angle.ptnr3_auth_comp_id 
_pdbx_struct_conn_angle.ptnr3_auth_seq_id 
_pdbx_struct_conn_angle.ptnr3_PDB_ins_code 
_pdbx_struct_conn_angle.ptnr3_symmetry 
_pdbx_struct_conn_angle.value 
_pdbx_struct_conn_angle.value_esd 
1  NE2 ? A HIS 19 ? A HIS 48  ? 1_555 FE ? B HEC . ? A HEC 201 ? 1_555 NA ? B HEC . ? A HEC 201 ? 1_555 94.9  ? 
2  NE2 ? A HIS 19 ? A HIS 48  ? 1_555 FE ? B HEC . ? A HEC 201 ? 1_555 NB ? B HEC . ? A HEC 201 ? 1_555 82.6  ? 
3  NA  ? B HEC .  ? A HEC 201 ? 1_555 FE ? B HEC . ? A HEC 201 ? 1_555 NB ? B HEC . ? A HEC 201 ? 1_555 90.7  ? 
4  NE2 ? A HIS 19 ? A HIS 48  ? 1_555 FE ? B HEC . ? A HEC 201 ? 1_555 NC ? B HEC . ? A HEC 201 ? 1_555 81.8  ? 
5  NA  ? B HEC .  ? A HEC 201 ? 1_555 FE ? B HEC . ? A HEC 201 ? 1_555 NC ? B HEC . ? A HEC 201 ? 1_555 175.8 ? 
6  NB  ? B HEC .  ? A HEC 201 ? 1_555 FE ? B HEC . ? A HEC 201 ? 1_555 NC ? B HEC . ? A HEC 201 ? 1_555 86.4  ? 
7  NE2 ? A HIS 19 ? A HIS 48  ? 1_555 FE ? B HEC . ? A HEC 201 ? 1_555 ND ? B HEC . ? A HEC 201 ? 1_555 91.5  ? 
8  NA  ? B HEC .  ? A HEC 201 ? 1_555 FE ? B HEC . ? A HEC 201 ? 1_555 ND ? B HEC . ? A HEC 201 ? 1_555 93.6  ? 
9  NB  ? B HEC .  ? A HEC 201 ? 1_555 FE ? B HEC . ? A HEC 201 ? 1_555 ND ? B HEC . ? A HEC 201 ? 1_555 173.0 ? 
10 NC  ? B HEC .  ? A HEC 201 ? 1_555 FE ? B HEC . ? A HEC 201 ? 1_555 ND ? B HEC . ? A HEC 201 ? 1_555 89.0  ? 
11 NE2 ? A HIS 19 ? A HIS 48  ? 1_555 FE ? B HEC . ? A HEC 201 ? 1_555 N3 ? D IMD . ? A IMD 203 ? 1_555 166.9 ? 
12 NA  ? B HEC .  ? A HEC 201 ? 1_555 FE ? B HEC . ? A HEC 201 ? 1_555 N3 ? D IMD . ? A IMD 203 ? 1_555 96.2  ? 
13 NB  ? B HEC .  ? A HEC 201 ? 1_555 FE ? B HEC . ? A HEC 201 ? 1_555 N3 ? D IMD . ? A IMD 203 ? 1_555 90.1  ? 
14 NC  ? B HEC .  ? A HEC 201 ? 1_555 FE ? B HEC . ? A HEC 201 ? 1_555 N3 ? D IMD . ? A IMD 203 ? 1_555 86.8  ? 
15 ND  ? B HEC .  ? A HEC 201 ? 1_555 FE ? B HEC . ? A HEC 201 ? 1_555 N3 ? D IMD . ? A IMD 203 ? 1_555 95.0  ? 
# 
loop_
_pdbx_modification_feature.ordinal 
_pdbx_modification_feature.label_comp_id 
_pdbx_modification_feature.label_asym_id 
_pdbx_modification_feature.label_seq_id 
_pdbx_modification_feature.label_alt_id 
_pdbx_modification_feature.modified_residue_label_comp_id 
_pdbx_modification_feature.modified_residue_label_asym_id 
_pdbx_modification_feature.modified_residue_label_seq_id 
_pdbx_modification_feature.modified_residue_label_alt_id 
_pdbx_modification_feature.auth_comp_id 
_pdbx_modification_feature.auth_asym_id 
_pdbx_modification_feature.auth_seq_id 
_pdbx_modification_feature.PDB_ins_code 
_pdbx_modification_feature.symmetry 
_pdbx_modification_feature.modified_residue_auth_comp_id 
_pdbx_modification_feature.modified_residue_auth_asym_id 
_pdbx_modification_feature.modified_residue_auth_seq_id 
_pdbx_modification_feature.modified_residue_PDB_ins_code 
_pdbx_modification_feature.modified_residue_symmetry 
_pdbx_modification_feature.comp_id_linking_atom 
_pdbx_modification_feature.modified_residue_id_linking_atom 
_pdbx_modification_feature.modified_residue_id 
_pdbx_modification_feature.ref_pcm_id 
_pdbx_modification_feature.ref_comp_id 
_pdbx_modification_feature.type 
_pdbx_modification_feature.category 
1 HEC B . ? CYS A 15 ? HEC A 201 ? 1_555 CYS A 44 ? 1_555 CAB SG CYS 2 HEC None Heme/heme-like 
2 HEC B . ? CYS A 18 ? HEC A 201 ? 1_555 CYS A 47 ? 1_555 CAC SG CYS 3 HEC None Heme/heme-like 
# 
_pdbx_entry_details.entry_id                   7O38 
_pdbx_entry_details.has_ligand_of_interest     N 
_pdbx_entry_details.compound_details           ? 
_pdbx_entry_details.source_details             ? 
_pdbx_entry_details.nonpolymer_details         ? 
_pdbx_entry_details.sequence_details           ? 
_pdbx_entry_details.has_protein_modification   Y 
# 
_pdbx_validate_rmsd_angle.id                         1 
_pdbx_validate_rmsd_angle.PDB_model_num              1 
_pdbx_validate_rmsd_angle.auth_atom_id_1             C 
_pdbx_validate_rmsd_angle.auth_asym_id_1             A 
_pdbx_validate_rmsd_angle.auth_comp_id_1             GLY 
_pdbx_validate_rmsd_angle.auth_seq_id_1              87 
_pdbx_validate_rmsd_angle.PDB_ins_code_1             ? 
_pdbx_validate_rmsd_angle.label_alt_id_1             ? 
_pdbx_validate_rmsd_angle.auth_atom_id_2             N 
_pdbx_validate_rmsd_angle.auth_asym_id_2             A 
_pdbx_validate_rmsd_angle.auth_comp_id_2             LYS 
_pdbx_validate_rmsd_angle.auth_seq_id_2              88 
_pdbx_validate_rmsd_angle.PDB_ins_code_2             ? 
_pdbx_validate_rmsd_angle.label_alt_id_2             ? 
_pdbx_validate_rmsd_angle.auth_atom_id_3             CA 
_pdbx_validate_rmsd_angle.auth_asym_id_3             A 
_pdbx_validate_rmsd_angle.auth_comp_id_3             LYS 
_pdbx_validate_rmsd_angle.auth_seq_id_3              88 
_pdbx_validate_rmsd_angle.PDB_ins_code_3             ? 
_pdbx_validate_rmsd_angle.label_alt_id_3             ? 
_pdbx_validate_rmsd_angle.angle_value                106.51 
_pdbx_validate_rmsd_angle.angle_target_value         121.70 
_pdbx_validate_rmsd_angle.angle_deviation            -15.19 
_pdbx_validate_rmsd_angle.angle_standard_deviation   2.50 
_pdbx_validate_rmsd_angle.linker_flag                Y 
# 
loop_
_pdbx_validate_torsion.id 
_pdbx_validate_torsion.PDB_model_num 
_pdbx_validate_torsion.auth_comp_id 
_pdbx_validate_torsion.auth_asym_id 
_pdbx_validate_torsion.auth_seq_id 
_pdbx_validate_torsion.PDB_ins_code 
_pdbx_validate_torsion.label_alt_id 
_pdbx_validate_torsion.phi 
_pdbx_validate_torsion.psi 
1 1 LYS A 88 ? ? -103.46 -64.31 
2 1 ASN A 89 ? ? -107.87 -61.15 
# 
loop_
_space_group_symop.id 
_space_group_symop.operation_xyz 
1 x,y,z         
2 x-y,x,z+2/3   
3 y,-x+y,z+1/3  
4 -y,x-y,z+1/3  
5 -x+y,-x,z+2/3 
6 -x,-y,z       
# 
loop_
_pdbx_unobs_or_zero_occ_residues.id 
_pdbx_unobs_or_zero_occ_residues.PDB_model_num 
_pdbx_unobs_or_zero_occ_residues.polymer_flag 
_pdbx_unobs_or_zero_occ_residues.occupancy_flag 
_pdbx_unobs_or_zero_occ_residues.auth_asym_id 
_pdbx_unobs_or_zero_occ_residues.auth_comp_id 
_pdbx_unobs_or_zero_occ_residues.auth_seq_id 
_pdbx_unobs_or_zero_occ_residues.PDB_ins_code 
_pdbx_unobs_or_zero_occ_residues.label_asym_id 
_pdbx_unobs_or_zero_occ_residues.label_comp_id 
_pdbx_unobs_or_zero_occ_residues.label_seq_id 
1 1 Y 1 A GLU 30  ? A GLU 1  
2 1 Y 1 A GLU 31  ? A GLU 2  
3 1 Y 1 A LYS 32  ? A LYS 3  
4 1 Y 1 A ALA 33  ? A ALA 4  
5 1 Y 1 A LYS 115 ? A LYS 86 
6 1 Y 1 A LYS 116 ? A LYS 87 
7 1 Y 1 A GLN 117 ? A GLN 88 
8 1 Y 1 A ARG 118 ? A ARG 89 
# 
loop_
_chem_comp_atom.comp_id 
_chem_comp_atom.atom_id 
_chem_comp_atom.type_symbol 
_chem_comp_atom.pdbx_aromatic_flag 
_chem_comp_atom.pdbx_stereo_config 
_chem_comp_atom.pdbx_ordinal 
ALA N    N  N N 1   
ALA CA   C  N S 2   
ALA C    C  N N 3   
ALA O    O  N N 4   
ALA CB   C  N N 5   
ALA OXT  O  N N 6   
ALA H    H  N N 7   
ALA H2   H  N N 8   
ALA HA   H  N N 9   
ALA HB1  H  N N 10  
ALA HB2  H  N N 11  
ALA HB3  H  N N 12  
ALA HXT  H  N N 13  
ARG N    N  N N 14  
ARG CA   C  N S 15  
ARG C    C  N N 16  
ARG O    O  N N 17  
ARG CB   C  N N 18  
ARG CG   C  N N 19  
ARG CD   C  N N 20  
ARG NE   N  N N 21  
ARG CZ   C  N N 22  
ARG NH1  N  N N 23  
ARG NH2  N  N N 24  
ARG OXT  O  N N 25  
ARG H    H  N N 26  
ARG H2   H  N N 27  
ARG HA   H  N N 28  
ARG HB2  H  N N 29  
ARG HB3  H  N N 30  
ARG HG2  H  N N 31  
ARG HG3  H  N N 32  
ARG HD2  H  N N 33  
ARG HD3  H  N N 34  
ARG HE   H  N N 35  
ARG HH11 H  N N 36  
ARG HH12 H  N N 37  
ARG HH21 H  N N 38  
ARG HH22 H  N N 39  
ARG HXT  H  N N 40  
ASN N    N  N N 41  
ASN CA   C  N S 42  
ASN C    C  N N 43  
ASN O    O  N N 44  
ASN CB   C  N N 45  
ASN CG   C  N N 46  
ASN OD1  O  N N 47  
ASN ND2  N  N N 48  
ASN OXT  O  N N 49  
ASN H    H  N N 50  
ASN H2   H  N N 51  
ASN HA   H  N N 52  
ASN HB2  H  N N 53  
ASN HB3  H  N N 54  
ASN HD21 H  N N 55  
ASN HD22 H  N N 56  
ASN HXT  H  N N 57  
ASP N    N  N N 58  
ASP CA   C  N S 59  
ASP C    C  N N 60  
ASP O    O  N N 61  
ASP CB   C  N N 62  
ASP CG   C  N N 63  
ASP OD1  O  N N 64  
ASP OD2  O  N N 65  
ASP OXT  O  N N 66  
ASP H    H  N N 67  
ASP H2   H  N N 68  
ASP HA   H  N N 69  
ASP HB2  H  N N 70  
ASP HB3  H  N N 71  
ASP HD2  H  N N 72  
ASP HXT  H  N N 73  
CL  CL   CL N N 74  
CYS N    N  N N 75  
CYS CA   C  N R 76  
CYS C    C  N N 77  
CYS O    O  N N 78  
CYS CB   C  N N 79  
CYS SG   S  N N 80  
CYS OXT  O  N N 81  
CYS H    H  N N 82  
CYS H2   H  N N 83  
CYS HA   H  N N 84  
CYS HB2  H  N N 85  
CYS HB3  H  N N 86  
CYS HG   H  N N 87  
CYS HXT  H  N N 88  
GLN N    N  N N 89  
GLN CA   C  N S 90  
GLN C    C  N N 91  
GLN O    O  N N 92  
GLN CB   C  N N 93  
GLN CG   C  N N 94  
GLN CD   C  N N 95  
GLN OE1  O  N N 96  
GLN NE2  N  N N 97  
GLN OXT  O  N N 98  
GLN H    H  N N 99  
GLN H2   H  N N 100 
GLN HA   H  N N 101 
GLN HB2  H  N N 102 
GLN HB3  H  N N 103 
GLN HG2  H  N N 104 
GLN HG3  H  N N 105 
GLN HE21 H  N N 106 
GLN HE22 H  N N 107 
GLN HXT  H  N N 108 
GLU N    N  N N 109 
GLU CA   C  N S 110 
GLU C    C  N N 111 
GLU O    O  N N 112 
GLU CB   C  N N 113 
GLU CG   C  N N 114 
GLU CD   C  N N 115 
GLU OE1  O  N N 116 
GLU OE2  O  N N 117 
GLU OXT  O  N N 118 
GLU H    H  N N 119 
GLU H2   H  N N 120 
GLU HA   H  N N 121 
GLU HB2  H  N N 122 
GLU HB3  H  N N 123 
GLU HG2  H  N N 124 
GLU HG3  H  N N 125 
GLU HE2  H  N N 126 
GLU HXT  H  N N 127 
GLY N    N  N N 128 
GLY CA   C  N N 129 
GLY C    C  N N 130 
GLY O    O  N N 131 
GLY OXT  O  N N 132 
GLY H    H  N N 133 
GLY H2   H  N N 134 
GLY HA2  H  N N 135 
GLY HA3  H  N N 136 
GLY HXT  H  N N 137 
HEC FE   FE N N 138 
HEC CHA  C  N N 139 
HEC CHB  C  N N 140 
HEC CHC  C  N N 141 
HEC CHD  C  N N 142 
HEC NA   N  Y N 143 
HEC C1A  C  Y N 144 
HEC C2A  C  Y N 145 
HEC C3A  C  Y N 146 
HEC C4A  C  Y N 147 
HEC CMA  C  N N 148 
HEC CAA  C  N N 149 
HEC CBA  C  N N 150 
HEC CGA  C  N N 151 
HEC O1A  O  N N 152 
HEC O2A  O  N N 153 
HEC NB   N  Y N 154 
HEC C1B  C  Y N 155 
HEC C2B  C  Y N 156 
HEC C3B  C  Y N 157 
HEC C4B  C  Y N 158 
HEC CMB  C  N N 159 
HEC CAB  C  N N 160 
HEC CBB  C  N N 161 
HEC NC   N  Y N 162 
HEC C1C  C  Y N 163 
HEC C2C  C  Y N 164 
HEC C3C  C  Y N 165 
HEC C4C  C  Y N 166 
HEC CMC  C  N N 167 
HEC CAC  C  N N 168 
HEC CBC  C  N N 169 
HEC ND   N  Y N 170 
HEC C1D  C  Y N 171 
HEC C2D  C  Y N 172 
HEC C3D  C  Y N 173 
HEC C4D  C  Y N 174 
HEC CMD  C  N N 175 
HEC CAD  C  N N 176 
HEC CBD  C  N N 177 
HEC CGD  C  N N 178 
HEC O1D  O  N N 179 
HEC O2D  O  N N 180 
HEC HHA  H  N N 181 
HEC HHB  H  N N 182 
HEC HHC  H  N N 183 
HEC HHD  H  N N 184 
HEC HMA1 H  N N 185 
HEC HMA2 H  N N 186 
HEC HMA3 H  N N 187 
HEC HAA1 H  N N 188 
HEC HAA2 H  N N 189 
HEC HBA1 H  N N 190 
HEC HBA2 H  N N 191 
HEC H2A  H  N N 192 
HEC HMB1 H  N N 193 
HEC HMB2 H  N N 194 
HEC HMB3 H  N N 195 
HEC HAB  H  N N 196 
HEC HBB1 H  N N 197 
HEC HBB2 H  N N 198 
HEC HBB3 H  N N 199 
HEC HMC1 H  N N 200 
HEC HMC2 H  N N 201 
HEC HMC3 H  N N 202 
HEC HAC  H  N N 203 
HEC HBC1 H  N N 204 
HEC HBC2 H  N N 205 
HEC HBC3 H  N N 206 
HEC HMD1 H  N N 207 
HEC HMD2 H  N N 208 
HEC HMD3 H  N N 209 
HEC HAD1 H  N N 210 
HEC HAD2 H  N N 211 
HEC HBD1 H  N N 212 
HEC HBD2 H  N N 213 
HEC H2D  H  N N 214 
HIS N    N  N N 215 
HIS CA   C  N S 216 
HIS C    C  N N 217 
HIS O    O  N N 218 
HIS CB   C  N N 219 
HIS CG   C  Y N 220 
HIS ND1  N  Y N 221 
HIS CD2  C  Y N 222 
HIS CE1  C  Y N 223 
HIS NE2  N  Y N 224 
HIS OXT  O  N N 225 
HIS H    H  N N 226 
HIS H2   H  N N 227 
HIS HA   H  N N 228 
HIS HB2  H  N N 229 
HIS HB3  H  N N 230 
HIS HD1  H  N N 231 
HIS HD2  H  N N 232 
HIS HE1  H  N N 233 
HIS HE2  H  N N 234 
HIS HXT  H  N N 235 
HOH O    O  N N 236 
HOH H1   H  N N 237 
HOH H2   H  N N 238 
ILE N    N  N N 239 
ILE CA   C  N S 240 
ILE C    C  N N 241 
ILE O    O  N N 242 
ILE CB   C  N S 243 
ILE CG1  C  N N 244 
ILE CG2  C  N N 245 
ILE CD1  C  N N 246 
ILE OXT  O  N N 247 
ILE H    H  N N 248 
ILE H2   H  N N 249 
ILE HA   H  N N 250 
ILE HB   H  N N 251 
ILE HG12 H  N N 252 
ILE HG13 H  N N 253 
ILE HG21 H  N N 254 
ILE HG22 H  N N 255 
ILE HG23 H  N N 256 
ILE HD11 H  N N 257 
ILE HD12 H  N N 258 
ILE HD13 H  N N 259 
ILE HXT  H  N N 260 
IMD N1   N  Y N 261 
IMD C2   C  Y N 262 
IMD N3   N  Y N 263 
IMD C4   C  Y N 264 
IMD C5   C  Y N 265 
IMD HN1  H  N N 266 
IMD H2   H  N N 267 
IMD HN3  H  N N 268 
IMD H4   H  N N 269 
IMD H5   H  N N 270 
LEU N    N  N N 271 
LEU CA   C  N S 272 
LEU C    C  N N 273 
LEU O    O  N N 274 
LEU CB   C  N N 275 
LEU CG   C  N N 276 
LEU CD1  C  N N 277 
LEU CD2  C  N N 278 
LEU OXT  O  N N 279 
LEU H    H  N N 280 
LEU H2   H  N N 281 
LEU HA   H  N N 282 
LEU HB2  H  N N 283 
LEU HB3  H  N N 284 
LEU HG   H  N N 285 
LEU HD11 H  N N 286 
LEU HD12 H  N N 287 
LEU HD13 H  N N 288 
LEU HD21 H  N N 289 
LEU HD22 H  N N 290 
LEU HD23 H  N N 291 
LEU HXT  H  N N 292 
LYS N    N  N N 293 
LYS CA   C  N S 294 
LYS C    C  N N 295 
LYS O    O  N N 296 
LYS CB   C  N N 297 
LYS CG   C  N N 298 
LYS CD   C  N N 299 
LYS CE   C  N N 300 
LYS NZ   N  N N 301 
LYS OXT  O  N N 302 
LYS H    H  N N 303 
LYS H2   H  N N 304 
LYS HA   H  N N 305 
LYS HB2  H  N N 306 
LYS HB3  H  N N 307 
LYS HG2  H  N N 308 
LYS HG3  H  N N 309 
LYS HD2  H  N N 310 
LYS HD3  H  N N 311 
LYS HE2  H  N N 312 
LYS HE3  H  N N 313 
LYS HZ1  H  N N 314 
LYS HZ2  H  N N 315 
LYS HZ3  H  N N 316 
LYS HXT  H  N N 317 
MET N    N  N N 318 
MET CA   C  N S 319 
MET C    C  N N 320 
MET O    O  N N 321 
MET CB   C  N N 322 
MET CG   C  N N 323 
MET SD   S  N N 324 
MET CE   C  N N 325 
MET OXT  O  N N 326 
MET H    H  N N 327 
MET H2   H  N N 328 
MET HA   H  N N 329 
MET HB2  H  N N 330 
MET HB3  H  N N 331 
MET HG2  H  N N 332 
MET HG3  H  N N 333 
MET HE1  H  N N 334 
MET HE2  H  N N 335 
MET HE3  H  N N 336 
MET HXT  H  N N 337 
PHE N    N  N N 338 
PHE CA   C  N S 339 
PHE C    C  N N 340 
PHE O    O  N N 341 
PHE CB   C  N N 342 
PHE CG   C  Y N 343 
PHE CD1  C  Y N 344 
PHE CD2  C  Y N 345 
PHE CE1  C  Y N 346 
PHE CE2  C  Y N 347 
PHE CZ   C  Y N 348 
PHE OXT  O  N N 349 
PHE H    H  N N 350 
PHE H2   H  N N 351 
PHE HA   H  N N 352 
PHE HB2  H  N N 353 
PHE HB3  H  N N 354 
PHE HD1  H  N N 355 
PHE HD2  H  N N 356 
PHE HE1  H  N N 357 
PHE HE2  H  N N 358 
PHE HZ   H  N N 359 
PHE HXT  H  N N 360 
PRO N    N  N N 361 
PRO CA   C  N S 362 
PRO C    C  N N 363 
PRO O    O  N N 364 
PRO CB   C  N N 365 
PRO CG   C  N N 366 
PRO CD   C  N N 367 
PRO OXT  O  N N 368 
PRO H    H  N N 369 
PRO HA   H  N N 370 
PRO HB2  H  N N 371 
PRO HB3  H  N N 372 
PRO HG2  H  N N 373 
PRO HG3  H  N N 374 
PRO HD2  H  N N 375 
PRO HD3  H  N N 376 
PRO HXT  H  N N 377 
SER N    N  N N 378 
SER CA   C  N S 379 
SER C    C  N N 380 
SER O    O  N N 381 
SER CB   C  N N 382 
SER OG   O  N N 383 
SER OXT  O  N N 384 
SER H    H  N N 385 
SER H2   H  N N 386 
SER HA   H  N N 387 
SER HB2  H  N N 388 
SER HB3  H  N N 389 
SER HG   H  N N 390 
SER HXT  H  N N 391 
THR N    N  N N 392 
THR CA   C  N S 393 
THR C    C  N N 394 
THR O    O  N N 395 
THR CB   C  N R 396 
THR OG1  O  N N 397 
THR CG2  C  N N 398 
THR OXT  O  N N 399 
THR H    H  N N 400 
THR H2   H  N N 401 
THR HA   H  N N 402 
THR HB   H  N N 403 
THR HG1  H  N N 404 
THR HG21 H  N N 405 
THR HG22 H  N N 406 
THR HG23 H  N N 407 
THR HXT  H  N N 408 
TRP N    N  N N 409 
TRP CA   C  N S 410 
TRP C    C  N N 411 
TRP O    O  N N 412 
TRP CB   C  N N 413 
TRP CG   C  Y N 414 
TRP CD1  C  Y N 415 
TRP CD2  C  Y N 416 
TRP NE1  N  Y N 417 
TRP CE2  C  Y N 418 
TRP CE3  C  Y N 419 
TRP CZ2  C  Y N 420 
TRP CZ3  C  Y N 421 
TRP CH2  C  Y N 422 
TRP OXT  O  N N 423 
TRP H    H  N N 424 
TRP H2   H  N N 425 
TRP HA   H  N N 426 
TRP HB2  H  N N 427 
TRP HB3  H  N N 428 
TRP HD1  H  N N 429 
TRP HE1  H  N N 430 
TRP HE3  H  N N 431 
TRP HZ2  H  N N 432 
TRP HZ3  H  N N 433 
TRP HH2  H  N N 434 
TRP HXT  H  N N 435 
TYR N    N  N N 436 
TYR CA   C  N S 437 
TYR C    C  N N 438 
TYR O    O  N N 439 
TYR CB   C  N N 440 
TYR CG   C  Y N 441 
TYR CD1  C  Y N 442 
TYR CD2  C  Y N 443 
TYR CE1  C  Y N 444 
TYR CE2  C  Y N 445 
TYR CZ   C  Y N 446 
TYR OH   O  N N 447 
TYR OXT  O  N N 448 
TYR H    H  N N 449 
TYR H2   H  N N 450 
TYR HA   H  N N 451 
TYR HB2  H  N N 452 
TYR HB3  H  N N 453 
TYR HD1  H  N N 454 
TYR HD2  H  N N 455 
TYR HE1  H  N N 456 
TYR HE2  H  N N 457 
TYR HH   H  N N 458 
TYR HXT  H  N N 459 
VAL N    N  N N 460 
VAL CA   C  N S 461 
VAL C    C  N N 462 
VAL O    O  N N 463 
VAL CB   C  N N 464 
VAL CG1  C  N N 465 
VAL CG2  C  N N 466 
VAL OXT  O  N N 467 
VAL H    H  N N 468 
VAL H2   H  N N 469 
VAL HA   H  N N 470 
VAL HB   H  N N 471 
VAL HG11 H  N N 472 
VAL HG12 H  N N 473 
VAL HG13 H  N N 474 
VAL HG21 H  N N 475 
VAL HG22 H  N N 476 
VAL HG23 H  N N 477 
VAL HXT  H  N N 478 
# 
loop_
_chem_comp_bond.comp_id 
_chem_comp_bond.atom_id_1 
_chem_comp_bond.atom_id_2 
_chem_comp_bond.value_order 
_chem_comp_bond.pdbx_aromatic_flag 
_chem_comp_bond.pdbx_stereo_config 
_chem_comp_bond.pdbx_ordinal 
ALA N   CA   sing N N 1   
ALA N   H    sing N N 2   
ALA N   H2   sing N N 3   
ALA CA  C    sing N N 4   
ALA CA  CB   sing N N 5   
ALA CA  HA   sing N N 6   
ALA C   O    doub N N 7   
ALA C   OXT  sing N N 8   
ALA CB  HB1  sing N N 9   
ALA CB  HB2  sing N N 10  
ALA CB  HB3  sing N N 11  
ALA OXT HXT  sing N N 12  
ARG N   CA   sing N N 13  
ARG N   H    sing N N 14  
ARG N   H2   sing N N 15  
ARG CA  C    sing N N 16  
ARG CA  CB   sing N N 17  
ARG CA  HA   sing N N 18  
ARG C   O    doub N N 19  
ARG C   OXT  sing N N 20  
ARG CB  CG   sing N N 21  
ARG CB  HB2  sing N N 22  
ARG CB  HB3  sing N N 23  
ARG CG  CD   sing N N 24  
ARG CG  HG2  sing N N 25  
ARG CG  HG3  sing N N 26  
ARG CD  NE   sing N N 27  
ARG CD  HD2  sing N N 28  
ARG CD  HD3  sing N N 29  
ARG NE  CZ   sing N N 30  
ARG NE  HE   sing N N 31  
ARG CZ  NH1  sing N N 32  
ARG CZ  NH2  doub N N 33  
ARG NH1 HH11 sing N N 34  
ARG NH1 HH12 sing N N 35  
ARG NH2 HH21 sing N N 36  
ARG NH2 HH22 sing N N 37  
ARG OXT HXT  sing N N 38  
ASN N   CA   sing N N 39  
ASN N   H    sing N N 40  
ASN N   H2   sing N N 41  
ASN CA  C    sing N N 42  
ASN CA  CB   sing N N 43  
ASN CA  HA   sing N N 44  
ASN C   O    doub N N 45  
ASN C   OXT  sing N N 46  
ASN CB  CG   sing N N 47  
ASN CB  HB2  sing N N 48  
ASN CB  HB3  sing N N 49  
ASN CG  OD1  doub N N 50  
ASN CG  ND2  sing N N 51  
ASN ND2 HD21 sing N N 52  
ASN ND2 HD22 sing N N 53  
ASN OXT HXT  sing N N 54  
ASP N   CA   sing N N 55  
ASP N   H    sing N N 56  
ASP N   H2   sing N N 57  
ASP CA  C    sing N N 58  
ASP CA  CB   sing N N 59  
ASP CA  HA   sing N N 60  
ASP C   O    doub N N 61  
ASP C   OXT  sing N N 62  
ASP CB  CG   sing N N 63  
ASP CB  HB2  sing N N 64  
ASP CB  HB3  sing N N 65  
ASP CG  OD1  doub N N 66  
ASP CG  OD2  sing N N 67  
ASP OD2 HD2  sing N N 68  
ASP OXT HXT  sing N N 69  
CYS N   CA   sing N N 70  
CYS N   H    sing N N 71  
CYS N   H2   sing N N 72  
CYS CA  C    sing N N 73  
CYS CA  CB   sing N N 74  
CYS CA  HA   sing N N 75  
CYS C   O    doub N N 76  
CYS C   OXT  sing N N 77  
CYS CB  SG   sing N N 78  
CYS CB  HB2  sing N N 79  
CYS CB  HB3  sing N N 80  
CYS SG  HG   sing N N 81  
CYS OXT HXT  sing N N 82  
GLN N   CA   sing N N 83  
GLN N   H    sing N N 84  
GLN N   H2   sing N N 85  
GLN CA  C    sing N N 86  
GLN CA  CB   sing N N 87  
GLN CA  HA   sing N N 88  
GLN C   O    doub N N 89  
GLN C   OXT  sing N N 90  
GLN CB  CG   sing N N 91  
GLN CB  HB2  sing N N 92  
GLN CB  HB3  sing N N 93  
GLN CG  CD   sing N N 94  
GLN CG  HG2  sing N N 95  
GLN CG  HG3  sing N N 96  
GLN CD  OE1  doub N N 97  
GLN CD  NE2  sing N N 98  
GLN NE2 HE21 sing N N 99  
GLN NE2 HE22 sing N N 100 
GLN OXT HXT  sing N N 101 
GLU N   CA   sing N N 102 
GLU N   H    sing N N 103 
GLU N   H2   sing N N 104 
GLU CA  C    sing N N 105 
GLU CA  CB   sing N N 106 
GLU CA  HA   sing N N 107 
GLU C   O    doub N N 108 
GLU C   OXT  sing N N 109 
GLU CB  CG   sing N N 110 
GLU CB  HB2  sing N N 111 
GLU CB  HB3  sing N N 112 
GLU CG  CD   sing N N 113 
GLU CG  HG2  sing N N 114 
GLU CG  HG3  sing N N 115 
GLU CD  OE1  doub N N 116 
GLU CD  OE2  sing N N 117 
GLU OE2 HE2  sing N N 118 
GLU OXT HXT  sing N N 119 
GLY N   CA   sing N N 120 
GLY N   H    sing N N 121 
GLY N   H2   sing N N 122 
GLY CA  C    sing N N 123 
GLY CA  HA2  sing N N 124 
GLY CA  HA3  sing N N 125 
GLY C   O    doub N N 126 
GLY C   OXT  sing N N 127 
GLY OXT HXT  sing N N 128 
HEC FE  NA   sing N N 129 
HEC FE  NB   sing N N 130 
HEC FE  NC   sing N N 131 
HEC FE  ND   sing N N 132 
HEC CHA C1A  doub N N 133 
HEC CHA C4D  sing N N 134 
HEC CHA HHA  sing N N 135 
HEC CHB C4A  doub N N 136 
HEC CHB C1B  sing N N 137 
HEC CHB HHB  sing N N 138 
HEC CHC C4B  doub N N 139 
HEC CHC C1C  sing N N 140 
HEC CHC HHC  sing N N 141 
HEC CHD C4C  doub N N 142 
HEC CHD C1D  sing N N 143 
HEC CHD HHD  sing N N 144 
HEC NA  C1A  sing Y N 145 
HEC NA  C4A  sing Y N 146 
HEC C1A C2A  sing Y N 147 
HEC C2A C3A  doub Y N 148 
HEC C2A CAA  sing N N 149 
HEC C3A C4A  sing Y N 150 
HEC C3A CMA  sing N N 151 
HEC CMA HMA1 sing N N 152 
HEC CMA HMA2 sing N N 153 
HEC CMA HMA3 sing N N 154 
HEC CAA CBA  sing N N 155 
HEC CAA HAA1 sing N N 156 
HEC CAA HAA2 sing N N 157 
HEC CBA CGA  sing N N 158 
HEC CBA HBA1 sing N N 159 
HEC CBA HBA2 sing N N 160 
HEC CGA O1A  doub N N 161 
HEC CGA O2A  sing N N 162 
HEC O2A H2A  sing N N 163 
HEC NB  C1B  sing Y N 164 
HEC NB  C4B  sing Y N 165 
HEC C1B C2B  doub Y N 166 
HEC C2B C3B  sing Y N 167 
HEC C2B CMB  sing N N 168 
HEC C3B C4B  sing Y N 169 
HEC C3B CAB  doub N E 170 
HEC CMB HMB1 sing N N 171 
HEC CMB HMB2 sing N N 172 
HEC CMB HMB3 sing N N 173 
HEC CAB CBB  sing N N 174 
HEC CAB HAB  sing N N 175 
HEC CBB HBB1 sing N N 176 
HEC CBB HBB2 sing N N 177 
HEC CBB HBB3 sing N N 178 
HEC NC  C1C  sing Y N 179 
HEC NC  C4C  sing Y N 180 
HEC C1C C2C  doub Y N 181 
HEC C2C C3C  sing Y N 182 
HEC C2C CMC  sing N N 183 
HEC C3C C4C  sing Y N 184 
HEC C3C CAC  doub N E 185 
HEC CMC HMC1 sing N N 186 
HEC CMC HMC2 sing N N 187 
HEC CMC HMC3 sing N N 188 
HEC CAC CBC  sing N N 189 
HEC CAC HAC  sing N N 190 
HEC CBC HBC1 sing N N 191 
HEC CBC HBC2 sing N N 192 
HEC CBC HBC3 sing N N 193 
HEC ND  C1D  sing Y N 194 
HEC ND  C4D  sing Y N 195 
HEC C1D C2D  doub Y N 196 
HEC C2D C3D  sing Y N 197 
HEC C2D CMD  sing N N 198 
HEC C3D C4D  doub Y N 199 
HEC C3D CAD  sing N N 200 
HEC CMD HMD1 sing N N 201 
HEC CMD HMD2 sing N N 202 
HEC CMD HMD3 sing N N 203 
HEC CAD CBD  sing N N 204 
HEC CAD HAD1 sing N N 205 
HEC CAD HAD2 sing N N 206 
HEC CBD CGD  sing N N 207 
HEC CBD HBD1 sing N N 208 
HEC CBD HBD2 sing N N 209 
HEC CGD O1D  doub N N 210 
HEC CGD O2D  sing N N 211 
HEC O2D H2D  sing N N 212 
HIS N   CA   sing N N 213 
HIS N   H    sing N N 214 
HIS N   H2   sing N N 215 
HIS CA  C    sing N N 216 
HIS CA  CB   sing N N 217 
HIS CA  HA   sing N N 218 
HIS C   O    doub N N 219 
HIS C   OXT  sing N N 220 
HIS CB  CG   sing N N 221 
HIS CB  HB2  sing N N 222 
HIS CB  HB3  sing N N 223 
HIS CG  ND1  sing Y N 224 
HIS CG  CD2  doub Y N 225 
HIS ND1 CE1  doub Y N 226 
HIS ND1 HD1  sing N N 227 
HIS CD2 NE2  sing Y N 228 
HIS CD2 HD2  sing N N 229 
HIS CE1 NE2  sing Y N 230 
HIS CE1 HE1  sing N N 231 
HIS NE2 HE2  sing N N 232 
HIS OXT HXT  sing N N 233 
HOH O   H1   sing N N 234 
HOH O   H2   sing N N 235 
ILE N   CA   sing N N 236 
ILE N   H    sing N N 237 
ILE N   H2   sing N N 238 
ILE CA  C    sing N N 239 
ILE CA  CB   sing N N 240 
ILE CA  HA   sing N N 241 
ILE C   O    doub N N 242 
ILE C   OXT  sing N N 243 
ILE CB  CG1  sing N N 244 
ILE CB  CG2  sing N N 245 
ILE CB  HB   sing N N 246 
ILE CG1 CD1  sing N N 247 
ILE CG1 HG12 sing N N 248 
ILE CG1 HG13 sing N N 249 
ILE CG2 HG21 sing N N 250 
ILE CG2 HG22 sing N N 251 
ILE CG2 HG23 sing N N 252 
ILE CD1 HD11 sing N N 253 
ILE CD1 HD12 sing N N 254 
ILE CD1 HD13 sing N N 255 
ILE OXT HXT  sing N N 256 
IMD N1  C2   sing Y N 257 
IMD N1  C5   sing Y N 258 
IMD N1  HN1  sing N N 259 
IMD C2  N3   doub Y N 260 
IMD C2  H2   sing N N 261 
IMD N3  C4   sing Y N 262 
IMD N3  HN3  sing N N 263 
IMD C4  C5   doub Y N 264 
IMD C4  H4   sing N N 265 
IMD C5  H5   sing N N 266 
LEU N   CA   sing N N 267 
LEU N   H    sing N N 268 
LEU N   H2   sing N N 269 
LEU CA  C    sing N N 270 
LEU CA  CB   sing N N 271 
LEU CA  HA   sing N N 272 
LEU C   O    doub N N 273 
LEU C   OXT  sing N N 274 
LEU CB  CG   sing N N 275 
LEU CB  HB2  sing N N 276 
LEU CB  HB3  sing N N 277 
LEU CG  CD1  sing N N 278 
LEU CG  CD2  sing N N 279 
LEU CG  HG   sing N N 280 
LEU CD1 HD11 sing N N 281 
LEU CD1 HD12 sing N N 282 
LEU CD1 HD13 sing N N 283 
LEU CD2 HD21 sing N N 284 
LEU CD2 HD22 sing N N 285 
LEU CD2 HD23 sing N N 286 
LEU OXT HXT  sing N N 287 
LYS N   CA   sing N N 288 
LYS N   H    sing N N 289 
LYS N   H2   sing N N 290 
LYS CA  C    sing N N 291 
LYS CA  CB   sing N N 292 
LYS CA  HA   sing N N 293 
LYS C   O    doub N N 294 
LYS C   OXT  sing N N 295 
LYS CB  CG   sing N N 296 
LYS CB  HB2  sing N N 297 
LYS CB  HB3  sing N N 298 
LYS CG  CD   sing N N 299 
LYS CG  HG2  sing N N 300 
LYS CG  HG3  sing N N 301 
LYS CD  CE   sing N N 302 
LYS CD  HD2  sing N N 303 
LYS CD  HD3  sing N N 304 
LYS CE  NZ   sing N N 305 
LYS CE  HE2  sing N N 306 
LYS CE  HE3  sing N N 307 
LYS NZ  HZ1  sing N N 308 
LYS NZ  HZ2  sing N N 309 
LYS NZ  HZ3  sing N N 310 
LYS OXT HXT  sing N N 311 
MET N   CA   sing N N 312 
MET N   H    sing N N 313 
MET N   H2   sing N N 314 
MET CA  C    sing N N 315 
MET CA  CB   sing N N 316 
MET CA  HA   sing N N 317 
MET C   O    doub N N 318 
MET C   OXT  sing N N 319 
MET CB  CG   sing N N 320 
MET CB  HB2  sing N N 321 
MET CB  HB3  sing N N 322 
MET CG  SD   sing N N 323 
MET CG  HG2  sing N N 324 
MET CG  HG3  sing N N 325 
MET SD  CE   sing N N 326 
MET CE  HE1  sing N N 327 
MET CE  HE2  sing N N 328 
MET CE  HE3  sing N N 329 
MET OXT HXT  sing N N 330 
PHE N   CA   sing N N 331 
PHE N   H    sing N N 332 
PHE N   H2   sing N N 333 
PHE CA  C    sing N N 334 
PHE CA  CB   sing N N 335 
PHE CA  HA   sing N N 336 
PHE C   O    doub N N 337 
PHE C   OXT  sing N N 338 
PHE CB  CG   sing N N 339 
PHE CB  HB2  sing N N 340 
PHE CB  HB3  sing N N 341 
PHE CG  CD1  doub Y N 342 
PHE CG  CD2  sing Y N 343 
PHE CD1 CE1  sing Y N 344 
PHE CD1 HD1  sing N N 345 
PHE CD2 CE2  doub Y N 346 
PHE CD2 HD2  sing N N 347 
PHE CE1 CZ   doub Y N 348 
PHE CE1 HE1  sing N N 349 
PHE CE2 CZ   sing Y N 350 
PHE CE2 HE2  sing N N 351 
PHE CZ  HZ   sing N N 352 
PHE OXT HXT  sing N N 353 
PRO N   CA   sing N N 354 
PRO N   CD   sing N N 355 
PRO N   H    sing N N 356 
PRO CA  C    sing N N 357 
PRO CA  CB   sing N N 358 
PRO CA  HA   sing N N 359 
PRO C   O    doub N N 360 
PRO C   OXT  sing N N 361 
PRO CB  CG   sing N N 362 
PRO CB  HB2  sing N N 363 
PRO CB  HB3  sing N N 364 
PRO CG  CD   sing N N 365 
PRO CG  HG2  sing N N 366 
PRO CG  HG3  sing N N 367 
PRO CD  HD2  sing N N 368 
PRO CD  HD3  sing N N 369 
PRO OXT HXT  sing N N 370 
SER N   CA   sing N N 371 
SER N   H    sing N N 372 
SER N   H2   sing N N 373 
SER CA  C    sing N N 374 
SER CA  CB   sing N N 375 
SER CA  HA   sing N N 376 
SER C   O    doub N N 377 
SER C   OXT  sing N N 378 
SER CB  OG   sing N N 379 
SER CB  HB2  sing N N 380 
SER CB  HB3  sing N N 381 
SER OG  HG   sing N N 382 
SER OXT HXT  sing N N 383 
THR N   CA   sing N N 384 
THR N   H    sing N N 385 
THR N   H2   sing N N 386 
THR CA  C    sing N N 387 
THR CA  CB   sing N N 388 
THR CA  HA   sing N N 389 
THR C   O    doub N N 390 
THR C   OXT  sing N N 391 
THR CB  OG1  sing N N 392 
THR CB  CG2  sing N N 393 
THR CB  HB   sing N N 394 
THR OG1 HG1  sing N N 395 
THR CG2 HG21 sing N N 396 
THR CG2 HG22 sing N N 397 
THR CG2 HG23 sing N N 398 
THR OXT HXT  sing N N 399 
TRP N   CA   sing N N 400 
TRP N   H    sing N N 401 
TRP N   H2   sing N N 402 
TRP CA  C    sing N N 403 
TRP CA  CB   sing N N 404 
TRP CA  HA   sing N N 405 
TRP C   O    doub N N 406 
TRP C   OXT  sing N N 407 
TRP CB  CG   sing N N 408 
TRP CB  HB2  sing N N 409 
TRP CB  HB3  sing N N 410 
TRP CG  CD1  doub Y N 411 
TRP CG  CD2  sing Y N 412 
TRP CD1 NE1  sing Y N 413 
TRP CD1 HD1  sing N N 414 
TRP CD2 CE2  doub Y N 415 
TRP CD2 CE3  sing Y N 416 
TRP NE1 CE2  sing Y N 417 
TRP NE1 HE1  sing N N 418 
TRP CE2 CZ2  sing Y N 419 
TRP CE3 CZ3  doub Y N 420 
TRP CE3 HE3  sing N N 421 
TRP CZ2 CH2  doub Y N 422 
TRP CZ2 HZ2  sing N N 423 
TRP CZ3 CH2  sing Y N 424 
TRP CZ3 HZ3  sing N N 425 
TRP CH2 HH2  sing N N 426 
TRP OXT HXT  sing N N 427 
TYR N   CA   sing N N 428 
TYR N   H    sing N N 429 
TYR N   H2   sing N N 430 
TYR CA  C    sing N N 431 
TYR CA  CB   sing N N 432 
TYR CA  HA   sing N N 433 
TYR C   O    doub N N 434 
TYR C   OXT  sing N N 435 
TYR CB  CG   sing N N 436 
TYR CB  HB2  sing N N 437 
TYR CB  HB3  sing N N 438 
TYR CG  CD1  doub Y N 439 
TYR CG  CD2  sing Y N 440 
TYR CD1 CE1  sing Y N 441 
TYR CD1 HD1  sing N N 442 
TYR CD2 CE2  doub Y N 443 
TYR CD2 HD2  sing N N 444 
TYR CE1 CZ   doub Y N 445 
TYR CE1 HE1  sing N N 446 
TYR CE2 CZ   sing Y N 447 
TYR CE2 HE2  sing N N 448 
TYR CZ  OH   sing N N 449 
TYR OH  HH   sing N N 450 
TYR OXT HXT  sing N N 451 
VAL N   CA   sing N N 452 
VAL N   H    sing N N 453 
VAL N   H2   sing N N 454 
VAL CA  C    sing N N 455 
VAL CA  CB   sing N N 456 
VAL CA  HA   sing N N 457 
VAL C   O    doub N N 458 
VAL C   OXT  sing N N 459 
VAL CB  CG1  sing N N 460 
VAL CB  CG2  sing N N 461 
VAL CB  HB   sing N N 462 
VAL CG1 HG11 sing N N 463 
VAL CG1 HG12 sing N N 464 
VAL CG1 HG13 sing N N 465 
VAL CG2 HG21 sing N N 466 
VAL CG2 HG22 sing N N 467 
VAL CG2 HG23 sing N N 468 
VAL OXT HXT  sing N N 469 
# 
_pdbx_initial_refinement_model.id               1 
_pdbx_initial_refinement_model.entity_id_list   ? 
_pdbx_initial_refinement_model.type             'experimental model' 
_pdbx_initial_refinement_model.source_name      PDB 
_pdbx_initial_refinement_model.accession_code   5MXY 
_pdbx_initial_refinement_model.details          ? 
# 
_space_group.name_H-M_alt     'P 64' 
_space_group.name_Hall        'P 64' 
_space_group.IT_number        172 
_space_group.crystal_system   hexagonal 
_space_group.id               1 
# 
_atom_sites.entry_id                    7O38 
_atom_sites.Cartn_transf_matrix[1][1]   ? 
_atom_sites.Cartn_transf_matrix[1][2]   ? 
_atom_sites.Cartn_transf_matrix[1][3]   ? 
_atom_sites.Cartn_transf_matrix[2][1]   ? 
_atom_sites.Cartn_transf_matrix[2][2]   ? 
_atom_sites.Cartn_transf_matrix[2][3]   ? 
_atom_sites.Cartn_transf_matrix[3][1]   ? 
_atom_sites.Cartn_transf_matrix[3][2]   ? 
_atom_sites.Cartn_transf_matrix[3][3]   ? 
_atom_sites.Cartn_transf_vector[1]      ? 
_atom_sites.Cartn_transf_vector[2]      ? 
_atom_sites.Cartn_transf_vector[3]      ? 
_atom_sites.fract_transf_matrix[1][1]   0.00633814 
_atom_sites.fract_transf_matrix[1][2]   0.00481681 
_atom_sites.fract_transf_matrix[1][3]   0.00810401 
_atom_sites.fract_transf_matrix[2][1]   0.01127478 
_atom_sites.fract_transf_matrix[2][2]   0.00063671 
_atom_sites.fract_transf_matrix[2][3]   -0.00123435 
_atom_sites.fract_transf_matrix[3][1]   -0.00350885 
_atom_sites.fract_transf_matrix[3][2]   0.03134095 
_atom_sites.fract_transf_matrix[3][3]   -0.01588394 
_atom_sites.fract_transf_vector[1]      -0.409547 
_atom_sites.fract_transf_vector[2]      0.158656 
_atom_sites.fract_transf_vector[3]      0.503589 
_atom_sites.solution_primary            ? 
_atom_sites.solution_secondary          ? 
_atom_sites.solution_hydrogens          ? 
_atom_sites.special_details             ? 
# 
loop_
_atom_type.symbol 
_atom_type.scat_dispersion_real 
_atom_type.scat_dispersion_imag 
_atom_type.scat_Cromer_Mann_a1 
_atom_type.scat_Cromer_Mann_a2 
_atom_type.scat_Cromer_Mann_a3 
_atom_type.scat_Cromer_Mann_a4 
_atom_type.scat_Cromer_Mann_b1 
_atom_type.scat_Cromer_Mann_b2 
_atom_type.scat_Cromer_Mann_b3 
_atom_type.scat_Cromer_Mann_b4 
_atom_type.scat_Cromer_Mann_c 
_atom_type.scat_source 
_atom_type.scat_dispersion_source 
C  ? ? 3.54356  2.42580 ? ? 25.62398 1.50364  ? ? 0.0 
;2-Gaussian fit: Grosse-Kunstleve RW, Sauter NK, Adams PD: Newsletter of the IUCr Commission on Crystallographic Computing 2004, 3, 22-31.
;
? 
CL ? ? 9.50761  7.44341 ? ? 1.04373  23.83732 ? ? 0.0 
;2-Gaussian fit: Grosse-Kunstleve RW, Sauter NK, Adams PD: Newsletter of the IUCr Commission on Crystallographic Computing 2004, 3, 22-31.
;
? 
FE ? ? 20.90327 4.99816 ? ? 2.55100  38.46870 ? ? 0.0 
;2-Gaussian fit: Grosse-Kunstleve RW, Sauter NK, Adams PD: Newsletter of the IUCr Commission on Crystallographic Computing 2004, 3, 22-31.
;
? 
N  ? ? 6.96715  ?       ? ? 11.43723 ?        ? ? 0.0 
;1-Gaussian fit: Grosse-Kunstleve RW, Sauter NK, Adams PD: Newsletter of the IUCr Commission on Crystallographic Computing 2004, 3, 22-31.
;
? 
O  ? ? 7.96527  ?       ? ? 9.05267  ?        ? ? 0.0 
;1-Gaussian fit: Grosse-Kunstleve RW, Sauter NK, Adams PD: Newsletter of the IUCr Commission on Crystallographic Computing 2004, 3, 22-31.
;
? 
S  ? ? 9.55732  6.39887 ? ? 1.23737  29.19336 ? ? 0.0 
;2-Gaussian fit: Grosse-Kunstleve RW, Sauter NK, Adams PD: Newsletter of the IUCr Commission on Crystallographic Computing 2004, 3, 22-31.
;
? 
# 
loop_
_atom_site.group_PDB 
_atom_site.id 
_atom_site.type_symbol 
_atom_site.label_atom_id 
_atom_site.label_alt_id 
_atom_site.label_comp_id 
_atom_site.label_asym_id 
_atom_site.label_entity_id 
_atom_site.label_seq_id 
_atom_site.pdbx_PDB_ins_code 
_atom_site.Cartn_x 
_atom_site.Cartn_y 
_atom_site.Cartn_z 
_atom_site.occupancy 
_atom_site.B_iso_or_equiv 
_atom_site.pdbx_formal_charge 
_atom_site.auth_seq_id 
_atom_site.auth_comp_id 
_atom_site.auth_asym_id 
_atom_site.auth_atom_id 
_atom_site.pdbx_PDB_model_num 
ATOM   1   N  N   . ILE A 1 5  ? 0.66814   13.28835  10.34606  1.000 23.04312 ? 34  ILE A N   1 
ATOM   2   C  CA  . ILE A 1 5  ? 1.56070   12.45797  9.53472   1.000 27.06053 ? 34  ILE A CA  1 
ATOM   3   C  C   . ILE A 1 5  ? 1.34728   12.72729  8.03712   1.000 30.56530 ? 34  ILE A C   1 
ATOM   4   O  O   . ILE A 1 5  ? 0.19540   12.81521  7.58918   1.000 28.58109 ? 34  ILE A O   1 
ATOM   5   C  CB  . ILE A 1 5  ? 1.38020   10.91975  9.85637   1.000 27.93350 ? 34  ILE A CB  1 
ATOM   6   C  CG1 . ILE A 1 5  ? 1.77845   10.57732  11.28798  1.000 21.49449 ? 34  ILE A CG1 1 
ATOM   7   C  CG2 . ILE A 1 5  ? 2.17173   10.02354  8.90762   1.000 23.08528 ? 34  ILE A CG2 1 
ATOM   8   C  CD1 . ILE A 1 5  ? 1.42281   9.17126   11.66165  1.000 21.80152 ? 34  ILE A CD1 1 
ATOM   9   N  N   . ASP A 1 6  ? 2.45109   12.84951  7.27208   1.000 21.06393 ? 35  ASP A N   1 
ATOM   10  C  CA  . ASP A 1 6  ? 2.39617   13.06475  5.82158   1.000 14.46119 ? 35  ASP A CA  1 
ATOM   11  C  C   . ASP A 1 6  ? 2.36431   11.72078  5.11479   1.000 19.66052 ? 35  ASP A C   1 
ATOM   12  O  O   . ASP A 1 6  ? 3.39152   11.20376  4.67918   1.000 21.79477 ? 35  ASP A O   1 
ATOM   13  C  CB  . ASP A 1 6  ? 3.57315   13.88641  5.32763   1.000 11.98766 ? 35  ASP A CB  1 
ATOM   14  C  CG  . ASP A 1 6  ? 3.30924   14.49596  3.95566   1.000 25.47104 ? 35  ASP A CG  1 
ATOM   15  O  OD1 . ASP A 1 6  ? 2.39127   14.02013  3.24268   1.000 26.85427 ? 35  ASP A OD1 1 
ATOM   16  O  OD2 . ASP A 1 6  ? 4.02609   15.43679  3.56859   1.000 29.00585 ? 35  ASP A OD2 1 
ATOM   17  N  N   . ALA A 1 7  ? 1.16796   11.14843  4.97264   1.000 24.33922 ? 36  ALA A N   1 
ATOM   18  C  CA  . ALA A 1 7  ? 1.10185   9.79566   4.43559   1.000 16.73820 ? 36  ALA A CA  1 
ATOM   19  C  C   . ALA A 1 7  ? 1.44259   9.76711   2.96722   1.000 13.15802 ? 36  ALA A C   1 
ATOM   20  O  O   . ALA A 1 7  ? 1.99652   8.77752   2.49551   1.000 18.90965 ? 36  ALA A O   1 
ATOM   21  C  CB  . ALA A 1 7  ? -0.27570  9.17684   4.66178   1.000 19.53029 ? 36  ALA A CB  1 
ATOM   22  N  N   . ARG A 1 8  ? 1.13914   10.83212  2.22847   1.000 15.44633 ? 37  ARG A N   1 
ATOM   23  C  CA  . ARG A 1 8  ? 1.47018   10.82482  0.80714   1.000 14.29745 ? 37  ARG A CA  1 
ATOM   24  C  C   . ARG A 1 8  ? 2.96461   10.68621  0.60584   1.000 17.97483 ? 37  ARG A C   1 
ATOM   25  O  O   . ARG A 1 8  ? 3.42223   9.91726   -0.24801  1.000 21.31721 ? 37  ARG A O   1 
ATOM   26  C  CB  . ARG A 1 8  ? 0.98220   12.09103  0.12077   1.000 12.48745 ? 37  ARG A CB  1 
ATOM   27  C  CG  . ARG A 1 8  ? 1.24766   12.07660  -1.36661  1.000 16.19311 ? 37  ARG A CG  1 
ATOM   28  C  CD  . ARG A 1 8  ? 0.65939   13.28905  -2.05885  1.000 19.96168 ? 37  ARG A CD  1 
ATOM   29  N  NE  . ARG A 1 8  ? 1.41097   14.49835  -1.75279  1.000 19.71966 ? 37  ARG A NE  1 
ATOM   30  C  CZ  . ARG A 1 8  ? 2.59327   14.80406  -2.27316  1.000 22.33930 ? 37  ARG A CZ  1 
ATOM   31  N  NH1 . ARG A 1 8  ? 3.17676   13.99956  -3.15847  1.000 18.31376 ? 37  ARG A NH1 1 
ATOM   32  N  NH2 . ARG A 1 8  ? 3.18835   15.92700  -1.90441  1.000 27.32533 ? 37  ARG A NH2 1 
ATOM   33  N  N   . ASN A 1 9  ? 3.74237   11.40893  1.40165   1.000 19.16206 ? 38  ASN A N   1 
ATOM   34  C  CA  . ASN A 1 9  ? 5.17866   11.40922  1.20810   1.000 14.17901 ? 38  ASN A CA  1 
ATOM   35  C  C   . ASN A 1 9  ? 5.79527   10.11321  1.69734   1.000 15.34205 ? 38  ASN A C   1 
ATOM   36  O  O   . ASN A 1 9  ? 6.67079   9.55757   1.02213   1.000 21.21072 ? 38  ASN A O   1 
ATOM   37  C  CB  . ASN A 1 9  ? 5.78157   12.62580  1.88003   1.000 13.25927 ? 38  ASN A CB  1 
ATOM   38  C  CG  . ASN A 1 9  ? 5.75540   13.82736  0.97439   1.000 19.70549 ? 38  ASN A CG  1 
ATOM   39  O  OD1 . ASN A 1 9  ? 6.21983   13.76225  -0.17036  1.000 22.77673 ? 38  ASN A OD1 1 
ATOM   40  N  ND2 . ASN A 1 9  ? 5.16896   14.91983  1.45139   1.000 21.43034 ? 38  ASN A ND2 1 
ATOM   41  N  N   . LEU A 1 10 ? 5.33900   9.58596   2.83647   1.000 13.42940 ? 39  LEU A N   1 
ATOM   42  C  CA  . LEU A 1 10 ? 5.77052   8.23989   3.20118   1.000 14.36591 ? 39  LEU A CA  1 
ATOM   43  C  C   . LEU A 1 10 ? 5.50740   7.27567   2.05437   1.000 18.23302 ? 39  LEU A C   1 
ATOM   44  O  O   . LEU A 1 10 ? 6.38021   6.48946   1.67250   1.000 20.89418 ? 39  LEU A O   1 
ATOM   45  C  CB  . LEU A 1 10 ? 5.06228   7.75216   4.45929   1.000 13.25621 ? 39  LEU A CB  1 
ATOM   46  C  CG  . LEU A 1 10 ? 5.49243   8.34639   5.78364   1.000 15.68917 ? 39  LEU A CG  1 
ATOM   47  C  CD1 . LEU A 1 10 ? 4.58261   7.77459   6.84403   1.000 16.80581 ? 39  LEU A CD1 1 
ATOM   48  C  CD2 . LEU A 1 10 ? 6.93795   8.01730   6.07166   1.000 15.55790 ? 39  LEU A CD2 1 
ATOM   49  N  N   . PHE A 1 11 ? 4.31890   7.36137   1.45610   1.000 17.66050 ? 40  PHE A N   1 
ATOM   50  C  CA  . PHE A 1 11 ? 3.95575   6.42581   0.40089   1.000 16.28737 ? 40  PHE A CA  1 
ATOM   51  C  C   . PHE A 1 11 ? 4.91184   6.53260   -0.78040  1.000 17.60398 ? 40  PHE A C   1 
ATOM   52  O  O   . PHE A 1 11 ? 5.39597   5.51968   -1.29487  1.000 18.52814 ? 40  PHE A O   1 
ATOM   53  C  CB  . PHE A 1 11 ? 2.51499   6.66354   -0.04573  1.000 14.90646 ? 40  PHE A CB  1 
ATOM   54  C  CG  . PHE A 1 11 ? 2.03232   5.68244   -1.09312  1.000 21.65547 ? 40  PHE A CG  1 
ATOM   55  C  CD1 . PHE A 1 11 ? 2.22669   5.93958   -2.45385  1.000 14.85769 ? 40  PHE A CD1 1 
ATOM   56  C  CD2 . PHE A 1 11 ? 1.35340   4.51951   -0.72716  1.000 19.55633 ? 40  PHE A CD2 1 
ATOM   57  C  CE1 . PHE A 1 11 ? 1.77988   5.05132   -3.41022  1.000 13.90954 ? 40  PHE A CE1 1 
ATOM   58  C  CE2 . PHE A 1 11 ? 0.88718   3.62774   -1.69816  1.000 14.40925 ? 40  PHE A CE2 1 
ATOM   59  C  CZ  . PHE A 1 11 ? 1.10214   3.89681   -3.03372  1.000 13.72234 ? 40  PHE A CZ  1 
ATOM   60  N  N   . GLU A 1 12 ? 5.17555   7.74804   -1.25124  1.000 16.19032 ? 41  GLU A N   1 
ATOM   61  C  CA  . GLU A 1 12 ? 5.88025   7.84657   -2.52079  1.000 17.52492 ? 41  GLU A CA  1 
ATOM   62  C  C   . GLU A 1 12 ? 7.31248   7.36907   -2.38456  1.000 16.94281 ? 41  GLU A C   1 
ATOM   63  O  O   . GLU A 1 12 ? 7.85126   6.74976   -3.31140  1.000 18.53970 ? 41  GLU A O   1 
ATOM   64  C  CB  . GLU A 1 12 ? 5.83409   9.27582   -3.04454  1.000 16.67666 ? 41  GLU A CB  1 
ATOM   65  C  CG  . GLU A 1 12 ? 4.46622   9.68867   -3.50120  1.000 16.16842 ? 41  GLU A CG  1 
ATOM   66  C  CD  . GLU A 1 12 ? 4.45531   11.05980  -4.11200  1.000 24.07659 ? 41  GLU A CD  1 
ATOM   67  O  OE1 . GLU A 1 12 ? 5.56484   11.63269  -4.28170  1.000 29.12706 ? 41  GLU A OE1 1 
ATOM   68  O  OE2 . GLU A 1 12 ? 3.33947   11.56617  -4.39787  1.000 21.44553 ? 41  GLU A OE2 1 
ATOM   69  N  N   . TYR A 1 13 ? 7.92994   7.62304   -1.23467  1.000 12.46925 ? 42  TYR A N   1 
ATOM   70  C  CA  . TYR A 1 13 ? 9.24711   7.06319   -0.96522  1.000 16.50029 ? 42  TYR A CA  1 
ATOM   71  C  C   . TYR A 1 13 ? 9.17882   5.54347   -0.82237  1.000 14.02173 ? 42  TYR A C   1 
ATOM   72  O  O   . TYR A 1 13 ? 9.80351   4.80438   -1.58759  1.000 17.42348 ? 42  TYR A O   1 
ATOM   73  C  CB  . TYR A 1 13 ? 9.83281   7.72736   0.28710   1.000 18.04859 ? 42  TYR A CB  1 
ATOM   74  C  CG  . TYR A 1 13 ? 11.12099  7.11947   0.77917   1.000 15.55930 ? 42  TYR A CG  1 
ATOM   75  C  CD1 . TYR A 1 13 ? 12.31400  7.32572   0.10953   1.000 12.18506 ? 42  TYR A CD1 1 
ATOM   76  C  CD2 . TYR A 1 13 ? 11.14515  6.34836   1.92336   1.000 20.27985 ? 42  TYR A CD2 1 
ATOM   77  C  CE1 . TYR A 1 13 ? 13.50474  6.77668   0.55572   1.000 9.24386  ? 42  TYR A CE1 1 
ATOM   78  C  CE2 . TYR A 1 13 ? 12.32992  5.77900   2.37430   1.000 26.97227 ? 42  TYR A CE2 1 
ATOM   79  C  CZ  . TYR A 1 13 ? 13.50720  5.99558   1.68393   1.000 22.64517 ? 42  TYR A CZ  1 
ATOM   80  O  OH  . TYR A 1 13 ? 14.67652  5.43230   2.15498   1.000 23.78580 ? 42  TYR A OH  1 
ATOM   81  N  N   . HIS A 1 14 ? 8.38931   5.06009   0.13277   1.000 13.66288 ? 43  HIS A N   1 
ATOM   82  C  CA  . HIS A 1 14 ? 8.41019   3.64248   0.48682   1.000 16.59362 ? 43  HIS A CA  1 
ATOM   83  C  C   . HIS A 1 14 ? 7.70682   2.77110   -0.55269  1.000 20.39562 ? 43  HIS A C   1 
ATOM   84  O  O   . HIS A 1 14 ? 8.17707   1.67212   -0.86678  1.000 24.64841 ? 43  HIS A O   1 
ATOM   85  C  CB  . HIS A 1 14 ? 7.76081   3.42298   1.85513   1.000 14.29131 ? 43  HIS A CB  1 
ATOM   86  C  CG  . HIS A 1 14 ? 8.53369   3.98444   3.00381   1.000 13.79065 ? 43  HIS A CG  1 
ATOM   87  N  ND1 . HIS A 1 14 ? 9.80857   3.57135   3.31290   1.000 14.81453 ? 43  HIS A ND1 1 
ATOM   88  C  CD2 . HIS A 1 14 ? 8.18653   4.88212   3.95729   1.000 16.67350 ? 43  HIS A CD2 1 
ATOM   89  C  CE1 . HIS A 1 14 ? 10.22563  4.21718   4.38828   1.000 21.77607 ? 43  HIS A CE1 1 
ATOM   90  N  NE2 . HIS A 1 14 ? 9.26030   5.01974   4.80042   1.000 11.94994 ? 43  HIS A NE2 1 
ATOM   91  N  N   . CYS A 1 15 ? 6.55487   3.21237   -1.05331  1.000 22.65057 ? 44  CYS A N   1 
ATOM   92  C  CA  . CYS A 1 15 ? 5.55281   2.33507   -1.64930  1.000 15.12058 ? 44  CYS A CA  1 
ATOM   93  C  C   . CYS A 1 15 ? 5.42175   2.52095   -3.14135  1.000 16.80315 ? 44  CYS A C   1 
ATOM   94  O  O   . CYS A 1 15 ? 5.31977   1.54058   -3.87096  1.000 18.05301 ? 44  CYS A O   1 
ATOM   95  C  CB  . CYS A 1 15 ? 4.19058   2.62764   -1.04180  1.000 15.66720 ? 44  CYS A CB  1 
ATOM   96  S  SG  . CYS A 1 15 ? 4.15779   2.49203   0.70642   1.000 19.87374 ? 44  CYS A SG  1 
ATOM   97  N  N   . ALA A 1 16 ? 5.41835   3.77363   -3.60127  1.000 17.81890 ? 45  ALA A N   1 
ATOM   98  C  CA  . ALA A 1 16 ? 5.27237   4.07316   -5.01969  1.000 17.23750 ? 45  ALA A CA  1 
ATOM   99  C  C   . ALA A 1 16 ? 6.27122   3.32065   -5.89364  1.000 19.03590 ? 45  ALA A C   1 
ATOM   100 O  O   . ALA A 1 16 ? 6.03132   3.18535   -7.09658  1.000 19.70348 ? 45  ALA A O   1 
ATOM   101 C  CB  . ALA A 1 16 ? 5.41699   5.57789   -5.24105  1.000 17.32923 ? 45  ALA A CB  1 
ATOM   102 N  N   . LYS A 1 17 ? 7.38710   2.83718   -5.32499  1.000 22.64461 ? 46  LYS A N   1 
ATOM   103 C  CA  . LYS A 1 17 ? 8.33621   1.97832   -6.03990  1.000 20.95968 ? 46  LYS A CA  1 
ATOM   104 C  C   . LYS A 1 17 ? 7.58508   0.94078   -6.87087  1.000 25.00410 ? 46  LYS A C   1 
ATOM   105 O  O   . LYS A 1 17 ? 7.93842   0.68965   -8.02614  1.000 27.39111 ? 46  LYS A O   1 
ATOM   106 C  CB  . LYS A 1 17 ? 9.29740   1.26684   -5.06186  1.000 17.39668 ? 46  LYS A CB  1 
ATOM   107 C  CG  . LYS A 1 17 ? 10.32179  2.16938   -4.40121  1.000 16.74195 ? 46  LYS A CG  1 
ATOM   108 C  CD  . LYS A 1 17 ? 11.06439  1.51389   -3.24238  1.000 18.53351 ? 46  LYS A CD  1 
ATOM   109 C  CE  . LYS A 1 17 ? 12.03553  2.55064   -2.60958  1.000 40.81656 ? 46  LYS A CE  1 
ATOM   110 N  NZ  . LYS A 1 17 ? 12.65411  2.18719   -1.28907  1.000 25.79051 ? 46  LYS A NZ  1 
ATOM   111 N  N   . CYS A 1 18 ? 6.51265   0.37641   -6.31237  1.000 24.47165 ? 47  CYS A N   1 
ATOM   112 C  CA  . CYS A 1 18 ? 5.76221   -0.71562  -6.92209  1.000 20.06787 ? 47  CYS A CA  1 
ATOM   113 C  C   . CYS A 1 18 ? 4.36149   -0.30812  -7.34422  1.000 19.97162 ? 47  CYS A C   1 
ATOM   114 O  O   . CYS A 1 18 ? 3.94339   -0.59784  -8.46296  1.000 26.19257 ? 47  CYS A O   1 
ATOM   115 C  CB  . CYS A 1 18 ? 5.66605   -1.88774  -5.94372  1.000 16.78466 ? 47  CYS A CB  1 
ATOM   116 S  SG  . CYS A 1 18 ? 7.25189   -2.59864  -5.52690  1.000 20.34700 ? 47  CYS A SG  1 
ATOM   117 N  N   . HIS A 1 19 ? 3.61070   0.34260   -6.46611  1.000 20.63336 ? 48  HIS A N   1 
ATOM   118 C  CA  . HIS A 1 19 ? 2.22368   0.67422   -6.75486  1.000 20.98190 ? 48  HIS A CA  1 
ATOM   119 C  C   . HIS A 1 19 ? 2.06365   1.91398   -7.61894  1.000 22.64026 ? 48  HIS A C   1 
ATOM   120 O  O   . HIS A 1 19 ? 0.94068   2.21827   -8.02781  1.000 21.33928 ? 48  HIS A O   1 
ATOM   121 C  CB  . HIS A 1 19 ? 1.48931   0.85627   -5.44080  1.000 15.58778 ? 48  HIS A CB  1 
ATOM   122 C  CG  . HIS A 1 19 ? 1.51703   -0.36966  -4.60585  1.000 12.75932 ? 48  HIS A CG  1 
ATOM   123 N  ND1 . HIS A 1 19 ? 0.70890   -1.45542  -4.85551  1.000 12.93188 ? 48  HIS A ND1 1 
ATOM   124 C  CD2 . HIS A 1 19 ? 2.30567   -0.71598  -3.56854  1.000 15.32091 ? 48  HIS A CD2 1 
ATOM   125 C  CE1 . HIS A 1 19 ? 0.97596   -2.40868  -3.98468  1.000 12.79700 ? 48  HIS A CE1 1 
ATOM   126 N  NE2 . HIS A 1 19 ? 1.93722   -1.98163  -3.19107  1.000 14.96129 ? 48  HIS A NE2 1 
ATOM   127 N  N   . GLY A 1 20 ? 3.14208   2.62909   -7.89641  1.000 19.12279 ? 49  GLY A N   1 
ATOM   128 C  CA  . GLY A 1 20 ? 3.07234   3.86179   -8.64119  1.000 17.47487 ? 49  GLY A CA  1 
ATOM   129 C  C   . GLY A 1 20 ? 2.61712   5.01741   -7.77417  1.000 16.58673 ? 49  GLY A C   1 
ATOM   130 O  O   . GLY A 1 20 ? 2.03411   4.84567   -6.70842  1.000 22.83036 ? 49  GLY A O   1 
ATOM   131 N  N   . LEU A 1 21 ? 2.90117   6.22509   -8.24753  1.000 14.41500 ? 50  LEU A N   1 
ATOM   132 C  CA  . LEU A 1 21 ? 2.52921   7.39706   -7.47065  1.000 15.03661 ? 50  LEU A CA  1 
ATOM   133 C  C   . LEU A 1 21 ? 1.03048   7.45670   -7.28239  1.000 16.99159 ? 50  LEU A C   1 
ATOM   134 O  O   . LEU A 1 21 ? 0.55098   7.80089   -6.20099  1.000 19.91839 ? 50  LEU A O   1 
ATOM   135 C  CB  . LEU A 1 21 ? 3.01543   8.66949   -8.15567  1.000 13.72781 ? 50  LEU A CB  1 
ATOM   136 C  CG  . LEU A 1 21 ? 4.51976   8.81481   -8.28530  1.000 7.26551  ? 50  LEU A CG  1 
ATOM   137 C  CD1 . LEU A 1 21 ? 4.76633   10.06966  -8.99834  1.000 7.74072  ? 50  LEU A CD1 1 
ATOM   138 C  CD2 . LEU A 1 21 ? 5.17543   8.83120   -6.93537  1.000 10.30221 ? 50  LEU A CD2 1 
ATOM   139 N  N   . THR A 1 22 ? 0.27513   7.10708   -8.31980  1.000 20.78976 ? 51  THR A N   1 
ATOM   140 C  CA  . THR A 1 22 ? -1.18148  7.15484   -8.28931  1.000 19.30732 ? 51  THR A CA  1 
ATOM   141 C  C   . THR A 1 22 ? -1.80737  5.85541   -7.83948  1.000 21.28565 ? 51  THR A C   1 
ATOM   142 O  O   . THR A 1 22 ? -3.03470  5.77880   -7.75982  1.000 25.99214 ? 51  THR A O   1 
ATOM   143 C  CB  . THR A 1 22 ? -1.74062  7.45749   -9.66788  1.000 18.85158 ? 51  THR A CB  1 
ATOM   144 O  OG1 . THR A 1 22 ? -1.23623  6.47765   -10.58125 1.000 24.04185 ? 51  THR A OG1 1 
ATOM   145 C  CG2 . THR A 1 22 ? -1.31407  8.83346   -10.11384 1.000 28.24776 ? 51  THR A CG2 1 
ATOM   146 N  N   . GLY A 1 23 ? -1.01278  4.82456   -7.59276  1.000 22.82439 ? 52  GLY A N   1 
ATOM   147 C  CA  . GLY A 1 23 ? -1.56603  3.55824   -7.20195  1.000 19.44237 ? 52  GLY A CA  1 
ATOM   148 C  C   . GLY A 1 23 ? -1.95587  2.65909   -8.34585  1.000 21.55115 ? 52  GLY A C   1 
ATOM   149 O  O   . GLY A 1 23 ? -2.51302  1.58984   -8.09019  1.000 28.84507 ? 52  GLY A O   1 
ATOM   150 N  N   . GLU A 1 24 ? -1.71695  3.05967   -9.59493  1.000 17.58075 ? 53  GLU A N   1 
ATOM   151 C  CA  . GLU A 1 24 ? -1.68864  2.10244   -10.69674 1.000 21.35566 ? 53  GLU A CA  1 
ATOM   152 C  C   . GLU A 1 24 ? -0.30508  1.46818   -10.73918 1.000 24.36790 ? 53  GLU A C   1 
ATOM   153 O  O   . GLU A 1 24 ? 0.70108   2.17160   -10.89428 1.000 24.31831 ? 53  GLU A O   1 
ATOM   154 C  CB  . GLU A 1 24 ? -2.00666  2.75653   -12.03543 1.000 25.54512 ? 53  GLU A CB  1 
ATOM   155 C  CG  . GLU A 1 24 ? -2.10293  1.75261   -13.19226 1.000 32.62694 ? 53  GLU A CG  1 
ATOM   156 C  CD  . GLU A 1 24 ? -2.22877  2.41916   -14.56862 1.000 42.16972 ? 53  GLU A CD  1 
ATOM   157 O  OE1 . GLU A 1 24 ? -2.61075  3.60574   -14.62869 1.000 41.70779 ? 53  GLU A OE1 1 
ATOM   158 O  OE2 . GLU A 1 24 ? -1.92939  1.75577   -15.58987 1.000 45.05790 ? 53  GLU A OE2 1 
ATOM   159 N  N   . ALA A 1 25 ? -0.24328  0.15309   -10.57375 1.000 22.52130 ? 54  ALA A N   1 
ATOM   160 C  CA  . ALA A 1 25 ? 1.04526   -0.50106  -10.41048 1.000 20.90334 ? 54  ALA A CA  1 
ATOM   161 C  C   . ALA A 1 25 ? 1.87215   -0.35749  -11.68228 1.000 20.43405 ? 54  ALA A C   1 
ATOM   162 O  O   . ALA A 1 25 ? 1.38999   -0.62204  -12.78710 1.000 19.86740 ? 54  ALA A O   1 
ATOM   163 C  CB  . ALA A 1 25 ? 0.85257   -1.96917  -10.04338 1.000 19.98271 ? 54  ALA A CB  1 
ATOM   164 N  N   . ASN A 1 26 ? 3.11057   0.09593   -11.52206 1.000 20.69877 ? 55  ASN A N   1 
ATOM   165 C  CA  . ASN A 1 26 ? 4.01055   0.32054   -12.64384 1.000 25.60523 ? 55  ASN A CA  1 
ATOM   166 C  C   . ASN A 1 26 ? 4.72400   -0.97614  -13.02137 1.000 31.68082 ? 55  ASN A C   1 
ATOM   167 O  O   . ASN A 1 26 ? 4.45311   -2.05381  -12.48314 1.000 28.10405 ? 55  ASN A O   1 
ATOM   168 C  CB  . ASN A 1 26 ? 4.99606   1.43782   -12.31946 1.000 20.89311 ? 55  ASN A CB  1 
ATOM   169 C  CG  . ASN A 1 26 ? 5.76169   1.17931   -11.05983 1.000 26.39575 ? 55  ASN A CG  1 
ATOM   170 O  OD1 . ASN A 1 26 ? 6.04974   0.02827   -10.71947 1.000 31.85231 ? 55  ASN A OD1 1 
ATOM   171 N  ND2 . ASN A 1 26 ? 6.10704   2.24849   -10.34775 1.000 23.99365 ? 55  ASN A ND2 1 
ATOM   172 N  N   . LYS A 1 27 ? 5.65509   -0.87321  -13.96991 1.000 32.31244 ? 56  LYS A N   1 
ATOM   173 C  CA  . LYS A 1 27 ? 6.26668   -2.06778  -14.53211 1.000 30.98804 ? 56  LYS A CA  1 
ATOM   174 C  C   . LYS A 1 27 ? 6.99716   -2.87507  -13.46403 1.000 28.18249 ? 56  LYS A C   1 
ATOM   175 O  O   . LYS A 1 27 ? 6.93401   -4.10964  -13.47324 1.000 27.45534 ? 56  LYS A O   1 
ATOM   176 C  CB  . LYS A 1 27 ? 7.17550   -1.66515  -15.69258 1.000 32.45451 ? 56  LYS A CB  1 
ATOM   177 C  CG  . LYS A 1 27 ? 6.32275   -1.09475  -16.82005 1.000 44.99677 ? 56  LYS A CG  1 
ATOM   178 C  CD  . LYS A 1 27 ? 7.06331   -0.70522  -18.08164 1.000 41.69778 ? 56  LYS A CD  1 
ATOM   179 C  CE  . LYS A 1 27 ? 6.09870   0.04623   -19.01178 1.000 37.43179 ? 56  LYS A CE  1 
ATOM   180 N  NZ  . LYS A 1 27 ? 5.05372   -0.84731  -19.58502 1.000 61.22246 ? 56  LYS A NZ  1 
ATOM   181 N  N   . ARG A 1 28 ? 7.64549   -2.19738  -12.50433 1.000 27.79084 ? 57  ARG A N   1 
ATOM   182 C  CA  . ARG A 1 28 ? 8.23051   -2.89196  -11.35596 1.000 22.90146 ? 57  ARG A CA  1 
ATOM   183 C  C   . ARG A 1 28 ? 7.14922   -3.65598  -10.60533 1.000 29.46487 ? 57  ARG A C   1 
ATOM   184 O  O   . ARG A 1 28 ? 7.27684   -4.86255  -10.35854 1.000 24.94949 ? 57  ARG A O   1 
ATOM   185 C  CB  . ARG A 1 28 ? 8.91646   -1.90770  -10.39617 1.000 28.22767 ? 57  ARG A CB  1 
ATOM   186 C  CG  . ARG A 1 28 ? 9.66347   -0.67378  -11.00280 1.000 39.80647 ? 57  ARG A CG  1 
ATOM   187 C  CD  . ARG A 1 28 ? 10.80010  -0.16771  -10.08868 1.000 31.42123 ? 57  ARG A CD  1 
ATOM   188 N  NE  . ARG A 1 28 ? 11.94943  -1.07934  -10.13352 1.000 65.01315 ? 57  ARG A NE  1 
ATOM   189 C  CZ  . ARG A 1 28 ? 13.04449  -1.00422  -9.36741  1.000 63.36393 ? 57  ARG A CZ  1 
ATOM   190 N  NH1 . ARG A 1 28 ? 13.17108  -0.07792  -8.40964  1.000 40.77426 ? 57  ARG A NH1 1 
ATOM   191 N  NH2 . ARG A 1 28 ? 14.01520  -1.89505  -9.54958  1.000 42.21864 ? 57  ARG A NH2 1 
ATOM   192 N  N   . GLY A 1 29 ? 6.06227   -2.95983  -10.24216 1.000 29.79107 ? 58  GLY A N   1 
ATOM   193 C  CA  . GLY A 1 29 ? 4.97411   -3.60737  -9.51552  1.000 23.51938 ? 58  GLY A CA  1 
ATOM   194 C  C   . GLY A 1 29 ? 4.26803   -4.68678  -10.32273 1.000 25.43137 ? 58  GLY A C   1 
ATOM   195 O  O   . GLY A 1 29 ? 4.02602   -5.78418  -9.82440  1.000 24.46151 ? 58  GLY A O   1 
ATOM   196 N  N   . LYS A 1 30 ? 3.92182   -4.39019  -11.58182 1.000 24.20919 ? 59  LYS A N   1 
ATOM   197 C  CA  . LYS A 1 30 ? 3.30589   -5.40267  -12.43487 1.000 17.22977 ? 59  LYS A CA  1 
ATOM   198 C  C   . LYS A 1 30 ? 4.12005   -6.69433  -12.43864 1.000 22.05727 ? 59  LYS A C   1 
ATOM   199 O  O   . LYS A 1 30 ? 3.55784   -7.79320  -12.36357 1.000 23.34515 ? 59  LYS A O   1 
ATOM   200 C  CB  . LYS A 1 30 ? 3.14375   -4.88286  -13.85843 1.000 18.94780 ? 59  LYS A CB  1 
ATOM   201 C  CG  . LYS A 1 30 ? 2.05933   -3.86555  -14.13011 1.000 20.56068 ? 59  LYS A CG  1 
ATOM   202 C  CD  . LYS A 1 30 ? 2.04119   -3.63845  -15.64992 1.000 45.56743 ? 59  LYS A CD  1 
ATOM   203 C  CE  . LYS A 1 30 ? 1.65852   -2.21108  -16.08375 1.000 63.11184 ? 59  LYS A CE  1 
ATOM   204 N  NZ  . LYS A 1 30 ? 0.19809   -1.91145  -15.98878 1.000 71.41000 ? 59  LYS A NZ  1 
ATOM   205 N  N   . ALA A 1 31 ? 5.45290   -6.57965  -12.51590 1.000 24.30178 ? 60  ALA A N   1 
ATOM   206 C  CA  . ALA A 1 31 ? 6.33086   -7.74623  -12.60232 1.000 22.43500 ? 60  ALA A CA  1 
ATOM   207 C  C   . ALA A 1 31 ? 6.34389   -8.56240  -11.31213 1.000 23.63610 ? 60  ALA A C   1 
ATOM   208 O  O   . ALA A 1 31 ? 6.69793   -9.74862  -11.33050 1.000 22.37883 ? 60  ALA A O   1 
ATOM   209 C  CB  . ALA A 1 31 ? 7.75352   -7.30199  -12.93719 1.000 16.56458 ? 60  ALA A CB  1 
ATOM   210 N  N   . LEU A 1 32 ? 5.99436   -7.94576  -10.19405 1.000 20.77918 ? 61  LEU A N   1 
ATOM   211 C  CA  . LEU A 1 32 ? 5.82770   -8.63960  -8.93155  1.000 22.06186 ? 61  LEU A CA  1 
ATOM   212 C  C   . LEU A 1 32 ? 4.36457   -8.99308  -8.65025  1.000 23.92431 ? 61  LEU A C   1 
ATOM   213 O  O   . LEU A 1 32 ? 4.01910   -9.33689  -7.51197  1.000 17.19660 ? 61  LEU A O   1 
ATOM   214 C  CB  . LEU A 1 32 ? 6.39747   -7.77830  -7.80722  1.000 19.52778 ? 61  LEU A CB  1 
ATOM   215 C  CG  . LEU A 1 32 ? 7.84244   -7.34337  -7.99538  1.000 15.94173 ? 61  LEU A CG  1 
ATOM   216 C  CD1 . LEU A 1 32 ? 8.12684   -6.20578  -7.08145  1.000 17.45923 ? 61  LEU A CD1 1 
ATOM   217 C  CD2 . LEU A 1 32 ? 8.76975   -8.46995  -7.66775  1.000 16.88970 ? 61  LEU A CD2 1 
ATOM   218 N  N   . LYS A 1 33 ? 3.50139   -8.92175  -9.66258  1.000 21.97864 ? 62  LYS A N   1 
ATOM   219 C  CA  . LYS A 1 33 ? 2.09334   -9.26757  -9.50082  1.000 21.47922 ? 62  LYS A CA  1 
ATOM   220 C  C   . LYS A 1 33 ? 1.42308   -8.35785  -8.47071  1.000 23.59219 ? 62  LYS A C   1 
ATOM   221 O  O   . LYS A 1 33 ? 0.63701   -8.81203  -7.63941  1.000 31.62619 ? 62  LYS A O   1 
ATOM   222 C  CB  . LYS A 1 33 ? 1.91514   -10.73809 -9.11172  1.000 18.99965 ? 62  LYS A CB  1 
ATOM   223 C  CG  . LYS A 1 33 ? 2.68316   -11.74964 -9.95334  1.000 23.76202 ? 62  LYS A CG  1 
ATOM   224 C  CD  . LYS A 1 33 ? 2.19046   -11.85373 -11.36537 1.000 28.82946 ? 62  LYS A CD  1 
ATOM   225 C  CE  . LYS A 1 33 ? 2.83446   -13.06903 -12.02195 1.000 42.28238 ? 62  LYS A CE  1 
ATOM   226 N  NZ  . LYS A 1 33 ? 2.36563   -13.25366 -13.42430 1.000 55.88253 ? 62  LYS A NZ  1 
ATOM   227 N  N   . ALA A 1 34 ? 1.76709   -7.07153  -8.48307  1.000 23.04806 ? 63  ALA A N   1 
ATOM   228 C  CA  . ALA A 1 34 ? 1.09721   -6.13024  -7.59608  1.000 20.03667 ? 63  ALA A CA  1 
ATOM   229 C  C   . ALA A 1 34 ? -0.30864  -5.81555  -8.10451  1.000 19.62718 ? 63  ALA A C   1 
ATOM   230 O  O   . ALA A 1 34 ? -0.55248  -5.78016  -9.31676  1.000 20.39950 ? 63  ALA A O   1 
ATOM   231 C  CB  . ALA A 1 34 ? 1.88979   -4.82989  -7.48603  1.000 14.87532 ? 63  ALA A CB  1 
ATOM   232 N  N   . PRO A 1 35 ? -1.23982  -5.54115  -7.20198  1.000 16.09520 ? 64  PRO A N   1 
ATOM   233 C  CA  . PRO A 1 35 ? -2.54823  -5.04155  -7.61617  1.000 22.99896 ? 64  PRO A CA  1 
ATOM   234 C  C   . PRO A 1 35 ? -2.47720  -3.55161  -7.93895  1.000 27.68266 ? 64  PRO A C   1 
ATOM   235 O  O   . PRO A 1 35 ? -1.51264  -2.85842  -7.61079  1.000 23.77170 ? 64  PRO A O   1 
ATOM   236 C  CB  . PRO A 1 35 ? -3.40322  -5.28807  -6.38012  1.000 16.31673 ? 64  PRO A CB  1 
ATOM   237 C  CG  . PRO A 1 35 ? -2.46363  -5.04575  -5.28283  1.000 13.66595 ? 64  PRO A CG  1 
ATOM   238 C  CD  . PRO A 1 35 ? -1.09805  -5.50339  -5.74355  1.000 13.88723 ? 64  PRO A CD  1 
ATOM   239 N  N   . ASP A 1 36 ? -3.53225  -3.06091  -8.58557  1.000 21.47280 ? 65  ASP A N   1 
ATOM   240 C  CA  . ASP A 1 36 ? -3.71704  -1.62691  -8.77016  1.000 19.25926 ? 65  ASP A CA  1 
ATOM   241 C  C   . ASP A 1 36 ? -4.49276  -1.08048  -7.57984  1.000 20.46291 ? 65  ASP A C   1 
ATOM   242 O  O   . ASP A 1 36 ? -5.72141  -1.14311  -7.54749  1.000 24.07626 ? 65  ASP A O   1 
ATOM   243 C  CB  . ASP A 1 36 ? -4.44498  -1.33511  -10.07576 1.000 23.35592 ? 65  ASP A CB  1 
ATOM   244 C  CG  . ASP A 1 36 ? -3.56274  -1.47776  -11.27778 1.000 25.52656 ? 65  ASP A CG  1 
ATOM   245 O  OD1 . ASP A 1 36 ? -2.35470  -1.73674  -11.08872 1.000 25.94995 ? 65  ASP A OD1 1 
ATOM   246 O  OD2 . ASP A 1 36 ? -4.08145  -1.32164  -12.40812 1.000 25.11783 ? 65  ASP A OD2 1 
ATOM   247 N  N   . LEU A 1 37 ? -3.79220  -0.48984  -6.61586  1.000 16.95060 ? 66  LEU A N   1 
ATOM   248 C  CA  . LEU A 1 37 ? -4.50489  0.10897   -5.49337  1.000 18.88191 ? 66  LEU A CA  1 
ATOM   249 C  C   . LEU A 1 37 ? -5.58138  1.08150   -5.97499  1.000 21.21771 ? 66  LEU A C   1 
ATOM   250 O  O   . LEU A 1 37 ? -6.59764  1.26797   -5.29623  1.000 14.78786 ? 66  LEU A O   1 
ATOM   251 C  CB  . LEU A 1 37 ? -3.52397  0.81273   -4.54516  1.000 18.45333 ? 66  LEU A CB  1 
ATOM   252 C  CG  . LEU A 1 37 ? -2.37914  0.03550   -3.86473  1.000 16.82307 ? 66  LEU A CG  1 
ATOM   253 C  CD1 . LEU A 1 37 ? -1.59886  0.92595   -2.91885  1.000 15.49665 ? 66  LEU A CD1 1 
ATOM   254 C  CD2 . LEU A 1 37 ? -2.86101  -1.18428  -3.10823  1.000 14.76856 ? 66  LEU A CD2 1 
ATOM   255 N  N   . CYS A 1 38 ? -5.38224  1.70203   -7.14824  1.000 23.68429 ? 67  CYS A N   1 
ATOM   256 C  CA  . CYS A 1 38 ? -6.27897  2.75226   -7.61575  1.000 20.12314 ? 67  CYS A CA  1 
ATOM   257 C  C   . CYS A 1 38 ? -7.60033  2.19308   -8.11336  1.000 22.08563 ? 67  CYS A C   1 
ATOM   258 O  O   . CYS A 1 38 ? -8.56548  2.95354   -8.28049  1.000 20.06929 ? 67  CYS A O   1 
ATOM   259 C  CB  . CYS A 1 38 ? -5.60473  3.57946   -8.71569  1.000 15.33703 ? 67  CYS A CB  1 
ATOM   260 S  SG  . CYS A 1 38 ? -5.52310  2.82063   -10.39309 1.000 21.42049 ? 67  CYS A SG  1 
ATOM   261 N  N   . ASP A 1 39 ? -7.67286  0.88984   -8.31179  1.000 17.82318 ? 68  ASP A N   1 
ATOM   262 C  CA  . ASP A 1 39 ? -8.84680  0.29501   -8.92413  1.000 21.36286 ? 68  ASP A CA  1 
ATOM   263 C  C   . ASP A 1 39 ? -9.98527  0.20607   -7.92278  1.000 24.22661 ? 68  ASP A C   1 
ATOM   264 O  O   . ASP A 1 39 ? -9.82989  -0.43664  -6.87285  1.000 19.93994 ? 68  ASP A O   1 
ATOM   265 C  CB  . ASP A 1 39 ? -8.54386  -1.09243  -9.45743  1.000 19.52249 ? 68  ASP A CB  1 
ATOM   266 C  CG  . ASP A 1 39 ? -9.69005  -1.66034  -10.22234 1.000 18.40757 ? 68  ASP A CG  1 
ATOM   267 O  OD1 . ASP A 1 39 ? -10.17078 -0.97743  -11.13535 1.000 32.94127 ? 68  ASP A OD1 1 
ATOM   268 O  OD2 . ASP A 1 39 ? -10.12668 -2.78081  -9.91561  1.000 27.61844 ? 68  ASP A OD2 1 
ATOM   269 N  N   . PRO A 1 40 ? -11.14218 0.79361   -8.21672  1.000 22.55525 ? 69  PRO A N   1 
ATOM   270 C  CA  . PRO A 1 40 ? -12.30268 0.58985   -7.34635  1.000 17.14948 ? 69  PRO A CA  1 
ATOM   271 C  C   . PRO A 1 40 ? -12.65768 -0.87253  -7.18485  1.000 20.27640 ? 69  PRO A C   1 
ATOM   272 O  O   . PRO A 1 40 ? -13.08810 -1.28781  -6.09783  1.000 20.64254 ? 69  PRO A O   1 
ATOM   273 C  CB  . PRO A 1 40 ? -13.40846 1.39723   -8.04017  1.000 11.68334 ? 69  PRO A CB  1 
ATOM   274 C  CG  . PRO A 1 40 ? -12.71805 2.27376   -9.00097  1.000 14.60052 ? 69  PRO A CG  1 
ATOM   275 C  CD  . PRO A 1 40 ? -11.46680 1.59065   -9.40208  1.000 21.56186 ? 69  PRO A CD  1 
ATOM   276 N  N   . GLY A 1 41 ? -12.47666 -1.68234  -8.22409  1.000 18.69597 ? 70  GLY A N   1 
ATOM   277 C  CA  . GLY A 1 41 ? -12.71471 -3.10136  -8.04897  1.000 15.52006 ? 70  GLY A CA  1 
ATOM   278 C  C   . GLY A 1 41 ? -11.83381 -3.68495  -6.96861  1.000 12.62035 ? 70  GLY A C   1 
ATOM   279 O  O   . GLY A 1 41 ? -12.31061 -4.36374  -6.06365  1.000 15.13374 ? 70  GLY A O   1 
ATOM   280 N  N   . TRP A 1 42 ? -10.54440 -3.36981  -7.00838  1.000 14.03494 ? 71  TRP A N   1 
ATOM   281 C  CA  . TRP A 1 42 ? -9.65688  -3.88584  -5.97741  1.000 15.71027 ? 71  TRP A CA  1 
ATOM   282 C  C   . TRP A 1 42 ? -9.98487  -3.27917  -4.61725  1.000 16.78551 ? 71  TRP A C   1 
ATOM   283 O  O   . TRP A 1 42 ? -10.08580 -3.99884  -3.61063  1.000 14.61493 ? 71  TRP A O   1 
ATOM   284 C  CB  . TRP A 1 42 ? -8.19802  -3.62330  -6.34775  1.000 13.84044 ? 71  TRP A CB  1 
ATOM   285 C  CG  . TRP A 1 42 ? -7.27431  -4.13244  -5.30457  1.000 12.97484 ? 71  TRP A CG  1 
ATOM   286 C  CD1 . TRP A 1 42 ? -6.72467  -5.37980  -5.22714  1.000 12.50218 ? 71  TRP A CD1 1 
ATOM   287 C  CD2 . TRP A 1 42 ? -6.82678  -3.42041  -4.14491  1.000 14.88179 ? 71  TRP A CD2 1 
ATOM   288 N  NE1 . TRP A 1 42 ? -5.94274  -5.47720  -4.10054  1.000 16.52577 ? 71  TRP A NE1 1 
ATOM   289 C  CE2 . TRP A 1 42 ? -5.99365  -4.28805  -3.42008  1.000 12.90956 ? 71  TRP A CE2 1 
ATOM   290 C  CE3 . TRP A 1 42 ? -7.04600  -2.12542  -3.65547  1.000 14.23678 ? 71  TRP A CE3 1 
ATOM   291 C  CZ2 . TRP A 1 42 ? -5.39018  -3.90925  -2.23801  1.000 13.72187 ? 71  TRP A CZ2 1 
ATOM   292 C  CZ3 . TRP A 1 42 ? -6.44744  -1.74862  -2.48108  1.000 11.88253 ? 71  TRP A CZ3 1 
ATOM   293 C  CH2 . TRP A 1 42 ? -5.63507  -2.63716  -1.77840  1.000 16.26945 ? 71  TRP A CH2 1 
ATOM   294 N  N   . GLN A 1 43 ? -10.15212 -1.95099  -4.56599  1.000 15.49777 ? 72  GLN A N   1 
ATOM   295 C  CA  . GLN A 1 43 ? -10.43374 -1.30526  -3.28889  1.000 13.12371 ? 72  GLN A CA  1 
ATOM   296 C  C   . GLN A 1 43 ? -11.62414 -1.96755  -2.62309  1.000 14.76336 ? 72  GLN A C   1 
ATOM   297 O  O   . GLN A 1 43 ? -11.64008 -2.14799  -1.40124  1.000 17.19334 ? 72  GLN A O   1 
ATOM   298 C  CB  . GLN A 1 43 ? -10.69650 0.18595   -3.47454  1.000 9.79490  ? 72  GLN A CB  1 
ATOM   299 C  CG  . GLN A 1 43 ? -9.50505  1.00492   -3.86882  1.000 14.99998 ? 72  GLN A CG  1 
ATOM   300 C  CD  . GLN A 1 43 ? -8.77602  1.61654   -2.69759  1.000 16.61888 ? 72  GLN A CD  1 
ATOM   301 O  OE1 . GLN A 1 43 ? -9.32680  1.73983   -1.61562  1.000 18.59869 ? 72  GLN A OE1 1 
ATOM   302 N  NE2 . GLN A 1 43 ? -7.52590  2.01630   -2.91464  1.000 17.80249 ? 72  GLN A NE2 1 
ATOM   303 N  N   . ASN A 1 44 ? -12.61651 -2.37188  -3.41597  1.000 11.66685 ? 73  ASN A N   1 
ATOM   304 C  CA  . ASN A 1 44 ? -13.79878 -2.98156  -2.83560  1.000 12.94546 ? 73  ASN A CA  1 
ATOM   305 C  C   . ASN A 1 44 ? -13.60877 -4.46259  -2.55442  1.000 14.70414 ? 73  ASN A C   1 
ATOM   306 O  O   . ASN A 1 44 ? -14.56680 -5.11750  -2.14079  1.000 15.94303 ? 73  ASN A O   1 
ATOM   307 C  CB  . ASN A 1 44 ? -15.03491 -2.79727  -3.73265  1.000 13.14279 ? 73  ASN A CB  1 
ATOM   308 C  CG  . ASN A 1 44 ? -15.46676 -1.33221  -3.89173  1.000 19.45041 ? 73  ASN A CG  1 
ATOM   309 O  OD1 . ASN A 1 44 ? -15.05359 -0.43555  -3.13523  1.000 14.85253 ? 73  ASN A OD1 1 
ATOM   310 N  ND2 . ASN A 1 44 ? -16.36118 -1.09880  -4.85616  1.000 21.04873 ? 73  ASN A ND2 1 
ATOM   311 N  N   . SER A 1 45 ? -12.43009 -5.02540  -2.79180  1.000 13.27575 ? 74  SER A N   1 
ATOM   312 C  CA  . SER A 1 45 ? -12.23559 -6.42601  -2.48249  1.000 10.66994 ? 74  SER A CA  1 
ATOM   313 C  C   . SER A 1 45 ? -11.48425 -6.62401  -1.18055  1.000 15.91070 ? 74  SER A C   1 
ATOM   314 O  O   . SER A 1 45 ? -11.22479 -7.77326  -0.80023  1.000 18.72805 ? 74  SER A O   1 
ATOM   315 C  CB  . SER A 1 45 ? -11.49316 -7.12348  -3.61947  1.000 9.33453  ? 74  SER A CB  1 
ATOM   316 O  OG  . SER A 1 45 ? -10.10214 -6.86524  -3.58713  1.000 11.56052 ? 74  SER A OG  1 
ATOM   317 N  N   . LYS A 1 46 ? -11.15334 -5.53839  -0.47917  1.000 13.98534 ? 75  LYS A N   1 
ATOM   318 C  CA  . LYS A 1 46 ? -10.36839 -5.58291  0.74662   1.000 14.13653 ? 75  LYS A CA  1 
ATOM   319 C  C   . LYS A 1 46 ? -11.02685 -4.71371  1.80936   1.000 21.09207 ? 75  LYS A C   1 
ATOM   320 O  O   . LYS A 1 46 ? -11.68862 -3.71970  1.48876   1.000 22.15666 ? 75  LYS A O   1 
ATOM   321 C  CB  . LYS A 1 46 ? -8.94520  -5.08822  0.51403   1.000 10.93159 ? 75  LYS A CB  1 
ATOM   322 C  CG  . LYS A 1 46 ? -8.20768  -5.79810  -0.57709  1.000 15.30103 ? 75  LYS A CG  1 
ATOM   323 C  CD  . LYS A 1 46 ? -7.85757  -7.19606  -0.14955  1.000 13.36789 ? 75  LYS A CD  1 
ATOM   324 C  CE  . LYS A 1 46 ? -7.40844  -8.01445  -1.33765  1.000 12.35965 ? 75  LYS A CE  1 
ATOM   325 N  NZ  . LYS A 1 46 ? -7.04700  -9.39847  -0.89766  1.000 17.11904 ? 75  LYS A NZ  1 
ATOM   326 N  N   . THR A 1 47 ? -10.82895 -5.07546  3.07773   1.000 15.57797 ? 76  THR A N   1 
ATOM   327 C  CA  . THR A 1 47 ? -11.20498 -4.21828  4.19355   1.000 12.91627 ? 76  THR A CA  1 
ATOM   328 C  C   . THR A 1 47 ? -10.01446 -3.44020  4.74900   1.000 16.17338 ? 76  THR A C   1 
ATOM   329 O  O   . THR A 1 47 ? -8.86274  -3.65661  4.36940   1.000 20.18983 ? 76  THR A O   1 
ATOM   330 C  CB  . THR A 1 47 ? -11.83209 -5.04963  5.28983   1.000 13.90996 ? 76  THR A CB  1 
ATOM   331 O  OG1 . THR A 1 47 ? -10.82677 -5.89507  5.84086   1.000 14.66226 ? 76  THR A OG1 1 
ATOM   332 C  CG2 . THR A 1 47 ? -12.94404 -5.85655  4.73137   1.000 15.23631 ? 76  THR A CG2 1 
ATOM   333 N  N   . ASP A 1 48 ? -10.30441 -2.52036  5.68095   1.000 17.73440 ? 77  ASP A N   1 
ATOM   334 C  CA  . ASP A 1 48 ? -9.22667  -1.75448  6.30928   1.000 13.01222 ? 77  ASP A CA  1 
ATOM   335 C  C   . ASP A 1 48 ? -8.40596  -2.63013  7.23787   1.000 17.01862 ? 77  ASP A C   1 
ATOM   336 O  O   . ASP A 1 48 ? -7.17684  -2.50017  7.29762   1.000 17.13322 ? 77  ASP A O   1 
ATOM   337 C  CB  . ASP A 1 48 ? -9.76301  -0.56940  7.09465   1.000 7.02269  ? 77  ASP A CB  1 
ATOM   338 C  CG  . ASP A 1 48 ? -10.24807 0.53959   6.21340   1.000 15.50904 ? 77  ASP A CG  1 
ATOM   339 O  OD1 . ASP A 1 48 ? -9.76185  0.64055   5.07021   1.000 17.32322 ? 77  ASP A OD1 1 
ATOM   340 O  OD2 . ASP A 1 48 ? -11.11674 1.32530   6.67061   1.000 22.06435 ? 77  ASP A OD2 1 
ATOM   341 N  N   . LYS A 1 49 ? -9.06079  -3.50461  8.00097   1.000 15.23662 ? 78  LYS A N   1 
ATOM   342 C  CA  . LYS A 1 49 ? -8.27777  -4.39212  8.84400   1.000 16.22200 ? 78  LYS A CA  1 
ATOM   343 C  C   . LYS A 1 49 ? -7.40295  -5.30445  7.99689   1.000 16.80881 ? 78  LYS A C   1 
ATOM   344 O  O   . LYS A 1 49 ? -6.28798  -5.65686  8.39963   1.000 19.16073 ? 78  LYS A O   1 
ATOM   345 C  CB  . LYS A 1 49 ? -9.20477  -5.19358  9.75077   1.000 18.05312 ? 78  LYS A CB  1 
ATOM   346 C  CG  . LYS A 1 49 ? -9.89239  -4.35297  10.82140  1.000 21.39645 ? 78  LYS A CG  1 
ATOM   347 C  CD  . LYS A 1 49 ? -10.64176 -5.23012  11.81302  1.000 25.65377 ? 78  LYS A CD  1 
ATOM   348 C  CE  . LYS A 1 49 ? -11.31979 -4.40106  12.89386  1.000 32.66974 ? 78  LYS A CE  1 
ATOM   349 N  NZ  . LYS A 1 49 ? -12.07976 -5.28193  13.82661  1.000 42.32470 ? 78  LYS A NZ  1 
ATOM   350 N  N   . GLU A 1 50 ? -7.86967  -5.65750  6.80187   1.000 15.08182 ? 79  GLU A N   1 
ATOM   351 C  CA  . GLU A 1 50 ? -7.03649  -6.42532  5.88623   1.000 14.89955 ? 79  GLU A CA  1 
ATOM   352 C  C   . GLU A 1 50 ? -5.85070  -5.60508  5.39030   1.000 16.40672 ? 79  GLU A C   1 
ATOM   353 O  O   . GLU A 1 50 ? -4.72324  -6.10306  5.33362   1.000 21.36760 ? 79  GLU A O   1 
ATOM   354 C  CB  . GLU A 1 50 ? -7.89081  -6.92662  4.72227   1.000 14.34910 ? 79  GLU A CB  1 
ATOM   355 C  CG  . GLU A 1 50 ? -8.78593  -8.11549  5.06437   1.000 14.62196 ? 79  GLU A CG  1 
ATOM   356 C  CD  . GLU A 1 50 ? -9.55479  -8.65384  3.87026   1.000 23.70337 ? 79  GLU A CD  1 
ATOM   357 O  OE1 . GLU A 1 50 ? -9.63065  -7.95195  2.82940   1.000 29.56185 ? 79  GLU A OE1 1 
ATOM   358 O  OE2 . GLU A 1 50 ? -10.07271 -9.79231  3.96055   1.000 28.36342 ? 79  GLU A OE2 1 
ATOM   359 N  N   . ILE A 1 51 ? -6.07573  -4.34365  5.03434   1.000 15.88428 ? 80  ILE A N   1 
ATOM   360 C  CA  . ILE A 1 51 ? -4.97625  -3.52738  4.54856   1.000 11.98772 ? 80  ILE A CA  1 
ATOM   361 C  C   . ILE A 1 51 ? -3.95443  -3.30021  5.64729   1.000 15.11437 ? 80  ILE A C   1 
ATOM   362 O  O   . ILE A 1 51 ? -2.75372  -3.50508  5.44962   1.000 15.22467 ? 80  ILE A O   1 
ATOM   363 C  CB  . ILE A 1 51 ? -5.50753  -2.20069  4.01069   1.000 10.64716 ? 80  ILE A CB  1 
ATOM   364 C  CG1 . ILE A 1 51 ? -6.23871  -2.45471  2.70460   1.000 13.15844 ? 80  ILE A CG1 1 
ATOM   365 C  CG2 . ILE A 1 51 ? -4.36000  -1.25678  3.81761   1.000 14.40896 ? 80  ILE A CG2 1 
ATOM   366 C  CD1 . ILE A 1 51 ? -7.04617  -1.28784  2.23649   1.000 15.56956 ? 80  ILE A CD1 1 
ATOM   367 N  N   . LEU A 1 52 ? -4.42167  -2.88370  6.82919   1.000 19.35661 ? 81  LEU A N   1 
ATOM   368 C  CA  . LEU A 1 52 ? -3.52171  -2.65774  7.95619   1.000 18.27271 ? 81  LEU A CA  1 
ATOM   369 C  C   . LEU A 1 52 ? -2.70065  -3.88997  8.25735   1.000 20.49853 ? 81  LEU A C   1 
ATOM   370 O  O   . LEU A 1 52 ? -1.51949  -3.78805  8.60925   1.000 23.43972 ? 81  LEU A O   1 
ATOM   371 C  CB  . LEU A 1 52 ? -4.31292  -2.25761  9.19029   1.000 14.65586 ? 81  LEU A CB  1 
ATOM   372 C  CG  . LEU A 1 52 ? -4.81346  -0.82858  9.12455   1.000 20.46101 ? 81  LEU A CG  1 
ATOM   373 C  CD1 . LEU A 1 52 ? -5.93412  -0.65428  10.11679  1.000 23.74419 ? 81  LEU A CD1 1 
ATOM   374 C  CD2 . LEU A 1 52 ? -3.66393  0.12264   9.43926   1.000 23.22472 ? 81  LEU A CD2 1 
ATOM   375 N  N   . TYR A 1 53 ? -3.30963  -5.06748  8.12150   1.000 19.17013 ? 82  TYR A N   1 
ATOM   376 C  CA  . TYR A 1 53 ? -2.58970  -6.29615  8.43308   1.000 22.68222 ? 82  TYR A CA  1 
ATOM   377 C  C   . TYR A 1 53 ? -1.52693  -6.58056  7.38824   1.000 19.42484 ? 82  TYR A C   1 
ATOM   378 O  O   . TYR A 1 53 ? -0.40511  -6.98012  7.71551   1.000 22.72097 ? 82  TYR A O   1 
ATOM   379 C  CB  . TYR A 1 53 ? -3.56262  -7.45845  8.55359   1.000 14.60747 ? 82  TYR A CB  1 
ATOM   380 C  CG  . TYR A 1 53 ? -2.96291  -8.70181  9.13523   1.000 15.13904 ? 82  TYR A CG  1 
ATOM   381 C  CD1 . TYR A 1 53 ? -2.81392  -8.84916  10.49587  1.000 19.31825 ? 82  TYR A CD1 1 
ATOM   382 C  CD2 . TYR A 1 53 ? -2.58499  -9.75766  8.31638   1.000 27.11775 ? 82  TYR A CD2 1 
ATOM   383 C  CE1 . TYR A 1 53 ? -2.28581  -10.01782 11.03386  1.000 30.09626 ? 82  TYR A CE1 1 
ATOM   384 C  CE2 . TYR A 1 53 ? -2.06700  -10.92556 8.83416   1.000 20.05789 ? 82  TYR A CE2 1 
ATOM   385 C  CZ  . TYR A 1 53 ? -1.91705  -11.04994 10.18820  1.000 28.06790 ? 82  TYR A CZ  1 
ATOM   386 O  OH  . TYR A 1 53 ? -1.38589  -12.20783 10.69138  1.000 28.11851 ? 82  TYR A OH  1 
ATOM   387 N  N   . SER A 1 54 ? -1.85252  -6.35628  6.12912   1.000 16.39190 ? 83  SER A N   1 
ATOM   388 C  CA  . SER A 1 54 ? -0.91340  -6.70234  5.08557   1.000 17.04211 ? 83  SER A CA  1 
ATOM   389 C  C   . SER A 1 54 ? 0.26176   -5.73107  5.06294   1.000 18.98968 ? 83  SER A C   1 
ATOM   390 O  O   . SER A 1 54 ? 1.37651   -6.11683  4.70699   1.000 15.95073 ? 83  SER A O   1 
ATOM   391 C  CB  . SER A 1 54 ? -1.64807  -6.75517  3.76099   1.000 15.48191 ? 83  SER A CB  1 
ATOM   392 O  OG  . SER A 1 54 ? -2.44216  -7.91679  3.70508   1.000 15.11705 ? 83  SER A OG  1 
ATOM   393 N  N   . ILE A 1 55 ? 0.04592   -4.46682  5.41192   1.000 18.18138 ? 84  ILE A N   1 
ATOM   394 C  CA  . ILE A 1 55 ? 1.19777   -3.58172  5.51742   1.000 21.83550 ? 84  ILE A CA  1 
ATOM   395 C  C   . ILE A 1 55 ? 2.03329   -3.96802  6.73335   1.000 25.27357 ? 84  ILE A C   1 
ATOM   396 O  O   . ILE A 1 55 ? 3.26700   -3.99833  6.67630   1.000 26.23880 ? 84  ILE A O   1 
ATOM   397 C  CB  . ILE A 1 55 ? 0.77220   -2.10236  5.56001   1.000 18.95702 ? 84  ILE A CB  1 
ATOM   398 C  CG1 . ILE A 1 55 ? -0.05135  -1.73581  4.32784   1.000 16.54448 ? 84  ILE A CG1 1 
ATOM   399 C  CG2 . ILE A 1 55 ? 1.99069   -1.22294  5.62967   1.000 14.04632 ? 84  ILE A CG2 1 
ATOM   400 C  CD1 . ILE A 1 55 ? -0.85373  -0.48112  4.48987   1.000 14.54449 ? 84  ILE A CD1 1 
ATOM   401 N  N   . THR A 1 56 ? 1.38139   -4.26667  7.85159   1.000 21.65060 ? 85  THR A N   1 
ATOM   402 C  CA  . THR A 1 56 ? 2.12595   -4.62185  9.05276   1.000 24.55003 ? 85  THR A CA  1 
ATOM   403 C  C   . THR A 1 56 ? 2.87967   -5.94085  8.90840   1.000 27.00786 ? 85  THR A C   1 
ATOM   404 O  O   . THR A 1 56 ? 3.98738   -6.07840  9.43950   1.000 29.51553 ? 85  THR A O   1 
ATOM   405 C  CB  . THR A 1 56 ? 1.17607   -4.66950  10.24616  1.000 19.83404 ? 85  THR A CB  1 
ATOM   406 O  OG1 . THR A 1 56 ? 0.44350   -3.44285  10.30917  1.000 19.26071 ? 85  THR A OG1 1 
ATOM   407 C  CG2 . THR A 1 56 ? 1.89872   -4.97726  11.55014  1.000 25.34201 ? 85  THR A CG2 1 
ATOM   408 N  N   . ASN A 1 57 ? 2.29106   -6.93953  8.25438   1.000 21.74182 ? 86  ASN A N   1 
ATOM   409 C  CA  . ASN A 1 57 ? 2.83260   -8.28430  8.35063   1.000 18.99872 ? 86  ASN A CA  1 
ATOM   410 C  C   . ASN A 1 57 ? 3.36620   -8.87402  7.04604   1.000 21.42076 ? 86  ASN A C   1 
ATOM   411 O  O   . ASN A 1 57 ? 3.91817   -9.97516  7.07210   1.000 35.02695 ? 86  ASN A O   1 
ATOM   412 C  CB  . ASN A 1 57 ? 1.78136   -9.22107  8.95284   1.000 19.18850 ? 86  ASN A CB  1 
ATOM   413 C  CG  . ASN A 1 57 ? 1.31493   -8.75448  10.30283  1.000 21.37869 ? 86  ASN A CG  1 
ATOM   414 O  OD1 . ASN A 1 57 ? 0.34128   -8.02107  10.40627  1.000 24.46981 ? 86  ASN A OD1 1 
ATOM   415 N  ND2 . ASN A 1 57 ? 2.05655   -9.08866  11.33346  1.000 23.61252 ? 86  ASN A ND2 1 
ATOM   416 N  N   . GLY A 1 58 ? 3.12234   -8.25033  5.91255   1.000 19.52587 ? 87  GLY A N   1 
ATOM   417 C  CA  . GLY A 1 58 ? 3.56297   -8.65280  4.59203   1.000 17.49797 ? 87  GLY A CA  1 
ATOM   418 C  C   . GLY A 1 58 ? 2.43802   -9.38464  3.90120   1.000 19.72861 ? 87  GLY A C   1 
ATOM   419 O  O   . GLY A 1 58 ? 1.50336   -9.86461  4.54280   1.000 22.36811 ? 87  GLY A O   1 
ATOM   420 N  N   . LYS A 1 59 ? 2.42601   -9.39290  2.55582   1.000 21.29129 ? 88  LYS A N   1 
ATOM   421 C  CA  . LYS A 1 59 ? 1.32084   -10.23479 2.16030   1.000 18.79989 ? 88  LYS A CA  1 
ATOM   422 C  C   . LYS A 1 59 ? 1.40504   -11.66399 1.63646   1.000 30.98388 ? 88  LYS A C   1 
ATOM   423 O  O   . LYS A 1 59 ? 0.99133   -12.55665 2.38958   1.000 41.36393 ? 88  LYS A O   1 
ATOM   424 C  CB  . LYS A 1 59 ? 0.58827   -9.43986  1.07188   1.000 17.73955 ? 88  LYS A CB  1 
ATOM   425 C  CG  . LYS A 1 59 ? -0.58101  -10.13192 0.40026   1.000 21.10075 ? 88  LYS A CG  1 
ATOM   426 C  CD  . LYS A 1 59 ? -1.77483  -10.35334 1.22566   1.000 20.32095 ? 88  LYS A CD  1 
ATOM   427 C  CE  . LYS A 1 59 ? -2.84326  -10.94216 0.33761   1.000 20.08987 ? 88  LYS A CE  1 
ATOM   428 N  NZ  . LYS A 1 59 ? -4.06616  -11.24664 1.10773   1.000 29.90113 ? 88  LYS A NZ  1 
ATOM   429 N  N   . ASN A 1 60 ? 1.99590   -12.00932 0.48403   1.000 30.79926 ? 89  ASN A N   1 
ATOM   430 C  CA  . ASN A 1 60 ? 2.32659   -13.42176 0.31539   1.000 33.95083 ? 89  ASN A CA  1 
ATOM   431 C  C   . ASN A 1 60 ? 3.80931   -13.73032 0.40149   1.000 41.19246 ? 89  ASN A C   1 
ATOM   432 O  O   . ASN A 1 60 ? 4.29460   -14.36760 1.33809   1.000 50.47028 ? 89  ASN A O   1 
ATOM   433 C  CB  . ASN A 1 60 ? 1.71147   -13.92393 -0.99892  1.000 24.62198 ? 89  ASN A CB  1 
ATOM   434 C  CG  . ASN A 1 60 ? 0.16951   -13.96587 -0.93639  1.000 27.98129 ? 89  ASN A CG  1 
ATOM   435 O  OD1 . ASN A 1 60 ? -0.43084  -14.09778 0.13828   1.000 33.13028 ? 89  ASN A OD1 1 
ATOM   436 N  ND2 . ASN A 1 60 ? -0.46784  -13.80382 -2.08408  1.000 34.70949 ? 89  ASN A ND2 1 
ATOM   437 N  N   . LYS A 1 61 ? 4.54706   -13.12748 -0.52664  1.000 37.23259 ? 90  LYS A N   1 
ATOM   438 C  CA  . LYS A 1 61 ? 5.98872   -13.11947 -0.59096  1.000 32.82495 ? 90  LYS A CA  1 
ATOM   439 C  C   . LYS A 1 61 ? 6.49113   -11.75999 -0.21768  1.000 29.81438 ? 90  LYS A C   1 
ATOM   440 O  O   . LYS A 1 61 ? 7.69549   -11.50925 -0.28284  1.000 44.69320 ? 90  LYS A O   1 
ATOM   441 C  CB  . LYS A 1 61 ? 6.45160   -13.49694 -2.00179  1.000 37.48850 ? 90  LYS A CB  1 
ATOM   442 C  CG  . LYS A 1 61 ? 6.06483   -14.92895 -2.43031  1.000 40.88931 ? 90  LYS A CG  1 
ATOM   443 C  CD  . LYS A 1 61 ? 6.53915   -15.26647 -3.84367  1.000 35.83303 ? 90  LYS A CD  1 
ATOM   444 C  CE  . LYS A 1 61 ? 6.18674   -16.69457 -4.23436  1.000 35.29222 ? 90  LYS A CE  1 
ATOM   445 N  NZ  . LYS A 1 61 ? 4.71385   -16.89674 -4.36426  1.000 26.00092 ? 90  LYS A NZ  1 
ATOM   446 N  N   . MET A 1 62 ? 5.63520   -10.92802 0.14039   1.000 26.15241 ? 91  MET A N   1 
ATOM   447 C  CA  . MET A 1 62 ? 6.08348   -9.56869  0.28523   1.000 23.39195 ? 91  MET A CA  1 
ATOM   448 C  C   . MET A 1 62 ? 6.34984   -9.27995  1.74851   1.000 28.54156 ? 91  MET A C   1 
ATOM   449 O  O   . MET A 1 62 ? 5.77265   -9.91480  2.64001   1.000 29.52034 ? 91  MET A O   1 
ATOM   450 C  CB  . MET A 1 62 ? 5.06531   -8.58413  -0.28425  1.000 18.37833 ? 91  MET A CB  1 
ATOM   451 C  CG  . MET A 1 62 ? 4.96686   -8.68962  -1.79162  1.000 23.10123 ? 91  MET A CG  1 
ATOM   452 S  SD  . MET A 1 62 ? 6.47578   -8.09079  -2.58376  1.000 28.74915 ? 91  MET A SD  1 
ATOM   453 C  CE  . MET A 1 62 ? 6.90701   -9.46554  -3.64054  1.000 23.43052 ? 91  MET A CE  1 
ATOM   454 N  N   . PRO A 1 63 ? 7.29649   -8.40646  2.01517   1.000 24.05339 ? 92  PRO A N   1 
ATOM   455 C  CA  . PRO A 1 63 ? 7.77312   -8.24440  3.37920   1.000 21.22185 ? 92  PRO A CA  1 
ATOM   456 C  C   . PRO A 1 63 ? 6.85695   -7.35261  4.19487   1.000 21.84680 ? 92  PRO A C   1 
ATOM   457 O  O   . PRO A 1 63 ? 5.99863   -6.63505  3.68836   1.000 18.55222 ? 92  PRO A O   1 
ATOM   458 C  CB  . PRO A 1 63 ? 9.15145   -7.60725  3.16534   1.000 18.34138 ? 92  PRO A CB  1 
ATOM   459 C  CG  . PRO A 1 63 ? 9.49539   -8.02720  1.77016   1.000 23.36653 ? 92  PRO A CG  1 
ATOM   460 C  CD  . PRO A 1 63 ? 8.20467   -7.72051  1.09987   1.000 25.73420 ? 92  PRO A CD  1 
ATOM   461 N  N   . ALA A 1 64 ? 7.11640   -7.37182  5.48419   1.000 21.19314 ? 93  ALA A N   1 
ATOM   462 C  CA  . ALA A 1 64 ? 6.35091   -6.61472  6.44300   1.000 20.07502 ? 93  ALA A CA  1 
ATOM   463 C  C   . ALA A 1 64 ? 7.00073   -5.25549  6.61420   1.000 20.56557 ? 93  ALA A C   1 
ATOM   464 O  O   . ALA A 1 64 ? 8.21932   -5.11869  6.51906   1.000 23.62539 ? 93  ALA A O   1 
ATOM   465 C  CB  . ALA A 1 64 ? 6.29066   -7.36025  7.77641   1.000 22.49585 ? 93  ALA A CB  1 
ATOM   466 N  N   . TRP A 1 65 ? 6.18037   -4.24014  6.83334   1.000 20.36949 ? 94  TRP A N   1 
ATOM   467 C  CA  . TRP A 1 65 ? 6.70507   -2.90760  7.06323   1.000 19.26747 ? 94  TRP A CA  1 
ATOM   468 C  C   . TRP A 1 65 ? 6.73242   -2.50637  8.53018   1.000 24.17861 ? 94  TRP A C   1 
ATOM   469 O  O   . TRP A 1 65 ? 7.09850   -1.36192  8.82904   1.000 24.74779 ? 94  TRP A O   1 
ATOM   470 C  CB  . TRP A 1 65 ? 5.88626   -1.89057  6.28302   1.000 18.00327 ? 94  TRP A CB  1 
ATOM   471 C  CG  . TRP A 1 65 ? 6.16970   -1.91791  4.82690   1.000 16.98485 ? 94  TRP A CG  1 
ATOM   472 C  CD1 . TRP A 1 65 ? 5.48778   -2.61875  3.88473   1.000 19.06362 ? 94  TRP A CD1 1 
ATOM   473 C  CD2 . TRP A 1 65 ? 7.19767   -1.19927  4.13217   1.000 13.11428 ? 94  TRP A CD2 1 
ATOM   474 N  NE1 . TRP A 1 65 ? 6.02174   -2.38282  2.64109   1.000 21.85817 ? 94  TRP A NE1 1 
ATOM   475 C  CE2 . TRP A 1 65 ? 7.07555   -1.51434  2.76755   1.000 18.87840 ? 94  TRP A CE2 1 
ATOM   476 C  CE3 . TRP A 1 65 ? 8.21053   -0.32912  4.53144   1.000 16.89762 ? 94  TRP A CE3 1 
ATOM   477 C  CZ2 . TRP A 1 65 ? 7.93820   -0.99475  1.79772   1.000 16.39194 ? 94  TRP A CZ2 1 
ATOM   478 C  CZ3 . TRP A 1 65 ? 9.06126   0.18999   3.56648   1.000 21.13630 ? 94  TRP A CZ3 1 
ATOM   479 C  CH2 . TRP A 1 65 ? 8.92196   -0.14609  2.22065   1.000 17.91416 ? 94  TRP A CH2 1 
ATOM   480 N  N   . ASN A 1 66 ? 6.38524   -3.40685  9.45867   1.000 24.43264 ? 95  ASN A N   1 
ATOM   481 C  CA  . ASN A 1 66 ? 6.29953   -2.98238  10.85404  1.000 25.75760 ? 95  ASN A CA  1 
ATOM   482 C  C   . ASN A 1 66 ? 7.65800   -2.88528  11.53222  1.000 26.25293 ? 95  ASN A C   1 
ATOM   483 O  O   . ASN A 1 66 ? 7.71095   -2.58288  12.72960  1.000 26.58361 ? 95  ASN A O   1 
ATOM   484 C  CB  . ASN A 1 66 ? 5.37424   -3.89150  11.66875  1.000 26.77135 ? 95  ASN A CB  1 
ATOM   485 C  CG  . ASN A 1 66 ? 5.95961   -5.25554  11.93204  1.000 26.90507 ? 95  ASN A CG  1 
ATOM   486 O  OD1 . ASN A 1 66 ? 6.82017   -5.73627  11.19609  1.000 26.50911 ? 95  ASN A OD1 1 
ATOM   487 N  ND2 . ASN A 1 66 ? 5.52718   -5.87154  13.03185  1.000 31.02972 ? 95  ASN A ND2 1 
ATOM   488 N  N   . GLU A 1 67 ? 8.73882   -3.16595  10.80266  1.000 28.57016 ? 96  GLU A N   1 
ATOM   489 C  CA  . GLU A 1 67 ? 10.08123  -2.74749  11.18882  1.000 26.34512 ? 96  GLU A CA  1 
ATOM   490 C  C   . GLU A 1 67 ? 10.30510  -1.27055  10.89134  1.000 33.08635 ? 96  GLU A C   1 
ATOM   491 O  O   . GLU A 1 67 ? 10.61980  -0.48437  11.79241  1.000 39.33745 ? 96  GLU A O   1 
ATOM   492 C  CB  . GLU A 1 67 ? 11.11486  -3.57405  10.44116  1.000 37.38117 ? 96  GLU A CB  1 
ATOM   493 C  CG  . GLU A 1 67 ? 10.95481  -5.06448  10.58388  1.000 46.65801 ? 96  GLU A CG  1 
ATOM   494 C  CD  . GLU A 1 67 ? 11.56011  -5.59383  11.86023  1.000 47.49484 ? 96  GLU A CD  1 
ATOM   495 O  OE1 . GLU A 1 67 ? 11.43792  -4.91772  12.91562  1.000 50.91938 ? 96  GLU A OE1 1 
ATOM   496 O  OE2 . GLU A 1 67 ? 12.18931  -6.67901  11.78360  1.000 43.28466 ? 96  GLU A OE2 1 
ATOM   497 N  N   . ARG A 1 68 ? 10.15805  -0.88335  9.61446   1.000 31.06833 ? 97  ARG A N   1 
ATOM   498 C  CA  . ARG A 1 68 ? 10.56878  0.43650   9.14586   1.000 29.14885 ? 97  ARG A CA  1 
ATOM   499 C  C   . ARG A 1 68 ? 9.58240   1.54669   9.48488   1.000 30.98165 ? 97  ARG A C   1 
ATOM   500 O  O   . ARG A 1 68 ? 9.97945   2.71886   9.46966   1.000 28.20478 ? 97  ARG A O   1 
ATOM   501 C  CB  . ARG A 1 68 ? 10.79193  0.41185   7.62762   1.000 27.67046 ? 97  ARG A CB  1 
ATOM   502 C  CG  . ARG A 1 68 ? 11.99611  -0.43834  7.19230   1.000 48.02793 ? 97  ARG A CG  1 
ATOM   503 C  CD  . ARG A 1 68 ? 12.16496  -0.44704  5.68185   1.000 54.48527 ? 97  ARG A CD  1 
ATOM   504 N  NE  . ARG A 1 68 ? 12.50695  0.91173   5.24644   1.000 71.18017 ? 97  ARG A NE  1 
ATOM   505 C  CZ  . ARG A 1 68 ? 13.73673  1.42788   5.21837   1.000 69.37300 ? 97  ARG A CZ  1 
ATOM   506 N  NH1 . ARG A 1 68 ? 14.79531  0.69181   5.56566   1.000 64.16463 ? 97  ARG A NH1 1 
ATOM   507 N  NH2 . ARG A 1 68 ? 13.90361  2.68895   4.82683   1.000 51.14194 ? 97  ARG A NH2 1 
ATOM   508 N  N   . LEU A 1 69 ? 8.32114   1.21497   9.79309   1.000 26.19303 ? 98  LEU A N   1 
ATOM   509 C  CA  . LEU A 1 69 ? 7.27198   2.20604   10.00402  1.000 22.90329 ? 98  LEU A CA  1 
ATOM   510 C  C   . LEU A 1 69 ? 6.61703   1.99819   11.36408  1.000 24.49991 ? 98  LEU A C   1 
ATOM   511 O  O   . LEU A 1 69 ? 6.46060   0.86624   11.81716  1.000 29.42310 ? 98  LEU A O   1 
ATOM   512 C  CB  . LEU A 1 69 ? 6.20707   2.11921   8.90941   1.000 23.97275 ? 98  LEU A CB  1 
ATOM   513 C  CG  . LEU A 1 69 ? 6.66461   2.16933   7.45043   1.000 18.33469 ? 98  LEU A CG  1 
ATOM   514 C  CD1 . LEU A 1 69 ? 5.47630   1.92773   6.55560   1.000 13.86503 ? 98  LEU A CD1 1 
ATOM   515 C  CD2 . LEU A 1 69 ? 7.33267   3.47384   7.11361   1.000 15.87916 ? 98  LEU A CD2 1 
ATOM   516 N  N   . THR A 1 70 ? 6.21905   3.09563   12.01179  1.000 25.98614 ? 99  THR A N   1 
ATOM   517 C  CA  . THR A 1 70 ? 5.50187   3.00306   13.27916  1.000 22.43421 ? 99  THR A CA  1 
ATOM   518 C  C   . THR A 1 70 ? 4.06763   2.56511   13.02521  1.000 27.58520 ? 99  THR A C   1 
ATOM   519 O  O   . THR A 1 70 ? 3.59061   2.61901   11.88996  1.000 31.03237 ? 99  THR A O   1 
ATOM   520 C  CB  . THR A 1 70 ? 5.50278   4.34402   14.00794  1.000 25.53262 ? 99  THR A CB  1 
ATOM   521 O  OG1 . THR A 1 70 ? 4.60510   5.25166   13.35852  1.000 25.87670 ? 99  THR A OG1 1 
ATOM   522 C  CG2 . THR A 1 70 ? 6.88597   4.94322   13.99655  1.000 33.02417 ? 99  THR A CG2 1 
ATOM   523 N  N   . PRO A 1 71 ? 3.36243   2.09517   14.05978  1.000 29.54145 ? 100 PRO A N   1 
ATOM   524 C  CA  . PRO A 1 71 ? 1.92825   1.82221   13.87183  1.000 25.76769 ? 100 PRO A CA  1 
ATOM   525 C  C   . PRO A 1 71 ? 1.18055   3.03384   13.35381  1.000 31.54294 ? 100 PRO A C   1 
ATOM   526 O  O   . PRO A 1 71 ? 0.42626   2.91566   12.37749  1.000 34.22927 ? 100 PRO A O   1 
ATOM   527 C  CB  . PRO A 1 71 ? 1.46367   1.42108   15.27751  1.000 17.98312 ? 100 PRO A CB  1 
ATOM   528 C  CG  . PRO A 1 71 ? 2.65119   0.91184   15.92479  1.000 22.47094 ? 100 PRO A CG  1 
ATOM   529 C  CD  . PRO A 1 71 ? 3.80055   1.73613   15.41492  1.000 29.62564 ? 100 PRO A CD  1 
ATOM   530 N  N   . GLU A 1 72 ? 1.40533   4.20887   13.95955  1.000 26.19904 ? 101 GLU A N   1 
ATOM   531 C  CA  . GLU A 1 72 ? 0.79879   5.43823   13.45829  1.000 27.08538 ? 101 GLU A CA  1 
ATOM   532 C  C   . GLU A 1 72 ? 1.06329   5.58251   11.97368  1.000 24.12277 ? 101 GLU A C   1 
ATOM   533 O  O   . GLU A 1 72 ? 0.14919   5.83647   11.18626  1.000 29.66271 ? 101 GLU A O   1 
ATOM   534 C  CB  . GLU A 1 72 ? 1.34403   6.66487   14.19171  1.000 31.30872 ? 101 GLU A CB  1 
ATOM   535 C  CG  . GLU A 1 72 ? 0.84670   6.89183   15.59872  1.000 32.27648 ? 101 GLU A CG  1 
ATOM   536 C  CD  . GLU A 1 72 ? 1.52850   6.00943   16.62389  1.000 32.37643 ? 101 GLU A CD  1 
ATOM   537 O  OE1 . GLU A 1 72 ? 0.97352   5.86870   17.73286  1.000 39.56781 ? 101 GLU A OE1 1 
ATOM   538 O  OE2 . GLU A 1 72 ? 2.62017   5.47515   16.34063  1.000 31.30137 ? 101 GLU A OE2 1 
ATOM   539 N  N   . GLU A 1 73 ? 2.31874   5.40744   11.57243  1.000 23.92223 ? 102 GLU A N   1 
ATOM   540 C  CA  . GLU A 1 73 ? 2.65620   5.57457   10.16964  1.000 23.11341 ? 102 GLU A CA  1 
ATOM   541 C  C   . GLU A 1 73 ? 1.93115   4.55525   9.31408   1.000 18.95727 ? 102 GLU A C   1 
ATOM   542 O  O   . GLU A 1 73 ? 1.54453   4.86242   8.18528   1.000 20.20668 ? 102 GLU A O   1 
ATOM   543 C  CB  . GLU A 1 73 ? 4.17598   5.48614   9.97706   1.000 28.33519 ? 102 GLU A CB  1 
ATOM   544 C  CG  . GLU A 1 73 ? 4.93733   6.71352   10.50246  1.000 25.13737 ? 102 GLU A CG  1 
ATOM   545 C  CD  . GLU A 1 73 ? 6.44297   6.58235   10.42922  1.000 23.01349 ? 102 GLU A CD  1 
ATOM   546 O  OE1 . GLU A 1 73 ? 6.99063   5.50077   10.73504  1.000 25.35233 ? 102 GLU A OE1 1 
ATOM   547 O  OE2 . GLU A 1 73 ? 7.08797   7.57583   10.04470  1.000 33.82274 ? 102 GLU A OE2 1 
ATOM   548 N  N   . ILE A 1 74 ? 1.69692   3.35247   9.83665   1.000 23.13045 ? 103 ILE A N   1 
ATOM   549 C  CA  . ILE A 1 74 ? 1.00315   2.35275   9.02972   1.000 20.66387 ? 103 ILE A CA  1 
ATOM   550 C  C   . ILE A 1 74 ? -0.45788  2.73000   8.86373   1.000 22.95374 ? 103 ILE A C   1 
ATOM   551 O  O   . ILE A 1 74 ? -1.02906  2.59562   7.77270   1.000 26.53865 ? 103 ILE A O   1 
ATOM   552 C  CB  . ILE A 1 74 ? 1.16851   0.94800   9.62545   1.000 18.84633 ? 103 ILE A CB  1 
ATOM   553 C  CG1 . ILE A 1 74 ? 2.63726   0.50032   9.49633   1.000 25.96118 ? 103 ILE A CG1 1 
ATOM   554 C  CG2 . ILE A 1 74 ? 0.26797   -0.01701  8.89624   1.000 17.34143 ? 103 ILE A CG2 1 
ATOM   555 C  CD1 . ILE A 1 74 ? 3.03481   -0.67021  10.36498  1.000 24.56258 ? 103 ILE A CD1 1 
ATOM   556 N  N   . GLU A 1 75 ? -1.07524  3.25463   9.92034   1.000 22.48831 ? 104 GLU A N   1 
ATOM   557 C  CA  . GLU A 1 75 ? -2.47244  3.64223   9.81576   1.000 21.82249 ? 104 GLU A CA  1 
ATOM   558 C  C   . GLU A 1 75 ? -2.64842  4.78176   8.82701   1.000 22.99487 ? 104 GLU A C   1 
ATOM   559 O  O   . GLU A 1 75 ? -3.50978  4.72139   7.93942   1.000 22.09148 ? 104 GLU A O   1 
ATOM   560 C  CB  . GLU A 1 75 ? -2.99293  4.02073   11.18490  1.000 23.64777 ? 104 GLU A CB  1 
ATOM   561 C  CG  . GLU A 1 75 ? -3.05540  2.82123   12.06700  1.000 37.30429 ? 104 GLU A CG  1 
ATOM   562 C  CD  . GLU A 1 75 ? -3.43027  3.17498   13.47537  1.000 63.80262 ? 104 GLU A CD  1 
ATOM   563 O  OE1 . GLU A 1 75 ? -3.90704  4.32145   13.68690  1.000 66.29334 ? 104 GLU A OE1 1 
ATOM   564 O  OE2 . GLU A 1 75 ? -3.23542  2.30728   14.36274  1.000 62.33755 ? 104 GLU A OE2 1 
ATOM   565 N  N   . ALA A 1 76 ? -1.81246  5.81468   8.93500   1.000 23.23524 ? 105 ALA A N   1 
ATOM   566 C  CA  . ALA A 1 76 ? -1.89910  6.90500   7.97530   1.000 19.81234 ? 105 ALA A CA  1 
ATOM   567 C  C   . ALA A 1 76 ? -1.77783  6.36531   6.56082   1.000 24.28818 ? 105 ALA A C   1 
ATOM   568 O  O   . ALA A 1 76 ? -2.58764  6.69628   5.68596   1.000 25.29983 ? 105 ALA A O   1 
ATOM   569 C  CB  . ALA A 1 76 ? -0.82064  7.93996   8.26215   1.000 12.47888 ? 105 ALA A CB  1 
ATOM   570 N  N   . LEU A 1 77 ? -0.84185  5.44202   6.35203   1.000 18.19272 ? 106 LEU A N   1 
ATOM   571 C  CA  . LEU A 1 77 ? -0.68220  4.84235   5.03882   1.000 19.55984 ? 106 LEU A CA  1 
ATOM   572 C  C   . LEU A 1 77 ? -1.92639  4.06804   4.61478   1.000 25.00979 ? 106 LEU A C   1 
ATOM   573 O  O   . LEU A 1 77 ? -2.37046  4.17622   3.46010   1.000 21.35298 ? 106 LEU A O   1 
ATOM   574 C  CB  . LEU A 1 77 ? 0.53495   3.94185   5.04461   1.000 16.73016 ? 106 LEU A CB  1 
ATOM   575 C  CG  . LEU A 1 77 ? 1.76304   4.79795   4.90150   1.000 15.06025 ? 106 LEU A CG  1 
ATOM   576 C  CD1 . LEU A 1 77 ? 2.92806   4.02185   5.41233   1.000 19.52702 ? 106 LEU A CD1 1 
ATOM   577 C  CD2 . LEU A 1 77 ? 1.93083   5.14045   3.45682   1.000 16.51693 ? 106 LEU A CD2 1 
ATOM   578 N  N   . ALA A 1 78 ? -2.49480  3.26918   5.52220   1.000 18.14908 ? 107 ALA A N   1 
ATOM   579 C  CA  . ALA A 1 78 ? -3.71638  2.55974   5.17550   1.000 17.78017 ? 107 ALA A CA  1 
ATOM   580 C  C   . ALA A 1 78 ? -4.78394  3.55319   4.73798   1.000 24.42403 ? 107 ALA A C   1 
ATOM   581 O  O   . ALA A 1 78 ? -5.39183  3.40006   3.67123   1.000 24.61402 ? 107 ALA A O   1 
ATOM   582 C  CB  . ALA A 1 78 ? -4.19108  1.70809   6.34766   1.000 14.09639 ? 107 ALA A CB  1 
ATOM   583 N  N   . ARG A 1 79 ? -4.98595  4.61625   5.52270   1.000 21.94695 ? 108 ARG A N   1 
ATOM   584 C  CA  . ARG A 1 79 ? -5.94695  5.63519   5.12016   1.000 20.40048 ? 108 ARG A CA  1 
ATOM   585 C  C   . ARG A 1 79 ? -5.55182  6.27392   3.79718   1.000 25.72445 ? 108 ARG A C   1 
ATOM   586 O  O   . ARG A 1 79 ? -6.42544  6.63114   2.99342   1.000 24.73437 ? 108 ARG A O   1 
ATOM   587 C  CB  . ARG A 1 79 ? -6.08682  6.68954   6.21694   1.000 24.41775 ? 108 ARG A CB  1 
ATOM   588 C  CG  . ARG A 1 79 ? -6.88104  6.18458   7.43224   1.000 34.61928 ? 108 ARG A CG  1 
ATOM   589 C  CD  . ARG A 1 79 ? -7.29715  7.31070   8.36738   1.000 29.50329 ? 108 ARG A CD  1 
ATOM   590 N  NE  . ARG A 1 79 ? -6.14494  8.11066   8.77571   1.000 37.49891 ? 108 ARG A NE  1 
ATOM   591 C  CZ  . ARG A 1 79 ? -5.30982  7.78330   9.76423   1.000 36.24923 ? 108 ARG A CZ  1 
ATOM   592 N  NH1 . ARG A 1 79 ? -5.50845  6.67161   10.47634  1.000 39.40020 ? 108 ARG A NH1 1 
ATOM   593 N  NH2 . ARG A 1 79 ? -4.28052  8.57681   10.05237  1.000 26.11872 ? 108 ARG A NH2 1 
ATOM   594 N  N   . TYR A 1 80 ? -4.24653  6.39800   3.53017   1.000 23.84029 ? 109 TYR A N   1 
ATOM   595 C  CA  . TYR A 1 80 ? -3.83276  6.99005   2.26235   1.000 17.27582 ? 109 TYR A CA  1 
ATOM   596 C  C   . TYR A 1 80 ? -4.12079  6.06099   1.09770   1.000 18.67316 ? 109 TYR A C   1 
ATOM   597 O  O   . TYR A 1 80 ? -4.56383  6.50775   0.03268   1.000 19.91126 ? 109 TYR A O   1 
ATOM   598 C  CB  . TYR A 1 80 ? -2.35830  7.35358   2.26522   1.000 17.49962 ? 109 TYR A CB  1 
ATOM   599 C  CG  . TYR A 1 80 ? -2.01568  8.06752   0.98300   1.000 17.47214 ? 109 TYR A CG  1 
ATOM   600 C  CD1 . TYR A 1 80 ? -2.47931  9.37061   0.73530   1.000 15.37056 ? 109 TYR A CD1 1 
ATOM   601 C  CD2 . TYR A 1 80 ? -1.27440  7.43496   -0.00055  1.000 14.56204 ? 109 TYR A CD2 1 
ATOM   602 C  CE1 . TYR A 1 80 ? -2.18555  10.01602  -0.45534  1.000 12.84807 ? 109 TYR A CE1 1 
ATOM   603 C  CE2 . TYR A 1 80 ? -0.98398  8.06950   -1.19176  1.000 16.05255 ? 109 TYR A CE2 1 
ATOM   604 C  CZ  . TYR A 1 80 ? -1.43856  9.35137   -1.41695  1.000 13.61410 ? 109 TYR A CZ  1 
ATOM   605 O  OH  . TYR A 1 80 ? -1.14002  9.93792   -2.62071  1.000 12.29955 ? 109 TYR A OH  1 
ATOM   606 N  N   . VAL A 1 81 ? -3.87649  4.76373   1.27973   1.000 22.20122 ? 110 VAL A N   1 
ATOM   607 C  CA  . VAL A 1 81 ? -4.16100  3.79606   0.22128   1.000 20.82635 ? 110 VAL A CA  1 
ATOM   608 C  C   . VAL A 1 81 ? -5.60946  3.91806   -0.21651  1.000 18.08754 ? 110 VAL A C   1 
ATOM   609 O  O   . VAL A 1 81 ? -5.92635  3.81724   -1.40486  1.000 14.39960 ? 110 VAL A O   1 
ATOM   610 C  CB  . VAL A 1 81 ? -3.83554  2.37544   0.71070   1.000 17.31342 ? 110 VAL A CB  1 
ATOM   611 C  CG1 . VAL A 1 81 ? -4.34281  1.35607   -0.25387  1.000 10.53568 ? 110 VAL A CG1 1 
ATOM   612 C  CG2 . VAL A 1 81 ? -2.34442  2.25074   0.91297   1.000 25.43394 ? 110 VAL A CG2 1 
ATOM   613 N  N   . ARG A 1 82 ? -6.50304  4.18367   0.74050   1.000 17.98021 ? 111 ARG A N   1 
ATOM   614 C  CA  . ARG A 1 82 ? -7.89260  4.45178   0.41094   1.000 14.14145 ? 111 ARG A CA  1 
ATOM   615 C  C   . ARG A 1 82 ? -8.04016  5.70320   -0.44671  1.000 17.32468 ? 111 ARG A C   1 
ATOM   616 O  O   . ARG A 1 82 ? -8.84130  5.70833   -1.39095  1.000 16.49299 ? 111 ARG A O   1 
ATOM   617 C  CB  . ARG A 1 82 ? -8.71117  4.58065   1.68138   1.000 13.32225 ? 111 ARG A CB  1 
ATOM   618 C  CG  . ARG A 1 82 ? -8.85638  3.30212   2.42638   1.000 14.33328 ? 111 ARG A CG  1 
ATOM   619 C  CD  . ARG A 1 82 ? -9.48006  2.25700   1.54583   1.000 14.17746 ? 111 ARG A CD  1 
ATOM   620 N  NE  . ARG A 1 82 ? -10.01429 1.16287   2.33730   1.000 12.22941 ? 111 ARG A NE  1 
ATOM   621 C  CZ  . ARG A 1 82 ? -10.39638 -0.00852  1.84100   1.000 13.60894 ? 111 ARG A CZ  1 
ATOM   622 N  NH1 . ARG A 1 82 ? -10.29625 -0.27471  0.54740   1.000 9.71543  ? 111 ARG A NH1 1 
ATOM   623 N  NH2 . ARG A 1 82 ? -10.86875 -0.93430  2.65524   1.000 18.91774 ? 111 ARG A NH2 1 
ATOM   624 N  N   . LYS A 1 83 ? -7.28011  6.77299   -0.15345  1.000 14.66653 ? 112 LYS A N   1 
ATOM   625 C  CA  . LYS A 1 83 ? -7.44694  8.00138   -0.93613  1.000 18.44613 ? 112 LYS A CA  1 
ATOM   626 C  C   . LYS A 1 83 ? -7.06830  7.87514   -2.41893  1.000 17.87883 ? 112 LYS A C   1 
ATOM   627 O  O   . LYS A 1 83 ? -7.23198  8.83534   -3.17799  1.000 15.71669 ? 112 LYS A O   1 
ATOM   628 C  CB  . LYS A 1 83 ? -6.63858  9.16322   -0.34495  1.000 15.35486 ? 112 LYS A CB  1 
ATOM   629 C  CG  . LYS A 1 83 ? -7.17034  9.74256   0.94576   1.000 25.60051 ? 112 LYS A CG  1 
ATOM   630 C  CD  . LYS A 1 83 ? -6.29927  10.90922  1.44332   1.000 41.71357 ? 112 LYS A CD  1 
ATOM   631 C  CE  . LYS A 1 83 ? -6.51592  12.17774  0.58843   1.000 47.39541 ? 112 LYS A CE  1 
ATOM   632 N  NZ  . LYS A 1 83 ? -5.74045  13.38394  1.07807   1.000 53.16025 ? 112 LYS A NZ  1 
ATOM   633 N  N   . LEU A 1 84 ? -6.57059  6.71944   -2.85105  1.000 14.50447 ? 113 LEU A N   1 
ATOM   634 C  CA  . LEU A 1 84 ? -6.20037  6.49792   -4.25298  1.000 15.59381 ? 113 LEU A CA  1 
ATOM   635 C  C   . LEU A 1 84 ? -7.31045  5.80958   -5.06948  1.000 23.26082 ? 113 LEU A C   1 
ATOM   636 O  O   . LEU A 1 84 ? -7.12421  4.69527   -5.53747  1.000 32.45157 ? 113 LEU A O   1 
ATOM   637 C  CB  . LEU A 1 84 ? -4.91847  5.66471   -4.31058  1.000 16.58642 ? 113 LEU A CB  1 
ATOM   638 C  CG  . LEU A 1 84 ? -3.64231  5.99190   -3.54011  1.000 14.38729 ? 113 LEU A CG  1 
ATOM   639 C  CD1 . LEU A 1 84 ? -2.82667  4.76235   -3.42940  1.000 15.33745 ? 113 LEU A CD1 1 
ATOM   640 C  CD2 . LEU A 1 84 ? -2.81930  6.98506   -4.27735  1.000 14.67616 ? 113 LEU A CD2 1 
ATOM   641 N  N   . SER A 1 85 ? -8.46073  6.45316   -5.31538  1.000 24.95878 ? 114 SER A N   1 
ATOM   642 C  CA  . SER A 1 85 ? -9.43958  5.75009   -6.20519  1.000 20.13202 ? 114 SER A CA  1 
ATOM   643 C  C   . SER A 1 85 ? -10.12835 6.55185   -7.33252  1.000 31.71144 ? 114 SER A C   1 
ATOM   644 O  O   . SER A 1 85 ? -10.53679 5.98464   -8.37565  1.000 24.57191 ? 114 SER A O   1 
ATOM   645 C  CB  . SER A 1 85 ? -10.53264 5.09597   -5.35944  1.000 20.98373 ? 114 SER A CB  1 
ATOM   646 O  OG  . SER A 1 85 ? -9.96749  4.36104   -4.28726  1.000 19.53278 ? 114 SER A OG  1 
HETATM 647 FE FE  . HEC B 2 .  ? 2.33572   -3.47057  -1.46041  1.000 15.60424 ? 201 HEC A FE  1 
HETATM 648 C  CHA . HEC B 2 .  ? 0.01833   -5.77983  -1.86789  1.000 20.27534 ? 201 HEC A CHA 1 
HETATM 649 C  CHB . HEC B 2 .  ? 0.27944   -1.43853  0.24402   1.000 18.87995 ? 201 HEC A CHB 1 
HETATM 650 C  CHC . HEC B 2 .  ? 4.99491   -1.45457  -0.55671  1.000 20.33358 ? 201 HEC A CHC 1 
HETATM 651 C  CHD . HEC B 2 .  ? 4.28613   -4.87834  -3.89308  1.000 14.31799 ? 201 HEC A CHD 1 
HETATM 652 N  NA  . HEC B 2 .  ? 0.51470   -3.57425  -0.91468  1.000 20.01103 ? 201 HEC A NA  1 
HETATM 653 C  C1A . HEC B 2 .  ? -0.32936  -4.64409  -1.15820  1.000 20.05918 ? 201 HEC A C1A 1 
HETATM 654 C  C2A . HEC B 2 .  ? -1.61414  -4.34047  -0.54894  1.000 14.06318 ? 201 HEC A C2A 1 
HETATM 655 C  C3A . HEC B 2 .  ? -1.52891  -3.14163  0.03508   1.000 19.77060 ? 201 HEC A C3A 1 
HETATM 656 C  C4A . HEC B 2 .  ? -0.19130  -2.64343  -0.18836  1.000 20.08719 ? 201 HEC A C4A 1 
HETATM 657 C  CMA . HEC B 2 .  ? -2.61928  -2.37859  0.82779   1.000 16.21944 ? 201 HEC A CMA 1 
HETATM 658 C  CAA . HEC B 2 .  ? -2.84292  -5.25111  -0.55030  1.000 12.75310 ? 201 HEC A CAA 1 
HETATM 659 C  CBA . HEC B 2 .  ? -2.70788  -6.20496  0.62149   1.000 13.53185 ? 201 HEC A CBA 1 
HETATM 660 C  CGA . HEC B 2 .  ? -3.74676  -7.28925  0.54657   1.000 17.72267 ? 201 HEC A CGA 1 
HETATM 661 O  O1A . HEC B 2 .  ? -4.45227  -7.39196  -0.48608  1.000 17.06007 ? 201 HEC A O1A 1 
HETATM 662 O  O2A . HEC B 2 .  ? -3.86336  -8.06092  1.52879   1.000 21.74953 ? 201 HEC A O2A 1 
HETATM 663 N  NB  . HEC B 2 .  ? 2.58376   -1.76024  -0.39452  1.000 16.22490 ? 201 HEC A NB  1 
HETATM 664 C  C1B . HEC B 2 .  ? 1.59516   -1.10561  0.28118   1.000 15.41064 ? 201 HEC A C1B 1 
HETATM 665 C  C2B . HEC B 2 .  ? 2.15756   -0.02636  1.04677   1.000 14.18261 ? 201 HEC A C2B 1 
HETATM 666 C  C3B . HEC B 2 .  ? 3.46109   -0.01412  0.81737   1.000 15.35647 ? 201 HEC A C3B 1 
HETATM 667 C  C4B . HEC B 2 .  ? 3.75491   -1.11209  -0.07666  1.000 19.68906 ? 201 HEC A C4B 1 
HETATM 668 C  CMB . HEC B 2 .  ? 1.34420   0.93825   1.94036   1.000 18.80416 ? 201 HEC A CMB 1 
HETATM 669 C  CAB . HEC B 2 .  ? 4.50879   0.92701   1.44567   1.000 20.04282 ? 201 HEC A CAB 1 
HETATM 670 C  CBB . HEC B 2 .  ? 4.59991   1.00732   2.78463   1.000 13.13386 ? 201 HEC A CBB 1 
HETATM 671 N  NC  . HEC B 2 .  ? 4.26338   -3.21641  -2.07373  1.000 15.70764 ? 201 HEC A NC  1 
HETATM 672 C  C1C . HEC B 2 .  ? 5.19511   -2.31512  -1.60493  1.000 15.55566 ? 201 HEC A C1C 1 
HETATM 673 C  C2C . HEC B 2 .  ? 6.40899   -2.43476  -2.38924  1.000 14.55324 ? 201 HEC A C2C 1 
HETATM 674 C  C3C . HEC B 2 .  ? 6.18068   -3.37049  -3.31559  1.000 16.74087 ? 201 HEC A C3C 1 
HETATM 675 C  C4C . HEC B 2 .  ? 4.85103   -3.89187  -3.12401  1.000 17.66325 ? 201 HEC A C4C 1 
HETATM 676 C  CMC . HEC B 2 .  ? 7.68483   -1.58354  -2.19029  1.000 10.85132 ? 201 HEC A CMC 1 
HETATM 677 C  CAC . HEC B 2 .  ? 7.12478   -3.93714  -4.38499  1.000 16.55240 ? 201 HEC A CAC 1 
HETATM 678 C  CBC . HEC B 2 .  ? 8.43202   -4.04861  -4.14756  1.000 15.46871 ? 201 HEC A CBC 1 
HETATM 679 N  ND  . HEC B 2 .  ? 2.18430   -5.01537  -2.68692  1.000 14.97289 ? 201 HEC A ND  1 
HETATM 680 C  C1D . HEC B 2 .  ? 3.09766   -5.47764  -3.60063  1.000 15.02853 ? 201 HEC A C1D 1 
HETATM 681 C  C2D . HEC B 2 .  ? 2.60148   -6.70148  -4.18018  1.000 15.15511 ? 201 HEC A C2D 1 
HETATM 682 C  C3D . HEC B 2 .  ? 1.41969   -6.97236  -3.63581  1.000 15.48414 ? 201 HEC A C3D 1 
HETATM 683 C  C4D . HEC B 2 .  ? 1.13484   -5.90932  -2.67445  1.000 19.63203 ? 201 HEC A C4D 1 
HETATM 684 C  CMD . HEC B 2 .  ? 3.34004   -7.51371  -5.24520  1.000 15.42703 ? 201 HEC A CMD 1 
HETATM 685 C  CAD . HEC B 2 .  ? 0.53504   -8.18927  -3.95083  1.000 9.25783  ? 201 HEC A CAD 1 
HETATM 686 C  CBD . HEC B 2 .  ? 1.03267   -9.35133  -3.11356  1.000 10.03343 ? 201 HEC A CBD 1 
HETATM 687 C  CGD . HEC B 2 .  ? 0.14882   -10.56714 -3.26616  1.000 18.54430 ? 201 HEC A CGD 1 
HETATM 688 O  O1D . HEC B 2 .  ? -1.10159  -10.47104 -3.21137  1.000 17.41062 ? 201 HEC A O1D 1 
HETATM 689 O  O2D . HEC B 2 .  ? 0.70649   -11.67593 -3.42015  1.000 20.36885 ? 201 HEC A O2D 1 
HETATM 690 CL CL  . CL  C 3 .  ? 12.18152  1.95876   1.77027   1.000 48.39207 ? 202 CL  A CL  1 
HETATM 691 N  N1  . IMD D 4 .  ? 3.23744   -5.78921  1.93796   1.000 19.16952 ? 203 IMD A N1  1 
HETATM 692 C  C2  . IMD D 4 .  ? 2.37833   -5.19855  1.08079   1.000 20.75445 ? 203 IMD A C2  1 
HETATM 693 N  N3  . IMD D 4 .  ? 3.11886   -4.59202  0.14953   1.000 19.78010 ? 203 IMD A N3  1 
HETATM 694 C  C4  . IMD D 4 .  ? 4.42971   -4.76641  0.36715   1.000 25.77574 ? 203 IMD A C4  1 
HETATM 695 C  C5  . IMD D 4 .  ? 4.49781   -5.53864  1.51822   1.000 27.13399 ? 203 IMD A C5  1 
HETATM 696 O  O   . HOH E 5 .  ? 15.60738  2.90536   3.21532   1.000 30.47038 ? 301 HOH A O   1 
HETATM 697 O  O   . HOH E 5 .  ? -0.77240  -0.63754  -7.19204  1.000 26.07620 ? 302 HOH A O   1 
HETATM 698 O  O   . HOH E 5 .  ? -10.51124 -9.70761  0.62820   1.000 14.35387 ? 303 HOH A O   1 
HETATM 699 O  O   . HOH E 5 .  ? 1.35678   9.11421   -3.93420  1.000 15.99271 ? 304 HOH A O   1 
HETATM 700 O  O   . HOH E 5 .  ? -17.00578 -2.95058  -7.16430  1.000 10.01526 ? 305 HOH A O   1 
HETATM 701 O  O   . HOH E 5 .  ? 7.96312   -10.45526 5.91710   1.000 16.10629 ? 306 HOH A O   1 
HETATM 702 O  O   . HOH E 5 .  ? -1.61436  -6.87265  12.95142  1.000 10.97746 ? 307 HOH A O   1 
# 
